data_1U5S
#
_entry.id   1U5S
#
loop_
_entity.id
_entity.type
_entity.pdbx_description
1 polymer 'Cytoplasmic protein NCK2'
2 polymer 'PINCH protein'
3 non-polymer 'ZINC ION'
#
loop_
_entity_poly.entity_id
_entity_poly.type
_entity_poly.pdbx_seq_one_letter_code
_entity_poly.pdbx_strand_id
1 'polypeptide(L)' QGSRVLHVVQTLYPFSSVTEEELNFEKGETMEVIEKPENDPEWWKCKNARGQVGLVPKNYVVVLSDGPALH A
2 'polypeptide(L)' GSMGVPICGACRRPIEGRVVNAMGKQWHVEHFVCAKCEKPFLGHRHYERKGLAYCETHYNQLFGDV B
#
# COMPACT_ATOMS: atom_id res chain seq x y z
N GLN A 1 -10.67 21.75 6.91
CA GLN A 1 -10.34 22.20 5.53
C GLN A 1 -9.57 21.09 4.80
N GLY A 2 -9.44 19.94 5.41
CA GLY A 2 -8.69 18.83 4.75
C GLY A 2 -8.93 17.53 5.53
N SER A 3 -10.10 16.96 5.38
CA SER A 3 -10.38 15.68 6.11
C SER A 3 -11.58 14.99 5.44
N ARG A 4 -11.70 15.08 4.16
CA ARG A 4 -12.83 14.42 3.45
C ARG A 4 -12.59 12.90 3.44
N VAL A 5 -13.64 12.12 3.47
CA VAL A 5 -13.46 10.65 3.46
C VAL A 5 -12.86 10.22 2.11
N LEU A 6 -11.56 10.12 2.04
CA LEU A 6 -10.88 9.70 0.77
C LEU A 6 -10.08 8.44 1.06
N HIS A 7 -9.23 8.50 2.05
CA HIS A 7 -8.39 7.33 2.42
C HIS A 7 -8.19 7.33 3.93
N VAL A 8 -9.21 6.98 4.68
CA VAL A 8 -9.06 6.94 6.15
C VAL A 8 -8.13 5.77 6.47
N VAL A 9 -7.48 5.73 7.62
CA VAL A 9 -6.56 4.59 7.88
C VAL A 9 -6.55 4.19 9.36
N GLN A 10 -6.70 2.93 9.62
CA GLN A 10 -6.68 2.42 11.03
C GLN A 10 -5.30 1.83 11.33
N THR A 11 -4.71 2.24 12.41
CA THR A 11 -3.35 1.73 12.78
C THR A 11 -3.41 0.24 13.05
N LEU A 12 -2.29 -0.39 12.86
CA LEU A 12 -2.16 -1.85 13.09
C LEU A 12 -1.21 -2.04 14.28
N TYR A 13 -0.45 -1.03 14.61
CA TYR A 13 0.52 -1.17 15.76
C TYR A 13 0.72 0.19 16.47
N PRO A 14 0.91 0.19 17.79
CA PRO A 14 1.15 1.44 18.54
C PRO A 14 2.58 1.94 18.24
N PHE A 15 2.77 2.60 17.14
CA PHE A 15 4.14 3.08 16.80
C PHE A 15 4.56 4.24 17.70
N SER A 16 5.81 4.60 17.63
CA SER A 16 6.32 5.74 18.48
C SER A 16 7.24 6.62 17.63
N SER A 17 6.79 7.81 17.34
CA SER A 17 7.60 8.76 16.53
C SER A 17 7.55 10.14 17.21
N VAL A 18 8.67 10.58 17.73
CA VAL A 18 8.69 11.90 18.42
C VAL A 18 9.86 12.73 17.87
N THR A 19 9.54 13.52 16.92
CA THR A 19 10.54 14.44 16.29
C THR A 19 9.81 15.72 15.92
N GLU A 20 10.28 16.39 14.93
CA GLU A 20 9.65 17.60 14.47
C GLU A 20 8.49 17.19 13.55
N GLU A 21 8.77 16.38 12.56
CA GLU A 21 7.73 15.96 11.60
C GLU A 21 7.40 14.47 11.78
N GLU A 22 7.53 13.94 12.98
CA GLU A 22 7.23 12.49 13.21
C GLU A 22 5.83 12.34 13.84
N LEU A 23 5.17 11.22 13.59
CA LEU A 23 3.77 11.00 14.13
C LEU A 23 3.77 9.89 15.19
N ASN A 24 3.54 10.22 16.44
CA ASN A 24 3.47 9.16 17.49
C ASN A 24 1.99 8.83 17.67
N PHE A 25 1.61 7.58 17.60
CA PHE A 25 0.16 7.28 17.73
C PHE A 25 -0.05 5.87 18.28
N GLU A 26 -1.04 5.74 19.12
CA GLU A 26 -1.33 4.40 19.71
C GLU A 26 -2.20 3.62 18.73
N LYS A 27 -2.18 2.33 18.81
CA LYS A 27 -2.99 1.54 17.87
C LYS A 27 -4.45 1.98 17.96
N GLY A 28 -5.16 1.93 16.86
CA GLY A 28 -6.59 2.37 16.89
C GLY A 28 -6.66 3.88 16.70
N GLU A 29 -5.89 4.41 15.77
CA GLU A 29 -5.89 5.89 15.52
C GLU A 29 -6.33 6.17 14.08
N THR A 30 -7.46 6.80 13.91
CA THR A 30 -7.91 7.13 12.53
C THR A 30 -7.03 8.25 12.01
N MET A 31 -6.15 7.99 11.08
CA MET A 31 -5.30 9.10 10.58
C MET A 31 -5.75 9.55 9.21
N GLU A 32 -5.83 10.83 9.07
CA GLU A 32 -6.28 11.47 7.82
C GLU A 32 -5.04 11.73 6.97
N VAL A 33 -4.83 10.92 5.97
CA VAL A 33 -3.62 11.08 5.12
C VAL A 33 -3.62 12.43 4.39
N ILE A 34 -3.01 13.44 4.97
CA ILE A 34 -2.96 14.76 4.28
C ILE A 34 -2.24 14.62 2.93
N GLU A 35 -1.07 14.03 2.91
CA GLU A 35 -0.31 13.91 1.62
C GLU A 35 0.49 12.62 1.59
N LYS A 36 0.82 12.19 0.39
CA LYS A 36 1.59 10.91 0.24
C LYS A 36 2.73 11.09 -0.78
N PRO A 37 3.70 11.91 -0.46
CA PRO A 37 4.87 12.10 -1.33
C PRO A 37 5.78 10.89 -1.23
N GLU A 38 6.68 10.77 -2.14
CA GLU A 38 7.63 9.62 -2.11
C GLU A 38 8.88 10.04 -1.33
N ASN A 39 9.38 11.21 -1.63
CA ASN A 39 10.59 11.76 -0.94
C ASN A 39 11.77 10.80 -1.08
N ASP A 40 11.59 9.60 -0.61
CA ASP A 40 12.66 8.55 -0.71
C ASP A 40 12.39 7.34 0.23
N PRO A 41 12.06 7.60 1.45
CA PRO A 41 11.79 6.53 2.44
C PRO A 41 10.50 5.80 2.08
N GLU A 42 9.40 6.54 2.03
CA GLU A 42 8.02 5.98 1.70
C GLU A 42 7.01 6.50 2.75
N TRP A 43 7.41 7.42 3.59
CA TRP A 43 6.49 7.95 4.63
C TRP A 43 5.42 8.84 3.99
N TRP A 44 4.37 9.15 4.72
CA TRP A 44 3.25 9.99 4.19
C TRP A 44 2.96 11.13 5.18
N LYS A 45 2.59 12.30 4.71
CA LYS A 45 2.22 13.37 5.67
C LYS A 45 0.81 13.04 6.09
N CYS A 46 0.64 12.39 7.21
CA CYS A 46 -0.73 12.02 7.64
C CYS A 46 -1.08 12.72 8.94
N LYS A 47 -2.21 13.36 8.96
CA LYS A 47 -2.63 14.03 10.18
C LYS A 47 -3.29 12.98 11.05
N ASN A 48 -3.25 13.08 12.37
CA ASN A 48 -3.96 12.01 13.17
C ASN A 48 -5.34 12.55 13.51
N ALA A 49 -6.42 11.83 13.26
CA ALA A 49 -7.75 12.43 13.58
C ALA A 49 -7.70 12.90 15.03
N ARG A 50 -6.76 12.41 15.79
CA ARG A 50 -6.63 12.88 17.20
C ARG A 50 -6.26 14.35 17.12
N GLY A 51 -6.06 14.82 15.92
CA GLY A 51 -5.75 16.25 15.67
C GLY A 51 -4.24 16.51 15.62
N GLN A 52 -3.43 15.60 15.12
CA GLN A 52 -1.94 15.88 15.05
C GLN A 52 -1.34 15.42 13.74
N VAL A 53 -0.14 15.88 13.41
CA VAL A 53 0.48 15.50 12.10
C VAL A 53 1.94 15.07 12.26
N GLY A 54 2.38 14.25 11.32
CA GLY A 54 3.78 13.75 11.34
C GLY A 54 3.95 12.68 10.24
N LEU A 55 5.14 12.46 9.79
CA LEU A 55 5.38 11.42 8.74
C LEU A 55 5.22 10.04 9.37
N VAL A 56 4.81 9.05 8.62
CA VAL A 56 4.63 7.69 9.20
C VAL A 56 4.74 6.62 8.08
N PRO A 57 5.44 5.52 8.30
CA PRO A 57 5.54 4.48 7.25
C PRO A 57 4.13 4.12 6.77
N LYS A 58 3.84 4.44 5.54
CA LYS A 58 2.49 4.16 4.99
C LYS A 58 2.18 2.65 5.03
N ASN A 59 3.08 1.87 5.58
CA ASN A 59 2.85 0.39 5.67
C ASN A 59 2.41 0.03 7.08
N TYR A 60 2.46 0.96 7.99
CA TYR A 60 2.05 0.69 9.40
C TYR A 60 0.55 0.94 9.57
N VAL A 61 -0.15 1.17 8.49
CA VAL A 61 -1.62 1.45 8.59
C VAL A 61 -2.32 0.90 7.35
N VAL A 62 -3.60 0.62 7.44
CA VAL A 62 -4.35 0.11 6.24
C VAL A 62 -5.27 1.23 5.74
N VAL A 63 -5.72 1.15 4.52
CA VAL A 63 -6.60 2.21 3.95
C VAL A 63 -8.04 1.67 3.84
N LEU A 64 -9.00 2.46 4.27
CA LEU A 64 -10.43 2.02 4.19
C LEU A 64 -11.13 2.76 3.04
N SER A 65 -11.23 4.06 3.12
CA SER A 65 -11.91 4.82 2.04
C SER A 65 -11.03 4.80 0.77
N ASP A 66 -11.63 4.88 -0.38
CA ASP A 66 -10.84 4.86 -1.65
C ASP A 66 -11.53 5.74 -2.69
N GLY A 67 -10.77 6.28 -3.61
CA GLY A 67 -11.38 7.15 -4.66
C GLY A 67 -11.95 6.29 -5.79
N PRO A 68 -11.08 5.62 -6.53
CA PRO A 68 -11.53 4.74 -7.63
C PRO A 68 -12.46 3.65 -7.09
N ALA A 69 -13.75 3.89 -7.11
CA ALA A 69 -14.73 2.88 -6.63
C ALA A 69 -15.58 2.44 -7.81
N LEU A 70 -15.06 1.52 -8.57
CA LEU A 70 -15.81 1.01 -9.75
C LEU A 70 -16.76 -0.10 -9.31
N HIS A 71 -18.03 0.04 -9.61
CA HIS A 71 -19.00 -1.02 -9.21
C HIS A 71 -18.83 -1.32 -7.72
N GLY B 1 -11.97 -15.72 16.57
CA GLY B 1 -12.27 -14.67 15.55
C GLY B 1 -10.96 -14.11 15.00
N SER B 2 -10.08 -14.95 14.53
CA SER B 2 -8.78 -14.45 13.99
C SER B 2 -9.00 -13.91 12.58
N MET B 3 -8.14 -13.03 12.13
CA MET B 3 -8.30 -12.46 10.76
C MET B 3 -8.49 -13.60 9.76
N GLY B 4 -8.89 -13.28 8.56
CA GLY B 4 -9.09 -14.34 7.53
C GLY B 4 -9.31 -13.70 6.16
N VAL B 5 -8.49 -12.75 5.81
CA VAL B 5 -8.65 -12.09 4.48
C VAL B 5 -7.30 -11.50 4.02
N PRO B 6 -6.92 -11.80 2.81
CA PRO B 6 -5.68 -11.28 2.24
C PRO B 6 -5.86 -9.81 1.92
N ILE B 7 -4.78 -9.12 1.72
CA ILE B 7 -4.90 -7.69 1.39
C ILE B 7 -3.96 -7.35 0.25
N CYS B 8 -4.51 -6.88 -0.82
CA CYS B 8 -3.70 -6.56 -2.01
C CYS B 8 -2.63 -5.53 -1.65
N GLY B 9 -1.40 -5.91 -1.77
CA GLY B 9 -0.29 -4.98 -1.43
C GLY B 9 -0.30 -3.80 -2.41
N ALA B 10 -1.24 -3.79 -3.32
CA ALA B 10 -1.31 -2.68 -4.30
C ALA B 10 -2.13 -1.54 -3.71
N CYS B 11 -3.28 -1.85 -3.19
CA CYS B 11 -4.16 -0.81 -2.58
C CYS B 11 -4.31 -1.08 -1.09
N ARG B 12 -3.62 -2.05 -0.58
CA ARG B 12 -3.74 -2.37 0.86
C ARG B 12 -5.21 -2.57 1.20
N ARG B 13 -5.93 -3.24 0.34
CA ARG B 13 -7.37 -3.48 0.59
C ARG B 13 -7.59 -4.99 0.74
N PRO B 14 -8.50 -5.37 1.61
CA PRO B 14 -8.78 -6.79 1.85
C PRO B 14 -9.20 -7.48 0.54
N ILE B 15 -8.39 -8.38 0.06
CA ILE B 15 -8.74 -9.09 -1.21
C ILE B 15 -9.91 -10.04 -0.93
N GLU B 16 -10.65 -10.42 -1.93
CA GLU B 16 -11.81 -11.32 -1.68
C GLU B 16 -12.24 -12.03 -2.97
N GLY B 17 -11.37 -12.81 -3.53
CA GLY B 17 -11.69 -13.55 -4.78
C GLY B 17 -10.51 -14.44 -5.12
N ARG B 18 -9.72 -14.02 -6.06
CA ARG B 18 -8.50 -14.80 -6.42
C ARG B 18 -7.30 -13.95 -6.02
N VAL B 19 -6.48 -14.47 -5.17
CA VAL B 19 -5.31 -13.68 -4.68
C VAL B 19 -4.04 -14.06 -5.43
N VAL B 20 -3.07 -13.17 -5.41
CA VAL B 20 -1.78 -13.46 -6.08
C VAL B 20 -0.70 -13.33 -5.02
N ASN B 21 -0.02 -14.39 -4.71
CA ASN B 21 1.04 -14.30 -3.67
C ASN B 21 2.37 -13.95 -4.31
N ALA B 22 2.80 -12.73 -4.13
CA ALA B 22 4.09 -12.30 -4.74
C ALA B 22 4.77 -11.33 -3.77
N MET B 23 6.06 -11.15 -3.90
CA MET B 23 6.77 -10.23 -2.98
C MET B 23 6.53 -10.70 -1.56
N GLY B 24 6.13 -11.92 -1.43
CA GLY B 24 5.84 -12.47 -0.08
C GLY B 24 4.59 -11.79 0.46
N LYS B 25 3.76 -11.33 -0.43
CA LYS B 25 2.51 -10.62 -0.01
C LYS B 25 1.32 -11.21 -0.77
N GLN B 26 0.29 -10.42 -0.93
CA GLN B 26 -0.93 -10.86 -1.64
C GLN B 26 -1.33 -9.71 -2.57
N TRP B 27 -1.83 -9.99 -3.74
CA TRP B 27 -2.18 -8.87 -4.66
C TRP B 27 -3.46 -9.17 -5.42
N HIS B 28 -4.32 -8.20 -5.61
CA HIS B 28 -5.56 -8.47 -6.38
C HIS B 28 -5.12 -9.01 -7.74
N VAL B 29 -5.69 -10.08 -8.19
CA VAL B 29 -5.29 -10.62 -9.51
C VAL B 29 -5.40 -9.50 -10.54
N GLU B 30 -6.07 -8.45 -10.18
CA GLU B 30 -6.25 -7.31 -11.12
C GLU B 30 -5.19 -6.23 -10.87
N HIS B 31 -4.69 -6.13 -9.67
CA HIS B 31 -3.67 -5.06 -9.37
C HIS B 31 -2.26 -5.63 -9.43
N PHE B 32 -2.11 -6.92 -9.59
CA PHE B 32 -0.74 -7.47 -9.69
C PHE B 32 -0.27 -7.25 -11.11
N VAL B 33 0.62 -6.31 -11.31
CA VAL B 33 1.07 -5.99 -12.68
C VAL B 33 2.58 -5.87 -12.74
N CYS B 34 3.08 -5.69 -13.92
CA CYS B 34 4.54 -5.52 -14.12
C CYS B 34 5.01 -4.26 -13.40
N ALA B 35 6.21 -4.26 -12.92
CA ALA B 35 6.73 -3.06 -12.20
C ALA B 35 7.44 -2.13 -13.18
N LYS B 36 7.03 -2.15 -14.43
CA LYS B 36 7.67 -1.26 -15.46
C LYS B 36 6.61 -0.65 -16.37
N CYS B 37 5.54 -1.37 -16.62
CA CYS B 37 4.47 -0.85 -17.52
C CYS B 37 3.11 -0.96 -16.85
N GLU B 38 3.01 -1.72 -15.80
CA GLU B 38 1.71 -1.86 -15.10
C GLU B 38 0.75 -2.70 -15.94
N LYS B 39 1.21 -3.82 -16.45
CA LYS B 39 0.31 -4.70 -17.24
C LYS B 39 -0.12 -5.86 -16.33
N PRO B 40 -1.38 -5.87 -15.94
CA PRO B 40 -1.90 -6.90 -15.03
C PRO B 40 -1.96 -8.28 -15.68
N PHE B 41 -1.57 -9.28 -14.94
CA PHE B 41 -1.62 -10.68 -15.48
C PHE B 41 -2.93 -11.32 -15.03
N LEU B 42 -4.05 -10.74 -15.34
CA LEU B 42 -5.35 -11.34 -14.92
C LEU B 42 -5.27 -12.85 -15.06
N GLY B 43 -4.94 -13.31 -16.23
CA GLY B 43 -4.82 -14.79 -16.46
C GLY B 43 -3.55 -15.06 -17.25
N HIS B 44 -2.54 -14.24 -17.06
CA HIS B 44 -1.26 -14.44 -17.81
C HIS B 44 -0.13 -14.76 -16.83
N ARG B 45 1.06 -14.99 -17.34
CA ARG B 45 2.21 -15.30 -16.45
C ARG B 45 2.99 -14.01 -16.13
N HIS B 46 3.52 -13.90 -14.95
CA HIS B 46 4.29 -12.67 -14.58
C HIS B 46 5.75 -13.04 -14.33
N TYR B 47 6.59 -12.05 -14.21
CA TYR B 47 8.03 -12.31 -13.97
C TYR B 47 8.51 -11.41 -12.82
N GLU B 48 9.31 -11.94 -11.93
CA GLU B 48 9.78 -11.13 -10.77
C GLU B 48 11.25 -10.74 -10.91
N ARG B 49 11.62 -9.60 -10.39
CA ARG B 49 13.04 -9.16 -10.47
C ARG B 49 13.38 -8.25 -9.29
N LYS B 50 14.45 -8.54 -8.60
CA LYS B 50 14.87 -7.71 -7.45
C LYS B 50 13.70 -7.53 -6.50
N GLY B 51 12.76 -8.42 -6.56
CA GLY B 51 11.59 -8.31 -5.64
C GLY B 51 10.54 -7.40 -6.27
N LEU B 52 10.46 -7.39 -7.56
CA LEU B 52 9.45 -6.55 -8.25
C LEU B 52 8.93 -7.31 -9.47
N ALA B 53 7.68 -7.17 -9.76
CA ALA B 53 7.10 -7.90 -10.92
C ALA B 53 7.49 -7.22 -12.23
N TYR B 54 7.56 -7.98 -13.29
CA TYR B 54 7.90 -7.40 -14.60
C TYR B 54 7.30 -8.27 -15.69
N CYS B 55 6.78 -7.69 -16.72
CA CYS B 55 6.19 -8.54 -17.79
C CYS B 55 7.29 -9.50 -18.29
N GLU B 56 6.94 -10.36 -19.20
CA GLU B 56 7.97 -11.30 -19.77
C GLU B 56 9.04 -10.50 -20.49
N THR B 57 8.65 -9.44 -21.14
CA THR B 57 9.63 -8.62 -21.92
C THR B 57 10.30 -7.57 -21.04
N HIS B 58 9.57 -6.90 -20.21
CA HIS B 58 10.20 -5.88 -19.36
C HIS B 58 11.14 -6.57 -18.39
N TYR B 59 10.69 -7.66 -17.81
CA TYR B 59 11.57 -8.40 -16.90
C TYR B 59 12.86 -8.66 -17.63
N ASN B 60 12.75 -9.27 -18.76
CA ASN B 60 13.94 -9.58 -19.56
C ASN B 60 14.57 -8.27 -20.02
N GLN B 61 13.78 -7.34 -20.49
CA GLN B 61 14.39 -6.04 -20.91
C GLN B 61 15.18 -5.51 -19.73
N LEU B 62 14.68 -5.78 -18.56
CA LEU B 62 15.37 -5.34 -17.32
C LEU B 62 16.53 -6.29 -17.02
N PHE B 63 16.36 -7.55 -17.31
CA PHE B 63 17.44 -8.53 -17.03
C PHE B 63 17.26 -9.78 -17.89
N GLY B 64 16.40 -10.67 -17.48
CA GLY B 64 16.17 -11.92 -18.27
C GLY B 64 17.19 -12.98 -17.83
N ASP B 65 17.59 -12.95 -16.59
CA ASP B 65 18.57 -13.96 -16.12
C ASP B 65 19.74 -14.05 -17.09
N VAL B 66 20.33 -12.94 -17.43
CA VAL B 66 21.47 -12.95 -18.38
C VAL B 66 22.25 -11.64 -18.27
N GLN A 1 -10.88 21.91 7.97
CA GLN A 1 -10.46 22.55 6.70
C GLN A 1 -9.59 21.57 5.90
N GLY A 2 -9.50 20.35 6.35
CA GLY A 2 -8.67 19.35 5.62
C GLY A 2 -8.94 17.95 6.17
N SER A 3 -10.08 17.39 5.84
CA SER A 3 -10.40 16.02 6.35
C SER A 3 -11.52 15.42 5.49
N ARG A 4 -11.52 15.70 4.22
CA ARG A 4 -12.57 15.12 3.33
C ARG A 4 -12.30 13.63 3.12
N VAL A 5 -13.33 12.85 2.96
CA VAL A 5 -13.12 11.39 2.75
C VAL A 5 -12.39 11.17 1.42
N LEU A 6 -11.09 11.08 1.45
CA LEU A 6 -10.29 10.86 0.20
C LEU A 6 -9.49 9.58 0.38
N HIS A 7 -8.72 9.51 1.44
CA HIS A 7 -7.91 8.31 1.72
C HIS A 7 -7.84 8.08 3.23
N VAL A 8 -8.91 7.62 3.82
CA VAL A 8 -8.89 7.37 5.29
C VAL A 8 -7.98 6.18 5.52
N VAL A 9 -7.42 5.99 6.71
CA VAL A 9 -6.51 4.82 6.88
C VAL A 9 -6.62 4.23 8.29
N GLN A 10 -6.76 2.93 8.36
CA GLN A 10 -6.86 2.23 9.66
C GLN A 10 -5.50 1.62 10.01
N THR A 11 -5.01 1.88 11.19
CA THR A 11 -3.69 1.33 11.60
C THR A 11 -3.73 -0.18 11.66
N LEU A 12 -2.59 -0.76 11.49
CA LEU A 12 -2.45 -2.25 11.52
C LEU A 12 -1.60 -2.60 12.74
N TYR A 13 -0.89 -1.64 13.28
CA TYR A 13 -0.04 -1.93 14.48
C TYR A 13 0.09 -0.68 15.40
N PRO A 14 0.14 -0.86 16.71
CA PRO A 14 0.29 0.27 17.65
C PRO A 14 1.72 0.82 17.56
N PHE A 15 2.00 1.63 16.58
CA PHE A 15 3.39 2.16 16.44
C PHE A 15 3.70 3.18 17.53
N SER A 16 4.94 3.57 17.63
CA SER A 16 5.36 4.58 18.67
C SER A 16 6.32 5.59 18.05
N SER A 17 5.87 6.80 17.89
CA SER A 17 6.72 7.86 17.28
C SER A 17 6.59 9.12 18.16
N VAL A 18 7.65 9.51 18.84
CA VAL A 18 7.58 10.71 19.69
C VAL A 18 8.76 11.61 19.38
N THR A 19 8.52 12.53 18.53
CA THR A 19 9.55 13.53 18.12
C THR A 19 8.83 14.86 17.88
N GLU A 20 9.37 15.66 17.03
CA GLU A 20 8.77 16.91 16.70
C GLU A 20 7.70 16.63 15.63
N GLU A 21 8.08 15.98 14.55
CA GLU A 21 7.15 15.69 13.45
C GLU A 21 6.83 14.18 13.40
N GLU A 22 6.87 13.48 14.51
CA GLU A 22 6.58 12.01 14.51
C GLU A 22 5.13 11.76 14.98
N LEU A 23 4.51 10.69 14.51
CA LEU A 23 3.09 10.38 14.90
C LEU A 23 3.01 9.13 15.79
N ASN A 24 2.67 9.28 17.04
CA ASN A 24 2.53 8.08 17.92
C ASN A 24 1.05 7.71 17.91
N PHE A 25 0.70 6.47 17.64
CA PHE A 25 -0.75 6.15 17.59
C PHE A 25 -0.98 4.68 17.92
N GLU A 26 -2.04 4.41 18.63
CA GLU A 26 -2.35 3.01 19.00
C GLU A 26 -3.11 2.37 17.85
N LYS A 27 -3.07 1.08 17.74
CA LYS A 27 -3.77 0.42 16.63
C LYS A 27 -5.25 0.83 16.65
N GLY A 28 -5.86 0.93 15.50
CA GLY A 28 -7.29 1.35 15.45
C GLY A 28 -7.38 2.88 15.46
N GLU A 29 -6.54 3.54 14.70
CA GLU A 29 -6.55 5.04 14.67
C GLU A 29 -6.86 5.52 13.24
N THR A 30 -7.98 6.15 13.05
CA THR A 30 -8.32 6.67 11.70
C THR A 30 -7.43 7.86 11.43
N MET A 31 -6.46 7.74 10.55
CA MET A 31 -5.58 8.92 10.29
C MET A 31 -5.93 9.56 8.96
N GLU A 32 -6.02 10.84 9.01
CA GLU A 32 -6.38 11.65 7.82
C GLU A 32 -5.07 12.04 7.13
N VAL A 33 -4.76 11.38 6.05
CA VAL A 33 -3.48 11.66 5.35
C VAL A 33 -3.43 13.11 4.82
N ILE A 34 -2.90 14.03 5.60
CA ILE A 34 -2.81 15.44 5.10
C ILE A 34 -1.98 15.51 3.80
N GLU A 35 -0.80 14.93 3.81
CA GLU A 35 0.08 15.00 2.60
C GLU A 35 0.90 13.74 2.46
N LYS A 36 1.35 13.48 1.25
CA LYS A 36 2.14 12.26 0.99
C LYS A 36 3.37 12.58 0.11
N PRO A 37 4.30 13.35 0.64
CA PRO A 37 5.53 13.68 -0.09
C PRO A 37 6.45 12.47 -0.08
N GLU A 38 7.44 12.49 -0.91
CA GLU A 38 8.40 11.36 -0.96
C GLU A 38 9.56 11.68 -0.02
N ASN A 39 10.07 12.89 -0.11
CA ASN A 39 11.20 13.34 0.77
C ASN A 39 12.40 12.41 0.60
N ASP A 40 12.22 11.16 0.88
CA ASP A 40 13.31 10.15 0.73
C ASP A 40 12.99 8.81 1.46
N PRO A 41 12.54 8.89 2.67
CA PRO A 41 12.22 7.71 3.47
C PRO A 41 10.97 7.01 2.89
N GLU A 42 9.87 7.74 2.85
CA GLU A 42 8.53 7.23 2.31
C GLU A 42 7.43 7.57 3.33
N TRP A 43 7.73 8.36 4.32
CA TRP A 43 6.70 8.74 5.34
C TRP A 43 5.67 9.70 4.73
N TRP A 44 4.56 9.89 5.41
CA TRP A 44 3.48 10.79 4.90
C TRP A 44 3.06 11.77 6.02
N LYS A 45 2.72 12.99 5.68
CA LYS A 45 2.24 13.91 6.74
C LYS A 45 0.81 13.51 6.99
N CYS A 46 0.55 12.71 7.97
CA CYS A 46 -0.85 12.26 8.23
C CYS A 46 -1.33 12.78 9.57
N LYS A 47 -2.46 13.40 9.58
CA LYS A 47 -3.01 13.88 10.85
C LYS A 47 -3.71 12.71 11.50
N ASN A 48 -3.79 12.62 12.80
CA ASN A 48 -4.55 11.45 13.38
C ASN A 48 -5.97 11.92 13.67
N ALA A 49 -7.01 11.23 13.21
CA ALA A 49 -8.37 11.76 13.50
C ALA A 49 -8.47 12.03 15.00
N ARG A 50 -7.58 11.44 15.77
CA ARG A 50 -7.59 11.71 17.23
C ARG A 50 -7.25 13.18 17.40
N GLY A 51 -6.95 13.82 16.29
CA GLY A 51 -6.65 15.26 16.29
C GLY A 51 -5.15 15.56 16.41
N GLN A 52 -4.28 14.73 15.86
CA GLN A 52 -2.79 15.03 15.98
C GLN A 52 -2.06 14.77 14.66
N VAL A 53 -0.85 15.28 14.52
CA VAL A 53 -0.11 15.09 13.23
C VAL A 53 1.33 14.65 13.45
N GLY A 54 1.88 13.99 12.46
CA GLY A 54 3.29 13.50 12.52
C GLY A 54 3.57 12.60 11.32
N LEU A 55 4.81 12.45 10.94
CA LEU A 55 5.15 11.58 9.78
C LEU A 55 4.97 10.12 10.19
N VAL A 56 4.65 9.25 9.27
CA VAL A 56 4.45 7.81 9.64
C VAL A 56 4.69 6.92 8.40
N PRO A 57 5.39 5.80 8.52
CA PRO A 57 5.61 4.92 7.36
C PRO A 57 4.25 4.63 6.69
N LYS A 58 4.06 5.11 5.50
CA LYS A 58 2.77 4.90 4.80
C LYS A 58 2.50 3.40 4.60
N ASN A 59 3.36 2.55 5.12
CA ASN A 59 3.15 1.07 4.97
C ASN A 59 2.59 0.50 6.28
N TYR A 60 2.54 1.31 7.31
CA TYR A 60 2.03 0.82 8.62
C TYR A 60 0.51 1.04 8.69
N VAL A 61 -0.10 1.42 7.60
CA VAL A 61 -1.58 1.66 7.59
C VAL A 61 -2.16 1.30 6.22
N VAL A 62 -3.43 0.99 6.16
CA VAL A 62 -4.07 0.65 4.85
C VAL A 62 -4.95 1.82 4.43
N VAL A 63 -5.29 1.91 3.16
CA VAL A 63 -6.15 3.03 2.68
C VAL A 63 -7.55 2.51 2.35
N LEU A 64 -8.57 3.20 2.79
CA LEU A 64 -9.98 2.77 2.53
C LEU A 64 -10.58 3.66 1.44
N SER A 65 -10.72 4.94 1.70
CA SER A 65 -11.31 5.84 0.66
C SER A 65 -10.33 6.00 -0.50
N ASP A 66 -10.82 6.24 -1.68
CA ASP A 66 -9.93 6.41 -2.86
C ASP A 66 -10.53 7.43 -3.83
N GLY A 67 -9.71 8.10 -4.59
CA GLY A 67 -10.24 9.10 -5.56
C GLY A 67 -10.69 8.40 -6.85
N PRO A 68 -9.75 7.86 -7.58
CA PRO A 68 -10.07 7.15 -8.84
C PRO A 68 -11.03 5.98 -8.54
N ALA A 69 -12.31 6.21 -8.65
CA ALA A 69 -13.31 5.13 -8.40
C ALA A 69 -14.03 4.85 -9.71
N LEU A 70 -13.43 4.06 -10.53
CA LEU A 70 -14.06 3.71 -11.84
C LEU A 70 -15.03 2.54 -11.66
N HIS A 71 -16.26 2.70 -12.05
CA HIS A 71 -17.25 1.60 -11.89
C HIS A 71 -17.20 1.08 -10.45
N GLY B 1 -9.21 -12.71 18.39
CA GLY B 1 -9.64 -11.83 17.26
C GLY B 1 -8.41 -11.29 16.53
N SER B 2 -7.54 -12.16 16.10
CA SER B 2 -6.32 -11.69 15.38
C SER B 2 -6.68 -11.36 13.93
N MET B 3 -5.92 -10.51 13.30
CA MET B 3 -6.21 -10.16 11.89
C MET B 3 -6.43 -11.43 11.07
N GLY B 4 -6.95 -11.29 9.87
CA GLY B 4 -7.19 -12.49 9.03
C GLY B 4 -7.55 -12.06 7.60
N VAL B 5 -6.82 -11.14 7.05
CA VAL B 5 -7.13 -10.67 5.67
C VAL B 5 -5.85 -10.11 5.02
N PRO B 6 -5.56 -10.55 3.82
CA PRO B 6 -4.40 -10.07 3.07
C PRO B 6 -4.68 -8.67 2.58
N ILE B 7 -3.66 -7.97 2.19
CA ILE B 7 -3.86 -6.61 1.68
C ILE B 7 -3.04 -6.40 0.43
N CYS B 8 -3.71 -6.10 -0.64
CA CYS B 8 -3.02 -5.91 -1.93
C CYS B 8 -1.98 -4.81 -1.82
N GLY B 9 -0.74 -5.16 -2.00
CA GLY B 9 0.34 -4.15 -1.89
C GLY B 9 0.18 -3.12 -3.01
N ALA B 10 -0.82 -3.27 -3.83
CA ALA B 10 -1.03 -2.31 -4.94
C ALA B 10 -1.86 -1.13 -4.44
N CYS B 11 -2.94 -1.40 -3.77
CA CYS B 11 -3.81 -0.32 -3.24
C CYS B 11 -3.82 -0.39 -1.71
N ARG B 12 -3.04 -1.27 -1.14
CA ARG B 12 -3.01 -1.38 0.34
C ARG B 12 -4.44 -1.58 0.84
N ARG B 13 -5.20 -2.39 0.13
CA ARG B 13 -6.61 -2.64 0.55
C ARG B 13 -6.74 -4.12 0.92
N PRO B 14 -7.54 -4.42 1.92
CA PRO B 14 -7.74 -5.80 2.36
C PRO B 14 -8.23 -6.67 1.21
N ILE B 15 -7.42 -7.61 0.79
CA ILE B 15 -7.85 -8.49 -0.34
C ILE B 15 -8.94 -9.44 0.17
N GLU B 16 -9.75 -9.98 -0.71
CA GLU B 16 -10.84 -10.88 -0.22
C GLU B 16 -11.34 -11.78 -1.36
N GLY B 17 -10.48 -12.59 -1.89
CA GLY B 17 -10.88 -13.52 -2.99
C GLY B 17 -9.68 -14.39 -3.31
N ARG B 18 -9.00 -14.09 -4.38
CA ARG B 18 -7.79 -14.85 -4.73
C ARG B 18 -6.60 -13.92 -4.57
N VAL B 19 -5.68 -14.28 -3.72
CA VAL B 19 -4.51 -13.39 -3.47
C VAL B 19 -3.30 -13.82 -4.27
N VAL B 20 -2.38 -12.91 -4.46
CA VAL B 20 -1.13 -13.24 -5.20
C VAL B 20 0.04 -12.93 -4.27
N ASN B 21 0.79 -13.91 -3.89
CA ASN B 21 1.93 -13.64 -2.96
C ASN B 21 3.18 -13.33 -3.78
N ALA B 22 3.56 -12.08 -3.80
CA ALA B 22 4.77 -11.69 -4.57
C ALA B 22 5.49 -10.57 -3.81
N MET B 23 6.74 -10.37 -4.09
CA MET B 23 7.49 -9.30 -3.36
C MET B 23 7.40 -9.58 -1.87
N GLY B 24 7.06 -10.78 -1.55
CA GLY B 24 6.93 -11.15 -0.11
C GLY B 24 5.69 -10.46 0.44
N LYS B 25 4.77 -10.14 -0.42
CA LYS B 25 3.53 -9.43 0.01
C LYS B 25 2.30 -10.16 -0.54
N GLN B 26 1.22 -9.44 -0.70
CA GLN B 26 -0.02 -10.02 -1.24
C GLN B 26 -0.56 -9.03 -2.28
N TRP B 27 -1.15 -9.48 -3.35
CA TRP B 27 -1.62 -8.51 -4.38
C TRP B 27 -2.95 -8.97 -4.97
N HIS B 28 -3.87 -8.06 -5.20
CA HIS B 28 -5.16 -8.48 -5.82
C HIS B 28 -4.81 -9.19 -7.13
N VAL B 29 -5.37 -10.33 -7.38
CA VAL B 29 -5.06 -11.03 -8.65
C VAL B 29 -5.31 -10.07 -9.80
N GLU B 30 -6.00 -9.01 -9.53
CA GLU B 30 -6.31 -8.01 -10.59
C GLU B 30 -5.30 -6.88 -10.58
N HIS B 31 -4.68 -6.59 -9.45
CA HIS B 31 -3.71 -5.45 -9.41
C HIS B 31 -2.27 -5.98 -9.52
N PHE B 32 -2.08 -7.27 -9.51
CA PHE B 32 -0.68 -7.78 -9.66
C PHE B 32 -0.36 -7.73 -11.14
N VAL B 33 0.45 -6.80 -11.54
CA VAL B 33 0.77 -6.66 -12.98
C VAL B 33 2.27 -6.50 -13.20
N CYS B 34 2.65 -6.46 -14.44
CA CYS B 34 4.08 -6.27 -14.79
C CYS B 34 4.55 -4.91 -14.28
N ALA B 35 5.79 -4.79 -13.93
CA ALA B 35 6.31 -3.49 -13.42
C ALA B 35 6.88 -2.68 -14.59
N LYS B 36 6.37 -2.88 -15.78
CA LYS B 36 6.87 -2.12 -16.96
C LYS B 36 5.71 -1.69 -17.85
N CYS B 37 4.66 -2.48 -17.90
CA CYS B 37 3.49 -2.13 -18.76
C CYS B 37 2.20 -2.19 -17.96
N GLU B 38 2.23 -2.79 -16.81
CA GLU B 38 1.00 -2.89 -15.98
C GLU B 38 0.02 -3.87 -16.60
N LYS B 39 0.48 -5.03 -17.00
CA LYS B 39 -0.44 -6.04 -17.58
C LYS B 39 -0.74 -7.08 -16.49
N PRO B 40 -1.95 -7.09 -15.99
CA PRO B 40 -2.34 -8.01 -14.89
C PRO B 40 -2.39 -9.45 -15.36
N PHE B 41 -1.89 -10.33 -14.53
CA PHE B 41 -1.93 -11.78 -14.86
C PHE B 41 -3.15 -12.42 -14.21
N LEU B 42 -4.32 -11.92 -14.50
CA LEU B 42 -5.55 -12.49 -13.87
C LEU B 42 -5.41 -14.01 -13.82
N GLY B 43 -5.15 -14.63 -14.93
CA GLY B 43 -4.99 -16.10 -14.98
C GLY B 43 -3.77 -16.44 -15.84
N HIS B 44 -2.79 -15.57 -15.85
CA HIS B 44 -1.57 -15.83 -16.69
C HIS B 44 -0.35 -15.96 -15.77
N ARG B 45 0.80 -16.21 -16.36
CA ARG B 45 2.05 -16.36 -15.55
C ARG B 45 2.78 -15.01 -15.48
N HIS B 46 3.41 -14.71 -14.38
CA HIS B 46 4.15 -13.42 -14.26
C HIS B 46 5.63 -13.70 -14.08
N TYR B 47 6.43 -12.67 -14.18
CA TYR B 47 7.89 -12.84 -14.04
C TYR B 47 8.43 -11.77 -13.08
N GLU B 48 9.33 -12.15 -12.20
CA GLU B 48 9.85 -11.17 -11.20
C GLU B 48 11.29 -10.75 -11.54
N ARG B 49 11.64 -9.54 -11.20
CA ARG B 49 13.03 -9.05 -11.47
C ARG B 49 13.42 -7.97 -10.46
N LYS B 50 14.56 -8.13 -9.85
CA LYS B 50 15.04 -7.13 -8.86
C LYS B 50 13.95 -6.87 -7.84
N GLY B 51 13.04 -7.79 -7.68
CA GLY B 51 11.97 -7.59 -6.69
C GLY B 51 10.82 -6.82 -7.34
N LEU B 52 10.63 -7.00 -8.61
CA LEU B 52 9.52 -6.30 -9.31
C LEU B 52 8.94 -7.23 -10.37
N ALA B 53 7.66 -7.19 -10.55
CA ALA B 53 7.03 -8.09 -11.54
C ALA B 53 7.26 -7.58 -12.96
N TYR B 54 7.28 -8.48 -13.91
CA TYR B 54 7.48 -8.08 -15.31
C TYR B 54 6.83 -9.11 -16.21
N CYS B 55 6.19 -8.70 -17.26
CA CYS B 55 5.56 -9.71 -18.14
C CYS B 55 6.65 -10.68 -18.62
N GLU B 56 6.27 -11.68 -19.36
CA GLU B 56 7.28 -12.65 -19.88
C GLU B 56 8.26 -11.92 -20.82
N THR B 57 7.76 -10.97 -21.56
CA THR B 57 8.62 -10.24 -22.53
C THR B 57 9.32 -9.06 -21.86
N HIS B 58 8.62 -8.30 -21.06
CA HIS B 58 9.28 -7.14 -20.42
C HIS B 58 10.33 -7.67 -19.46
N TYR B 59 9.98 -8.67 -18.70
CA TYR B 59 10.98 -9.24 -17.78
C TYR B 59 12.21 -9.55 -18.59
N ASN B 60 12.03 -10.33 -19.60
CA ASN B 60 13.16 -10.70 -20.46
C ASN B 60 13.68 -9.45 -21.15
N GLN B 61 12.82 -8.62 -21.67
CA GLN B 61 13.32 -7.37 -22.33
C GLN B 61 14.18 -6.65 -21.29
N LEU B 62 13.80 -6.77 -20.06
CA LEU B 62 14.57 -6.14 -18.97
C LEU B 62 15.79 -7.00 -18.64
N PHE B 63 15.66 -8.29 -18.75
CA PHE B 63 16.81 -9.18 -18.44
C PHE B 63 16.61 -10.55 -19.11
N GLY B 64 15.85 -11.40 -18.50
CA GLY B 64 15.62 -12.75 -19.08
C GLY B 64 16.71 -13.71 -18.61
N ASP B 65 17.21 -13.50 -17.43
CA ASP B 65 18.28 -14.40 -16.91
C ASP B 65 19.38 -14.57 -17.96
N VAL B 66 19.87 -13.49 -18.51
CA VAL B 66 20.92 -13.60 -19.55
C VAL B 66 21.64 -12.25 -19.68
N GLN A 1 -11.33 21.36 8.24
CA GLN A 1 -11.01 21.97 6.91
C GLN A 1 -10.17 20.98 6.10
N GLY A 2 -10.00 19.78 6.58
CA GLY A 2 -9.20 18.78 5.82
C GLY A 2 -9.39 17.39 6.45
N SER A 3 -10.51 16.79 6.22
CA SER A 3 -10.75 15.44 6.79
C SER A 3 -11.91 14.75 6.05
N ARG A 4 -12.00 14.98 4.77
CA ARG A 4 -13.10 14.34 3.99
C ARG A 4 -12.79 12.85 3.81
N VAL A 5 -13.80 12.03 3.74
CA VAL A 5 -13.55 10.57 3.58
C VAL A 5 -12.91 10.33 2.21
N LEU A 6 -11.61 10.28 2.14
CA LEU A 6 -10.90 10.03 0.85
C LEU A 6 -10.03 8.79 1.02
N HIS A 7 -9.20 8.79 2.02
CA HIS A 7 -8.32 7.62 2.28
C HIS A 7 -8.14 7.46 3.79
N VAL A 8 -9.14 6.99 4.49
CA VAL A 8 -9.01 6.80 5.94
C VAL A 8 -8.04 5.64 6.15
N VAL A 9 -7.40 5.52 7.30
CA VAL A 9 -6.43 4.39 7.45
C VAL A 9 -6.42 3.85 8.89
N GLN A 10 -6.51 2.55 9.01
CA GLN A 10 -6.49 1.90 10.35
C GLN A 10 -5.09 1.35 10.62
N THR A 11 -4.53 1.67 11.75
CA THR A 11 -3.17 1.18 12.09
C THR A 11 -3.14 -0.33 12.20
N LEU A 12 -2.00 -0.88 11.97
CA LEU A 12 -1.80 -2.36 12.04
C LEU A 12 -0.85 -2.63 13.21
N TYR A 13 -0.15 -1.62 13.67
CA TYR A 13 0.80 -1.83 14.81
C TYR A 13 0.94 -0.55 15.66
N PRO A 14 1.10 -0.69 16.98
CA PRO A 14 1.27 0.50 17.86
C PRO A 14 2.67 1.08 17.65
N PHE A 15 2.86 1.87 16.63
CA PHE A 15 4.21 2.44 16.36
C PHE A 15 4.56 3.50 17.40
N SER A 16 5.80 3.94 17.38
CA SER A 16 6.23 5.00 18.35
C SER A 16 7.12 6.01 17.62
N SER A 17 6.62 7.20 17.46
CA SER A 17 7.38 8.27 16.75
C SER A 17 7.27 9.56 17.58
N VAL A 18 8.35 10.00 18.17
CA VAL A 18 8.32 11.24 18.99
C VAL A 18 9.44 12.17 18.56
N THR A 19 9.10 13.03 17.69
CA THR A 19 10.06 14.07 17.17
C THR A 19 9.28 15.35 16.94
N GLU A 20 9.74 16.13 16.03
CA GLU A 20 9.05 17.36 15.69
C GLU A 20 7.92 16.99 14.71
N GLU A 21 8.25 16.32 13.64
CA GLU A 21 7.26 15.95 12.62
C GLU A 21 6.99 14.43 12.65
N GLU A 22 7.13 13.78 13.78
CA GLU A 22 6.90 12.30 13.85
C GLU A 22 5.49 12.03 14.44
N LEU A 23 4.89 10.91 14.05
CA LEU A 23 3.50 10.57 14.54
C LEU A 23 3.54 9.36 15.48
N ASN A 24 3.27 9.55 16.75
CA ASN A 24 3.24 8.38 17.69
C ASN A 24 1.78 7.96 17.80
N PHE A 25 1.45 6.70 17.58
CA PHE A 25 0.02 6.32 17.67
C PHE A 25 -0.13 4.86 18.06
N GLU A 26 -1.12 4.59 18.86
CA GLU A 26 -1.36 3.19 19.31
C GLU A 26 -2.18 2.49 18.23
N LYS A 27 -2.09 1.19 18.16
CA LYS A 27 -2.86 0.47 17.14
C LYS A 27 -4.33 0.83 17.25
N GLY A 28 -5.03 0.86 16.14
CA GLY A 28 -6.48 1.23 16.18
C GLY A 28 -6.61 2.76 16.15
N GLU A 29 -5.86 3.41 15.30
CA GLU A 29 -5.93 4.91 15.21
C GLU A 29 -6.36 5.32 13.80
N THR A 30 -7.51 5.91 13.67
CA THR A 30 -7.97 6.36 12.32
C THR A 30 -7.13 7.58 11.94
N MET A 31 -6.23 7.46 11.00
CA MET A 31 -5.41 8.64 10.64
C MET A 31 -5.88 9.22 9.32
N GLU A 32 -6.02 10.50 9.32
CA GLU A 32 -6.48 11.25 8.14
C GLU A 32 -5.24 11.66 7.34
N VAL A 33 -4.99 10.98 6.27
CA VAL A 33 -3.77 11.27 5.47
C VAL A 33 -3.81 12.69 4.88
N ILE A 34 -3.26 13.66 5.57
CA ILE A 34 -3.26 15.05 5.03
C ILE A 34 -2.52 15.09 3.68
N GLU A 35 -1.33 14.55 3.61
CA GLU A 35 -0.55 14.61 2.34
C GLU A 35 0.32 13.38 2.18
N LYS A 36 0.68 13.08 0.96
CA LYS A 36 1.51 11.87 0.68
C LYS A 36 2.66 12.20 -0.29
N PRO A 37 3.59 13.02 0.14
CA PRO A 37 4.75 13.37 -0.69
C PRO A 37 5.72 12.19 -0.71
N GLU A 38 6.64 12.21 -1.60
CA GLU A 38 7.64 11.10 -1.68
C GLU A 38 8.85 11.50 -0.84
N ASN A 39 9.31 12.72 -1.01
CA ASN A 39 10.48 13.24 -0.24
C ASN A 39 11.70 12.35 -0.46
N ASP A 40 11.58 11.11 -0.11
CA ASP A 40 12.69 10.14 -0.31
C ASP A 40 12.46 8.82 0.48
N PRO A 41 12.11 8.92 1.73
CA PRO A 41 11.88 7.75 2.60
C PRO A 41 10.63 7.00 2.13
N GLU A 42 9.49 7.69 2.15
CA GLU A 42 8.15 7.11 1.73
C GLU A 42 7.10 7.47 2.81
N TRP A 43 7.45 8.30 3.75
CA TRP A 43 6.48 8.68 4.82
C TRP A 43 5.38 9.58 4.26
N TRP A 44 4.31 9.76 5.00
CA TRP A 44 3.17 10.61 4.54
C TRP A 44 2.80 11.61 5.65
N LYS A 45 2.39 12.81 5.29
CA LYS A 45 1.96 13.75 6.35
C LYS A 45 0.54 13.33 6.72
N CYS A 46 0.39 12.55 7.75
CA CYS A 46 -0.96 12.07 8.12
C CYS A 46 -1.36 12.61 9.47
N LYS A 47 -2.51 13.19 9.54
CA LYS A 47 -2.99 13.72 10.82
C LYS A 47 -3.61 12.54 11.56
N ASN A 48 -3.59 12.51 12.88
CA ASN A 48 -4.26 11.33 13.55
C ASN A 48 -5.67 11.77 13.93
N ALA A 49 -6.72 11.03 13.57
CA ALA A 49 -8.06 11.52 13.94
C ALA A 49 -8.06 11.84 15.43
N ARG A 50 -7.11 11.32 16.15
CA ARG A 50 -7.02 11.63 17.59
C ARG A 50 -6.72 13.13 17.69
N GLY A 51 -6.52 13.73 16.54
CA GLY A 51 -6.28 15.19 16.46
C GLY A 51 -4.78 15.53 16.46
N GLN A 52 -3.92 14.70 15.88
CA GLN A 52 -2.45 15.06 15.87
C GLN A 52 -1.80 14.77 14.53
N VAL A 53 -0.63 15.32 14.27
CA VAL A 53 0.03 15.11 12.94
C VAL A 53 1.51 14.73 13.08
N GLY A 54 1.99 14.05 12.07
CA GLY A 54 3.42 13.60 12.06
C GLY A 54 3.64 12.67 10.86
N LEU A 55 4.86 12.55 10.41
CA LEU A 55 5.15 11.65 9.25
C LEU A 55 5.06 10.19 9.74
N VAL A 56 4.70 9.26 8.86
CA VAL A 56 4.58 7.85 9.30
C VAL A 56 4.76 6.92 8.08
N PRO A 57 5.51 5.82 8.19
CA PRO A 57 5.67 4.91 7.05
C PRO A 57 4.29 4.55 6.50
N LYS A 58 4.00 4.98 5.30
CA LYS A 58 2.67 4.69 4.70
C LYS A 58 2.44 3.17 4.58
N ASN A 59 3.36 2.38 5.06
CA ASN A 59 3.19 0.89 4.99
C ASN A 59 2.75 0.35 6.36
N TYR A 60 2.74 1.20 7.36
CA TYR A 60 2.34 0.75 8.72
C TYR A 60 0.82 0.91 8.89
N VAL A 61 0.13 1.23 7.83
CA VAL A 61 -1.36 1.42 7.93
C VAL A 61 -2.01 0.99 6.61
N VAL A 62 -3.28 0.64 6.66
CA VAL A 62 -3.99 0.23 5.40
C VAL A 62 -4.95 1.35 5.00
N VAL A 63 -5.38 1.37 3.77
CA VAL A 63 -6.31 2.45 3.31
C VAL A 63 -7.72 1.86 3.11
N LEU A 64 -8.72 2.55 3.59
CA LEU A 64 -10.13 2.06 3.45
C LEU A 64 -10.84 2.89 2.37
N SER A 65 -11.01 4.17 2.59
CA SER A 65 -11.71 5.01 1.57
C SER A 65 -10.81 5.16 0.33
N ASP A 66 -11.40 5.34 -0.81
CA ASP A 66 -10.59 5.48 -2.07
C ASP A 66 -11.30 6.45 -3.02
N GLY A 67 -10.56 7.11 -3.87
CA GLY A 67 -11.19 8.06 -4.83
C GLY A 67 -11.72 7.29 -6.05
N PRO A 68 -10.80 6.75 -6.83
CA PRO A 68 -11.19 5.98 -8.03
C PRO A 68 -12.08 4.80 -7.63
N ALA A 69 -13.38 4.97 -7.65
CA ALA A 69 -14.31 3.88 -7.29
C ALA A 69 -15.12 3.52 -8.53
N LEU A 70 -14.56 2.72 -9.37
CA LEU A 70 -15.26 2.30 -10.62
C LEU A 70 -16.17 1.11 -10.31
N HIS A 71 -17.42 1.22 -10.63
CA HIS A 71 -18.36 0.08 -10.35
C HIS A 71 -18.20 -0.37 -8.90
N GLY B 1 -11.28 -12.47 17.49
CA GLY B 1 -11.61 -11.57 16.35
C GLY B 1 -10.32 -11.07 15.69
N SER B 2 -9.44 -11.96 15.32
CA SER B 2 -8.16 -11.53 14.69
C SER B 2 -8.41 -11.17 13.22
N MET B 3 -7.58 -10.34 12.65
CA MET B 3 -7.76 -9.95 11.23
C MET B 3 -7.97 -11.21 10.38
N GLY B 4 -8.39 -11.05 9.16
CA GLY B 4 -8.61 -12.24 8.28
C GLY B 4 -8.86 -11.77 6.84
N VAL B 5 -8.06 -10.86 6.35
CA VAL B 5 -8.26 -10.37 4.96
C VAL B 5 -6.92 -9.85 4.40
N PRO B 6 -6.58 -10.28 3.23
CA PRO B 6 -5.34 -9.83 2.57
C PRO B 6 -5.55 -8.42 2.07
N ILE B 7 -4.48 -7.76 1.75
CA ILE B 7 -4.61 -6.37 1.26
C ILE B 7 -3.69 -6.18 0.06
N CYS B 8 -4.28 -5.85 -1.05
CA CYS B 8 -3.50 -5.66 -2.29
C CYS B 8 -2.44 -4.59 -2.08
N GLY B 9 -1.20 -4.99 -2.18
CA GLY B 9 -0.09 -4.01 -1.99
C GLY B 9 -0.15 -2.96 -3.10
N ALA B 10 -1.09 -3.08 -3.99
CA ALA B 10 -1.19 -2.09 -5.10
C ALA B 10 -2.02 -0.89 -4.64
N CYS B 11 -3.16 -1.15 -4.05
CA CYS B 11 -4.02 -0.04 -3.57
C CYS B 11 -4.14 -0.12 -2.05
N ARG B 12 -3.42 -1.03 -1.43
CA ARG B 12 -3.50 -1.16 0.04
C ARG B 12 -4.97 -1.32 0.43
N ARG B 13 -5.71 -2.10 -0.33
CA ARG B 13 -7.14 -2.31 -0.01
C ARG B 13 -7.35 -3.80 0.33
N PRO B 14 -8.22 -4.07 1.27
CA PRO B 14 -8.50 -5.45 1.68
C PRO B 14 -8.93 -6.30 0.49
N ILE B 15 -8.12 -7.26 0.11
CA ILE B 15 -8.50 -8.11 -1.05
C ILE B 15 -9.65 -9.03 -0.63
N GLU B 16 -10.42 -9.54 -1.57
CA GLU B 16 -11.56 -10.42 -1.18
C GLU B 16 -12.01 -11.27 -2.35
N GLY B 17 -11.14 -12.11 -2.83
CA GLY B 17 -11.49 -13.01 -3.97
C GLY B 17 -10.30 -13.92 -4.22
N ARG B 18 -9.54 -13.62 -5.23
CA ARG B 18 -8.32 -14.43 -5.51
C ARG B 18 -7.12 -13.53 -5.25
N VAL B 19 -6.28 -13.94 -4.35
CA VAL B 19 -5.11 -13.08 -4.00
C VAL B 19 -3.85 -13.54 -4.72
N VAL B 20 -2.89 -12.66 -4.85
CA VAL B 20 -1.60 -13.02 -5.50
C VAL B 20 -0.49 -12.75 -4.49
N ASN B 21 0.20 -13.75 -4.06
CA ASN B 21 1.27 -13.53 -3.07
C ASN B 21 2.59 -13.26 -3.79
N ALA B 22 3.02 -12.02 -3.76
CA ALA B 22 4.28 -11.66 -4.45
C ALA B 22 4.98 -10.57 -3.63
N MET B 23 6.26 -10.41 -3.81
CA MET B 23 6.98 -9.36 -3.03
C MET B 23 6.78 -9.65 -1.55
N GLY B 24 6.38 -10.86 -1.26
CA GLY B 24 6.14 -11.23 0.15
C GLY B 24 4.89 -10.50 0.63
N LYS B 25 4.03 -10.15 -0.28
CA LYS B 25 2.79 -9.40 0.06
C LYS B 25 1.59 -10.09 -0.58
N GLN B 26 0.55 -9.34 -0.81
CA GLN B 26 -0.68 -9.88 -1.44
C GLN B 26 -1.12 -8.86 -2.50
N TRP B 27 -1.63 -9.29 -3.61
CA TRP B 27 -2.01 -8.29 -4.66
C TRP B 27 -3.31 -8.70 -5.34
N HIS B 28 -4.18 -7.76 -5.63
CA HIS B 28 -5.44 -8.14 -6.34
C HIS B 28 -5.02 -8.83 -7.63
N VAL B 29 -5.59 -9.96 -7.93
CA VAL B 29 -5.22 -10.66 -9.18
C VAL B 29 -5.35 -9.67 -10.34
N GLU B 30 -6.04 -8.59 -10.10
CA GLU B 30 -6.24 -7.59 -11.17
C GLU B 30 -5.19 -6.47 -11.07
N HIS B 31 -4.66 -6.21 -9.91
CA HIS B 31 -3.64 -5.11 -9.78
C HIS B 31 -2.23 -5.68 -9.80
N PHE B 32 -2.07 -6.97 -9.79
CA PHE B 32 -0.69 -7.52 -9.85
C PHE B 32 -0.26 -7.48 -11.30
N VAL B 33 0.60 -6.57 -11.63
CA VAL B 33 1.03 -6.42 -13.05
C VAL B 33 2.54 -6.30 -13.16
N CYS B 34 3.01 -6.26 -14.37
CA CYS B 34 4.46 -6.12 -14.62
C CYS B 34 4.93 -4.78 -14.07
N ALA B 35 6.15 -4.70 -13.63
CA ALA B 35 6.68 -3.41 -13.07
C ALA B 35 7.35 -2.61 -14.19
N LYS B 36 6.92 -2.79 -15.40
CA LYS B 36 7.52 -2.03 -16.54
C LYS B 36 6.43 -1.56 -17.51
N CYS B 37 5.37 -2.31 -17.63
CA CYS B 37 4.28 -1.92 -18.58
C CYS B 37 2.93 -1.94 -17.87
N GLU B 38 2.86 -2.56 -16.72
CA GLU B 38 1.58 -2.63 -15.97
C GLU B 38 0.60 -3.57 -16.68
N LYS B 39 1.07 -4.73 -17.05
CA LYS B 39 0.16 -5.72 -17.71
C LYS B 39 -0.25 -6.76 -16.65
N PRO B 40 -1.49 -6.73 -16.23
CA PRO B 40 -1.98 -7.65 -15.19
C PRO B 40 -2.04 -9.09 -15.67
N PHE B 41 -1.63 -9.99 -14.82
CA PHE B 41 -1.68 -11.44 -15.18
C PHE B 41 -2.97 -12.04 -14.61
N LEU B 42 -4.10 -11.50 -14.98
CA LEU B 42 -5.39 -12.05 -14.45
C LEU B 42 -5.29 -13.57 -14.40
N GLY B 43 -4.99 -14.17 -15.51
CA GLY B 43 -4.86 -15.66 -15.55
C GLY B 43 -3.59 -16.02 -16.34
N HIS B 44 -2.59 -15.18 -16.28
CA HIS B 44 -1.32 -15.47 -17.02
C HIS B 44 -0.17 -15.66 -16.04
N ARG B 45 1.01 -15.93 -16.54
CA ARG B 45 2.18 -16.12 -15.64
C ARG B 45 2.94 -14.80 -15.51
N HIS B 46 3.51 -14.54 -14.36
CA HIS B 46 4.28 -13.27 -14.17
C HIS B 46 5.74 -13.59 -13.90
N TYR B 47 6.57 -12.59 -13.92
CA TYR B 47 8.02 -12.80 -13.70
C TYR B 47 8.52 -11.77 -12.68
N GLU B 48 9.35 -12.17 -11.74
CA GLU B 48 9.83 -11.22 -10.70
C GLU B 48 11.29 -10.85 -10.92
N ARG B 49 11.66 -9.65 -10.57
CA ARG B 49 13.06 -9.20 -10.73
C ARG B 49 13.43 -8.14 -9.68
N LYS B 50 14.52 -8.35 -8.99
CA LYS B 50 14.96 -7.38 -7.96
C LYS B 50 13.81 -7.09 -7.01
N GLY B 51 12.87 -7.98 -6.93
CA GLY B 51 11.73 -7.76 -6.01
C GLY B 51 10.65 -6.95 -6.72
N LEU B 52 10.54 -7.11 -8.01
CA LEU B 52 9.51 -6.37 -8.78
C LEU B 52 8.97 -7.27 -9.88
N ALA B 53 7.70 -7.18 -10.15
CA ALA B 53 7.12 -8.06 -11.20
C ALA B 53 7.47 -7.54 -12.59
N TYR B 54 7.53 -8.43 -13.54
CA TYR B 54 7.83 -8.02 -14.93
C TYR B 54 7.21 -9.02 -15.88
N CYS B 55 6.66 -8.58 -16.97
CA CYS B 55 6.07 -9.57 -17.91
C CYS B 55 7.15 -10.56 -18.32
N GLU B 56 6.80 -11.54 -19.10
CA GLU B 56 7.82 -12.54 -19.57
C GLU B 56 8.87 -11.83 -20.42
N THR B 57 8.46 -10.85 -21.18
CA THR B 57 9.42 -10.14 -22.07
C THR B 57 10.09 -8.99 -21.35
N HIS B 58 9.37 -8.21 -20.59
CA HIS B 58 10.02 -7.09 -19.89
C HIS B 58 10.98 -7.66 -18.86
N TYR B 59 10.55 -8.65 -18.15
CA TYR B 59 11.46 -9.27 -17.17
C TYR B 59 12.74 -9.60 -17.89
N ASN B 60 12.60 -10.37 -18.93
CA ASN B 60 13.78 -10.76 -19.72
C ASN B 60 14.39 -9.51 -20.35
N GLN B 61 13.58 -8.65 -20.91
CA GLN B 61 14.17 -7.42 -21.51
C GLN B 61 14.97 -6.74 -20.42
N LEU B 62 14.50 -6.86 -19.22
CA LEU B 62 15.22 -6.26 -18.06
C LEU B 62 16.39 -7.17 -17.67
N PHE B 63 16.22 -8.46 -17.80
CA PHE B 63 17.33 -9.38 -17.41
C PHE B 63 17.14 -10.73 -18.12
N GLY B 64 16.30 -11.56 -17.57
CA GLY B 64 16.07 -12.90 -18.19
C GLY B 64 17.10 -13.90 -17.65
N ASP B 65 17.53 -13.71 -16.43
CA ASP B 65 18.53 -14.65 -15.86
C ASP B 65 19.68 -14.85 -16.84
N VAL B 66 20.24 -13.78 -17.33
CA VAL B 66 21.38 -13.90 -18.29
C VAL B 66 22.13 -12.59 -18.37
N GLN A 1 -11.85 20.87 7.39
CA GLN A 1 -11.50 21.47 6.07
C GLN A 1 -10.59 20.50 5.31
N GLY A 2 -10.38 19.33 5.84
CA GLY A 2 -9.49 18.34 5.15
C GLY A 2 -9.64 16.97 5.80
N SER A 3 -10.73 16.30 5.54
CA SER A 3 -10.94 14.95 6.15
C SER A 3 -12.01 14.20 5.37
N ARG A 4 -12.07 14.39 4.09
CA ARG A 4 -13.10 13.68 3.27
C ARG A 4 -12.71 12.20 3.16
N VAL A 5 -13.68 11.33 3.06
CA VAL A 5 -13.35 9.88 2.95
C VAL A 5 -12.65 9.62 1.61
N LEU A 6 -11.34 9.65 1.61
CA LEU A 6 -10.55 9.41 0.37
C LEU A 6 -9.65 8.20 0.61
N HIS A 7 -8.85 8.27 1.65
CA HIS A 7 -7.94 7.15 1.98
C HIS A 7 -7.81 7.04 3.49
N VAL A 8 -8.83 6.54 4.15
CA VAL A 8 -8.76 6.39 5.63
C VAL A 8 -7.74 5.29 5.91
N VAL A 9 -7.15 5.23 7.09
CA VAL A 9 -6.14 4.15 7.31
C VAL A 9 -6.18 3.65 8.76
N GLN A 10 -6.20 2.35 8.92
CA GLN A 10 -6.21 1.74 10.28
C GLN A 10 -4.80 1.26 10.62
N THR A 11 -4.31 1.64 11.77
CA THR A 11 -2.93 1.23 12.18
C THR A 11 -2.86 -0.28 12.33
N LEU A 12 -1.68 -0.78 12.17
CA LEU A 12 -1.42 -2.25 12.30
C LEU A 12 -0.52 -2.44 13.52
N TYR A 13 0.13 -1.39 13.97
CA TYR A 13 1.03 -1.52 15.16
C TYR A 13 1.06 -0.21 15.98
N PRO A 14 1.17 -0.30 17.31
CA PRO A 14 1.26 0.91 18.16
C PRO A 14 2.64 1.55 18.00
N PHE A 15 2.83 2.32 16.96
CA PHE A 15 4.17 2.95 16.74
C PHE A 15 4.42 4.06 17.75
N SER A 16 5.63 4.55 17.79
CA SER A 16 5.98 5.65 18.73
C SER A 16 6.84 6.69 18.02
N SER A 17 6.30 7.85 17.80
CA SER A 17 7.05 8.93 17.11
C SER A 17 6.84 10.24 17.88
N VAL A 18 7.87 10.75 18.51
CA VAL A 18 7.73 12.00 19.29
C VAL A 18 8.84 12.97 18.88
N THR A 19 8.50 13.81 17.97
CA THR A 19 9.43 14.86 17.47
C THR A 19 8.60 16.09 17.17
N GLU A 20 9.05 16.87 16.25
CA GLU A 20 8.34 18.05 15.85
C GLU A 20 7.28 17.61 14.84
N GLU A 21 7.68 16.93 13.80
CA GLU A 21 6.75 16.49 12.75
C GLU A 21 6.56 14.95 12.80
N GLU A 22 6.67 14.34 13.97
CA GLU A 22 6.50 12.86 14.06
C GLU A 22 5.09 12.52 14.59
N LEU A 23 4.55 11.38 14.21
CA LEU A 23 3.16 10.98 14.65
C LEU A 23 3.21 9.80 15.63
N ASN A 24 2.89 10.01 16.88
CA ASN A 24 2.86 8.87 17.85
C ASN A 24 1.42 8.37 17.90
N PHE A 25 1.16 7.11 17.71
CA PHE A 25 -0.25 6.66 17.74
C PHE A 25 -0.35 5.20 18.17
N GLU A 26 -1.37 4.91 18.93
CA GLU A 26 -1.56 3.51 19.40
C GLU A 26 -2.30 2.74 18.32
N LYS A 27 -2.15 1.46 18.29
CA LYS A 27 -2.83 0.67 17.25
C LYS A 27 -4.33 0.96 17.29
N GLY A 28 -4.97 0.93 16.15
CA GLY A 28 -6.43 1.22 16.12
C GLY A 28 -6.64 2.74 16.03
N GLU A 29 -5.88 3.41 15.20
CA GLU A 29 -6.01 4.90 15.07
C GLU A 29 -6.40 5.25 13.63
N THR A 30 -7.56 5.79 13.43
CA THR A 30 -7.98 6.19 12.05
C THR A 30 -7.19 7.42 11.67
N MET A 31 -6.24 7.31 10.78
CA MET A 31 -5.47 8.54 10.42
C MET A 31 -5.89 9.05 9.06
N GLU A 32 -6.09 10.32 9.02
CA GLU A 32 -6.53 11.02 7.80
C GLU A 32 -5.29 11.47 7.04
N VAL A 33 -4.95 10.76 6.00
CA VAL A 33 -3.71 11.09 5.24
C VAL A 33 -3.79 12.50 4.62
N ILE A 34 -3.31 13.51 5.31
CA ILE A 34 -3.36 14.88 4.72
C ILE A 34 -2.56 14.92 3.41
N GLU A 35 -1.34 14.44 3.41
CA GLU A 35 -0.50 14.50 2.17
C GLU A 35 0.43 13.31 2.09
N LYS A 36 0.86 13.00 0.89
CA LYS A 36 1.74 11.82 0.68
C LYS A 36 2.92 12.18 -0.24
N PRO A 37 3.79 13.05 0.20
CA PRO A 37 4.97 13.43 -0.58
C PRO A 37 5.99 12.30 -0.52
N GLU A 38 6.95 12.34 -1.38
CA GLU A 38 8.01 11.29 -1.37
C GLU A 38 9.16 11.76 -0.49
N ASN A 39 9.57 12.99 -0.67
CA ASN A 39 10.68 13.60 0.13
C ASN A 39 11.95 12.76 -0.01
N ASP A 40 11.87 11.51 0.36
CA ASP A 40 13.03 10.59 0.25
C ASP A 40 12.84 9.28 1.07
N PRO A 41 12.42 9.41 2.29
CA PRO A 41 12.20 8.25 3.18
C PRO A 41 11.00 7.43 2.68
N GLU A 42 9.84 8.06 2.62
CA GLU A 42 8.55 7.41 2.16
C GLU A 42 7.43 7.74 3.19
N TRP A 43 7.70 8.62 4.11
CA TRP A 43 6.66 8.98 5.13
C TRP A 43 5.55 9.81 4.49
N TRP A 44 4.45 9.96 5.19
CA TRP A 44 3.28 10.74 4.66
C TRP A 44 2.82 11.76 5.70
N LYS A 45 2.37 12.92 5.30
CA LYS A 45 1.85 13.87 6.32
C LYS A 45 0.44 13.38 6.63
N CYS A 46 0.28 12.63 7.67
CA CYS A 46 -1.07 12.10 8.00
C CYS A 46 -1.54 12.65 9.32
N LYS A 47 -2.73 13.18 9.31
CA LYS A 47 -3.29 13.71 10.56
C LYS A 47 -3.88 12.53 11.31
N ASN A 48 -3.92 12.53 12.62
CA ASN A 48 -4.57 11.34 13.30
C ASN A 48 -6.01 11.72 13.60
N ALA A 49 -7.00 10.93 13.22
CA ALA A 49 -8.40 11.37 13.51
C ALA A 49 -8.48 11.73 14.99
N ARG A 50 -7.53 11.26 15.76
CA ARG A 50 -7.53 11.63 17.20
C ARG A 50 -7.30 13.13 17.27
N GLY A 51 -7.08 13.71 16.11
CA GLY A 51 -6.90 15.18 16.00
C GLY A 51 -5.42 15.59 16.06
N GLN A 52 -4.50 14.79 15.54
CA GLN A 52 -3.04 15.22 15.59
C GLN A 52 -2.32 14.93 14.28
N VAL A 53 -1.16 15.52 14.06
CA VAL A 53 -0.44 15.31 12.78
C VAL A 53 1.05 15.00 12.98
N GLY A 54 1.61 14.31 12.02
CA GLY A 54 3.06 13.94 12.08
C GLY A 54 3.37 12.98 10.92
N LEU A 55 4.62 12.92 10.52
CA LEU A 55 5.01 11.99 9.42
C LEU A 55 4.95 10.54 9.94
N VAL A 56 4.68 9.59 9.08
CA VAL A 56 4.61 8.17 9.55
C VAL A 56 4.88 7.22 8.36
N PRO A 57 5.67 6.17 8.54
CA PRO A 57 5.93 5.24 7.43
C PRO A 57 4.59 4.80 6.83
N LYS A 58 4.34 5.17 5.60
CA LYS A 58 3.06 4.81 4.95
C LYS A 58 2.90 3.29 4.87
N ASN A 59 3.83 2.54 5.41
CA ASN A 59 3.73 1.04 5.37
C ASN A 59 3.26 0.53 6.74
N TYR A 60 3.17 1.40 7.72
CA TYR A 60 2.73 0.96 9.07
C TYR A 60 1.20 1.07 9.16
N VAL A 61 0.54 1.32 8.06
CA VAL A 61 -0.96 1.45 8.09
C VAL A 61 -1.54 0.95 6.77
N VAL A 62 -2.78 0.54 6.77
CA VAL A 62 -3.42 0.06 5.49
C VAL A 62 -4.40 1.12 5.02
N VAL A 63 -4.78 1.09 3.77
CA VAL A 63 -5.74 2.12 3.23
C VAL A 63 -7.10 1.45 2.98
N LEU A 64 -8.16 2.11 3.41
CA LEU A 64 -9.54 1.54 3.22
C LEU A 64 -10.24 2.31 2.09
N SER A 65 -10.48 3.59 2.26
CA SER A 65 -11.16 4.36 1.19
C SER A 65 -10.21 4.52 -0.01
N ASP A 66 -10.77 4.64 -1.19
CA ASP A 66 -9.91 4.79 -2.40
C ASP A 66 -10.61 5.69 -3.42
N GLY A 67 -9.87 6.37 -4.25
CA GLY A 67 -10.50 7.27 -5.27
C GLY A 67 -10.93 6.43 -6.49
N PRO A 68 -9.96 5.91 -7.22
CA PRO A 68 -10.26 5.10 -8.41
C PRO A 68 -11.10 3.89 -8.01
N ALA A 69 -12.41 4.01 -8.10
CA ALA A 69 -13.31 2.88 -7.75
C ALA A 69 -14.05 2.45 -9.02
N LEU A 70 -13.40 1.65 -9.80
CA LEU A 70 -14.02 1.17 -11.07
C LEU A 70 -14.89 -0.06 -10.77
N HIS A 71 -16.14 -0.02 -11.13
CA HIS A 71 -17.03 -1.18 -10.87
C HIS A 71 -16.90 -1.60 -9.41
N GLY B 1 -11.00 -13.68 17.44
CA GLY B 1 -11.28 -12.66 16.38
C GLY B 1 -9.97 -12.20 15.75
N SER B 2 -9.18 -13.13 15.28
CA SER B 2 -7.88 -12.74 14.65
C SER B 2 -8.14 -12.25 13.23
N MET B 3 -7.25 -11.45 12.70
CA MET B 3 -7.44 -10.93 11.31
C MET B 3 -7.75 -12.09 10.37
N GLY B 4 -8.19 -11.80 9.18
CA GLY B 4 -8.52 -12.89 8.22
C GLY B 4 -8.78 -12.29 6.83
N VAL B 5 -7.90 -11.42 6.39
CA VAL B 5 -8.09 -10.80 5.05
C VAL B 5 -6.73 -10.33 4.50
N PRO B 6 -6.44 -10.69 3.28
CA PRO B 6 -5.20 -10.29 2.62
C PRO B 6 -5.29 -8.83 2.25
N ILE B 7 -4.20 -8.23 1.96
CA ILE B 7 -4.22 -6.80 1.58
C ILE B 7 -3.32 -6.59 0.38
N CYS B 8 -3.91 -6.12 -0.69
CA CYS B 8 -3.14 -5.90 -1.93
C CYS B 8 -1.98 -4.94 -1.67
N GLY B 9 -0.78 -5.41 -1.83
CA GLY B 9 0.39 -4.54 -1.59
C GLY B 9 0.41 -3.40 -2.61
N ALA B 10 -0.56 -3.38 -3.49
CA ALA B 10 -0.61 -2.29 -4.52
C ALA B 10 -1.34 -1.08 -3.93
N CYS B 11 -2.47 -1.29 -3.34
CA CYS B 11 -3.24 -0.16 -2.75
C CYS B 11 -3.33 -0.36 -1.23
N ARG B 12 -2.67 -1.36 -0.71
CA ARG B 12 -2.73 -1.61 0.75
C ARG B 12 -4.21 -1.69 1.16
N ARG B 13 -5.01 -2.35 0.37
CA ARG B 13 -6.46 -2.48 0.70
C ARG B 13 -6.77 -3.96 0.94
N PRO B 14 -7.64 -4.24 1.87
CA PRO B 14 -8.01 -5.62 2.18
C PRO B 14 -8.54 -6.34 0.94
N ILE B 15 -7.82 -7.32 0.45
CA ILE B 15 -8.28 -8.05 -0.76
C ILE B 15 -9.50 -8.90 -0.38
N GLU B 16 -10.31 -9.28 -1.33
CA GLU B 16 -11.52 -10.08 -0.98
C GLU B 16 -12.06 -10.81 -2.21
N GLY B 17 -11.27 -11.67 -2.78
CA GLY B 17 -11.71 -12.44 -3.97
C GLY B 17 -10.61 -13.43 -4.32
N ARG B 18 -9.84 -13.10 -5.32
CA ARG B 18 -8.71 -13.97 -5.71
C ARG B 18 -7.43 -13.19 -5.41
N VAL B 19 -6.61 -13.73 -4.57
CA VAL B 19 -5.36 -13.01 -4.18
C VAL B 19 -4.16 -13.50 -4.97
N VAL B 20 -3.13 -12.68 -5.05
CA VAL B 20 -1.89 -13.09 -5.76
C VAL B 20 -0.74 -12.99 -4.77
N ASN B 21 -0.13 -14.08 -4.45
CA ASN B 21 0.98 -14.02 -3.47
C ASN B 21 2.30 -13.79 -4.19
N ALA B 22 2.82 -12.60 -4.09
CA ALA B 22 4.11 -12.27 -4.77
C ALA B 22 4.90 -11.31 -3.89
N MET B 23 6.18 -11.23 -4.09
CA MET B 23 6.99 -10.32 -3.25
C MET B 23 6.81 -10.72 -1.80
N GLY B 24 6.33 -11.90 -1.59
CA GLY B 24 6.08 -12.38 -0.21
C GLY B 24 4.91 -11.59 0.37
N LYS B 25 4.07 -11.10 -0.50
CA LYS B 25 2.88 -10.30 -0.05
C LYS B 25 1.61 -10.83 -0.73
N GLN B 26 0.64 -9.99 -0.86
CA GLN B 26 -0.65 -10.37 -1.50
C GLN B 26 -1.02 -9.24 -2.45
N TRP B 27 -1.59 -9.53 -3.59
CA TRP B 27 -1.91 -8.42 -4.54
C TRP B 27 -3.25 -8.68 -5.23
N HIS B 28 -4.05 -7.65 -5.41
CA HIS B 28 -5.35 -7.87 -6.11
C HIS B 28 -5.02 -8.49 -7.46
N VAL B 29 -5.69 -9.54 -7.84
CA VAL B 29 -5.38 -10.16 -9.15
C VAL B 29 -5.48 -9.08 -10.22
N GLU B 30 -6.06 -7.97 -9.88
CA GLU B 30 -6.21 -6.86 -10.86
C GLU B 30 -5.07 -5.85 -10.70
N HIS B 31 -4.50 -5.73 -9.53
CA HIS B 31 -3.39 -4.73 -9.35
C HIS B 31 -2.03 -5.40 -9.45
N PHE B 32 -1.97 -6.69 -9.54
CA PHE B 32 -0.65 -7.34 -9.69
C PHE B 32 -0.24 -7.21 -11.15
N VAL B 33 0.69 -6.35 -11.42
CA VAL B 33 1.09 -6.12 -12.84
C VAL B 33 2.61 -6.11 -12.97
N CYS B 34 3.04 -6.01 -14.20
CA CYS B 34 4.50 -5.95 -14.47
C CYS B 34 5.09 -4.70 -13.83
N ALA B 35 6.33 -4.76 -13.41
CA ALA B 35 6.96 -3.57 -12.77
C ALA B 35 7.66 -2.73 -13.83
N LYS B 36 7.19 -2.77 -15.05
CA LYS B 36 7.83 -1.97 -16.14
C LYS B 36 6.77 -1.34 -17.04
N CYS B 37 5.64 -1.99 -17.19
CA CYS B 37 4.57 -1.44 -18.08
C CYS B 37 3.24 -1.42 -17.33
N GLU B 38 3.14 -2.12 -16.24
CA GLU B 38 1.87 -2.15 -15.47
C GLU B 38 0.82 -2.96 -16.22
N LYS B 39 1.17 -4.12 -16.69
CA LYS B 39 0.18 -4.98 -17.40
C LYS B 39 -0.29 -6.06 -16.42
N PRO B 40 -1.52 -5.98 -15.97
CA PRO B 40 -2.05 -6.93 -14.98
C PRO B 40 -2.23 -8.32 -15.58
N PHE B 41 -1.88 -9.31 -14.82
CA PHE B 41 -2.06 -10.72 -15.28
C PHE B 41 -3.37 -11.26 -14.73
N LEU B 42 -4.46 -10.61 -15.02
CA LEU B 42 -5.78 -11.10 -14.50
C LEU B 42 -5.81 -12.63 -14.58
N GLY B 43 -5.57 -13.16 -15.74
CA GLY B 43 -5.56 -14.64 -15.91
C GLY B 43 -4.35 -15.03 -16.75
N HIS B 44 -3.29 -14.29 -16.65
CA HIS B 44 -2.06 -14.60 -17.45
C HIS B 44 -0.90 -14.96 -16.51
N ARG B 45 0.24 -15.28 -17.07
CA ARG B 45 1.42 -15.64 -16.23
C ARG B 45 2.29 -14.39 -16.01
N HIS B 46 2.89 -14.26 -14.86
CA HIS B 46 3.76 -13.09 -14.59
C HIS B 46 5.20 -13.54 -14.39
N TYR B 47 6.11 -12.61 -14.36
CA TYR B 47 7.54 -12.94 -14.18
C TYR B 47 8.14 -12.03 -13.10
N GLU B 48 8.94 -12.58 -12.23
CA GLU B 48 9.53 -11.76 -11.12
C GLU B 48 11.01 -11.48 -11.36
N ARG B 49 11.48 -10.35 -10.91
CA ARG B 49 12.92 -10.00 -11.08
C ARG B 49 13.38 -9.07 -9.96
N LYS B 50 14.46 -9.41 -9.32
CA LYS B 50 15.00 -8.56 -8.22
C LYS B 50 13.90 -8.27 -7.22
N GLY B 51 12.90 -9.09 -7.19
CA GLY B 51 11.79 -8.85 -6.23
C GLY B 51 10.77 -7.90 -6.84
N LEU B 52 10.63 -7.95 -8.13
CA LEU B 52 9.64 -7.07 -8.81
C LEU B 52 9.01 -7.83 -9.97
N ALA B 53 7.74 -7.63 -10.19
CA ALA B 53 7.07 -8.36 -11.30
C ALA B 53 7.44 -7.77 -12.65
N TYR B 54 7.39 -8.58 -13.67
CA TYR B 54 7.70 -8.08 -15.03
C TYR B 54 6.99 -8.94 -16.04
N CYS B 55 6.46 -8.38 -17.07
CA CYS B 55 5.77 -9.23 -18.06
C CYS B 55 6.75 -10.28 -18.58
N GLU B 56 6.31 -11.16 -19.44
CA GLU B 56 7.23 -12.19 -20.00
C GLU B 56 8.33 -11.49 -20.83
N THR B 57 7.98 -10.43 -21.50
CA THR B 57 8.96 -9.73 -22.36
C THR B 57 9.75 -8.69 -21.56
N HIS B 58 9.10 -7.93 -20.73
CA HIS B 58 9.85 -6.91 -19.95
C HIS B 58 10.79 -7.64 -19.00
N TYR B 59 10.30 -8.65 -18.36
CA TYR B 59 11.17 -9.42 -17.45
C TYR B 59 12.40 -9.79 -18.24
N ASN B 60 12.18 -10.45 -19.33
CA ASN B 60 13.31 -10.86 -20.17
C ASN B 60 14.01 -9.63 -20.72
N GLN B 61 13.26 -8.66 -21.20
CA GLN B 61 13.93 -7.44 -21.71
C GLN B 61 14.81 -6.91 -20.59
N LEU B 62 14.36 -7.10 -19.39
CA LEU B 62 15.13 -6.65 -18.21
C LEU B 62 16.24 -7.67 -17.92
N PHE B 63 15.97 -8.92 -18.14
CA PHE B 63 17.01 -9.97 -17.87
C PHE B 63 16.70 -11.23 -18.67
N GLY B 64 15.80 -12.04 -18.18
CA GLY B 64 15.46 -13.30 -18.88
C GLY B 64 16.42 -14.41 -18.46
N ASP B 65 16.88 -14.36 -17.24
CA ASP B 65 17.82 -15.42 -16.76
C ASP B 65 18.93 -15.63 -17.80
N VAL B 66 19.57 -14.56 -18.21
CA VAL B 66 20.66 -14.70 -19.22
C VAL B 66 21.53 -13.43 -19.21
N GLN A 1 -10.92 21.41 6.49
CA GLN A 1 -10.48 21.92 5.15
C GLN A 1 -9.59 20.86 4.48
N GLY A 2 -9.48 19.70 5.07
CA GLY A 2 -8.63 18.64 4.46
C GLY A 2 -8.90 17.31 5.16
N SER A 3 -10.01 16.70 4.89
CA SER A 3 -10.33 15.40 5.55
C SER A 3 -11.42 14.67 4.75
N ARG A 4 -11.41 14.80 3.45
CA ARG A 4 -12.45 14.12 2.63
C ARG A 4 -12.15 12.62 2.60
N VAL A 5 -13.16 11.80 2.50
CA VAL A 5 -12.93 10.34 2.46
C VAL A 5 -12.18 9.98 1.17
N LEU A 6 -10.88 9.91 1.23
CA LEU A 6 -10.06 9.57 0.03
C LEU A 6 -9.24 8.32 0.36
N HIS A 7 -8.49 8.40 1.43
CA HIS A 7 -7.66 7.23 1.86
C HIS A 7 -7.61 7.18 3.38
N VAL A 8 -8.68 6.78 4.00
CA VAL A 8 -8.68 6.70 5.49
C VAL A 8 -7.75 5.55 5.87
N VAL A 9 -7.21 5.51 7.07
CA VAL A 9 -6.28 4.38 7.39
C VAL A 9 -6.40 3.95 8.86
N GLN A 10 -6.53 2.66 9.06
CA GLN A 10 -6.63 2.11 10.45
C GLN A 10 -5.27 1.57 10.88
N THR A 11 -4.80 1.96 12.02
CA THR A 11 -3.48 1.49 12.51
C THR A 11 -3.50 -0.01 12.74
N LEU A 12 -2.35 -0.59 12.65
CA LEU A 12 -2.19 -2.06 12.85
C LEU A 12 -1.35 -2.25 14.11
N TYR A 13 -0.67 -1.22 14.55
CA TYR A 13 0.18 -1.36 15.79
C TYR A 13 0.26 -0.02 16.55
N PRO A 14 0.31 -0.06 17.89
CA PRO A 14 0.43 1.19 18.69
C PRO A 14 1.86 1.73 18.55
N PHE A 15 2.14 2.43 17.49
CA PHE A 15 3.53 2.97 17.31
C PHE A 15 3.81 4.11 18.28
N SER A 16 5.04 4.53 18.35
CA SER A 16 5.42 5.65 19.26
C SER A 16 6.38 6.59 18.54
N SER A 17 5.92 7.78 18.25
CA SER A 17 6.76 8.78 17.54
C SER A 17 6.60 10.12 18.25
N VAL A 18 7.64 10.60 18.91
CA VAL A 18 7.54 11.90 19.62
C VAL A 18 8.72 12.78 19.22
N THR A 19 8.48 13.58 18.26
CA THR A 19 9.50 14.55 17.76
C THR A 19 8.77 15.82 17.36
N GLU A 20 9.31 16.54 16.44
CA GLU A 20 8.68 17.75 15.96
C GLU A 20 7.63 17.31 14.92
N GLU A 21 8.04 16.56 13.92
CA GLU A 21 7.13 16.13 12.85
C GLU A 21 6.83 14.61 12.97
N GLU A 22 6.86 14.06 14.15
CA GLU A 22 6.60 12.59 14.31
C GLU A 22 5.15 12.37 14.79
N LEU A 23 4.54 11.24 14.44
CA LEU A 23 3.12 10.96 14.83
C LEU A 23 3.06 9.82 15.87
N ASN A 24 2.69 10.10 17.08
CA ASN A 24 2.55 9.01 18.10
C ASN A 24 1.08 8.61 18.12
N PHE A 25 0.76 7.35 17.97
CA PHE A 25 -0.69 7.00 17.95
C PHE A 25 -0.91 5.57 18.43
N GLU A 26 -1.96 5.37 19.16
CA GLU A 26 -2.26 4.02 19.69
C GLU A 26 -3.00 3.23 18.60
N LYS A 27 -2.93 1.95 18.64
CA LYS A 27 -3.62 1.15 17.60
C LYS A 27 -5.10 1.54 17.56
N GLY A 28 -5.69 1.50 16.40
CA GLY A 28 -7.13 1.88 16.29
C GLY A 28 -7.24 3.40 16.12
N GLU A 29 -6.40 3.99 15.31
CA GLU A 29 -6.43 5.47 15.10
C GLU A 29 -6.74 5.78 13.63
N THR A 30 -7.86 6.38 13.36
CA THR A 30 -8.19 6.73 11.95
C THR A 30 -7.30 7.90 11.55
N MET A 31 -6.32 7.70 10.71
CA MET A 31 -5.47 8.86 10.33
C MET A 31 -5.79 9.33 8.92
N GLU A 32 -5.92 10.60 8.82
CA GLU A 32 -6.27 11.27 7.56
C GLU A 32 -4.95 11.60 6.84
N VAL A 33 -4.62 10.84 5.85
CA VAL A 33 -3.33 11.05 5.13
C VAL A 33 -3.30 12.42 4.45
N ILE A 34 -2.79 13.44 5.11
CA ILE A 34 -2.72 14.78 4.46
C ILE A 34 -1.87 14.72 3.18
N GLU A 35 -0.68 14.16 3.26
CA GLU A 35 0.22 14.11 2.06
C GLU A 35 1.06 12.86 2.07
N LYS A 36 1.53 12.47 0.91
CA LYS A 36 2.34 11.23 0.79
C LYS A 36 3.58 11.48 -0.09
N PRO A 37 4.49 12.31 0.35
CA PRO A 37 5.72 12.58 -0.39
C PRO A 37 6.66 11.40 -0.24
N GLU A 38 7.65 11.34 -1.06
CA GLU A 38 8.63 10.21 -0.96
C GLU A 38 9.78 10.66 -0.04
N ASN A 39 10.28 11.85 -0.27
CA ASN A 39 11.38 12.43 0.56
C ASN A 39 12.60 11.50 0.51
N ASP A 40 12.42 10.29 0.93
CA ASP A 40 13.54 9.29 0.91
C ASP A 40 13.22 8.04 1.77
N PRO A 41 12.76 8.24 2.97
CA PRO A 41 12.43 7.14 3.90
C PRO A 41 11.21 6.38 3.39
N GLU A 42 10.10 7.08 3.25
CA GLU A 42 8.78 6.48 2.76
C GLU A 42 7.66 6.93 3.72
N TRP A 43 7.94 7.83 4.62
CA TRP A 43 6.88 8.29 5.57
C TRP A 43 5.85 9.17 4.85
N TRP A 44 4.73 9.42 5.49
CA TRP A 44 3.64 10.25 4.87
C TRP A 44 3.21 11.33 5.86
N LYS A 45 2.85 12.50 5.38
CA LYS A 45 2.34 13.52 6.33
C LYS A 45 0.90 13.14 6.60
N CYS A 46 0.65 12.46 7.67
CA CYS A 46 -0.75 12.01 7.96
C CYS A 46 -1.25 12.67 9.22
N LYS A 47 -2.39 13.27 9.15
CA LYS A 47 -2.98 13.89 10.35
C LYS A 47 -3.66 12.77 11.11
N ASN A 48 -3.76 12.84 12.42
CA ASN A 48 -4.50 11.73 13.11
C ASN A 48 -5.94 12.20 13.35
N ALA A 49 -6.96 11.46 12.95
CA ALA A 49 -8.33 11.99 13.16
C ALA A 49 -8.45 12.43 14.62
N ARG A 50 -7.57 11.94 15.46
CA ARG A 50 -7.60 12.37 16.87
C ARG A 50 -7.28 13.86 16.88
N GLY A 51 -6.98 14.37 15.73
CA GLY A 51 -6.71 15.82 15.55
C GLY A 51 -5.21 16.14 15.66
N GLN A 52 -4.32 15.27 15.22
CA GLN A 52 -2.84 15.60 15.31
C GLN A 52 -2.08 15.21 14.05
N VAL A 53 -0.88 15.72 13.86
CA VAL A 53 -0.12 15.40 12.61
C VAL A 53 1.33 15.01 12.90
N GLY A 54 1.89 14.25 11.99
CA GLY A 54 3.31 13.79 12.13
C GLY A 54 3.62 12.77 11.04
N LEU A 55 4.86 12.60 10.69
CA LEU A 55 5.24 11.61 9.64
C LEU A 55 5.08 10.19 10.23
N VAL A 56 4.77 9.22 9.39
CA VAL A 56 4.59 7.82 9.93
C VAL A 56 4.85 6.81 8.79
N PRO A 57 5.58 5.73 9.05
CA PRO A 57 5.81 4.72 8.00
C PRO A 57 4.48 4.33 7.35
N LYS A 58 4.30 4.67 6.11
CA LYS A 58 3.03 4.36 5.42
C LYS A 58 2.77 2.85 5.39
N ASN A 59 3.63 2.08 6.00
CA ASN A 59 3.45 0.58 6.03
C ASN A 59 2.89 0.17 7.39
N TYR A 60 2.81 1.07 8.32
CA TYR A 60 2.28 0.74 9.68
C TYR A 60 0.76 0.94 9.70
N VAL A 61 0.16 1.18 8.56
CA VAL A 61 -1.32 1.40 8.52
C VAL A 61 -1.88 0.87 7.19
N VAL A 62 -3.14 0.54 7.15
CA VAL A 62 -3.76 0.04 5.87
C VAL A 62 -4.65 1.14 5.30
N VAL A 63 -4.97 1.08 4.04
CA VAL A 63 -5.85 2.13 3.42
C VAL A 63 -7.23 1.55 3.14
N LEU A 64 -8.27 2.28 3.49
CA LEU A 64 -9.66 1.80 3.26
C LEU A 64 -10.27 2.55 2.06
N SER A 65 -10.43 3.85 2.17
CA SER A 65 -11.02 4.61 1.04
C SER A 65 -10.02 4.66 -0.12
N ASP A 66 -10.51 4.76 -1.33
CA ASP A 66 -9.60 4.80 -2.51
C ASP A 66 -10.20 5.69 -3.59
N GLY A 67 -9.37 6.29 -4.42
CA GLY A 67 -9.90 7.17 -5.49
C GLY A 67 -10.33 6.32 -6.70
N PRO A 68 -9.37 5.70 -7.36
CA PRO A 68 -9.67 4.86 -8.54
C PRO A 68 -10.61 3.72 -8.12
N ALA A 69 -11.90 3.91 -8.26
CA ALA A 69 -12.88 2.85 -7.91
C ALA A 69 -13.59 2.41 -9.18
N LEU A 70 -12.96 1.54 -9.91
CA LEU A 70 -13.57 1.04 -11.18
C LEU A 70 -14.52 -0.11 -10.87
N HIS A 71 -15.75 -0.01 -11.30
CA HIS A 71 -16.73 -1.11 -11.01
C HIS A 71 -16.69 -1.46 -9.53
N GLY B 1 -10.05 -13.40 17.79
CA GLY B 1 -10.43 -12.47 16.70
C GLY B 1 -9.18 -11.93 16.01
N SER B 2 -8.31 -12.81 15.56
CA SER B 2 -7.07 -12.34 14.89
C SER B 2 -7.39 -11.94 13.45
N MET B 3 -6.60 -11.09 12.87
CA MET B 3 -6.86 -10.66 11.46
C MET B 3 -7.08 -11.89 10.59
N GLY B 4 -7.56 -11.70 9.39
CA GLY B 4 -7.82 -12.87 8.49
C GLY B 4 -8.14 -12.37 7.08
N VAL B 5 -7.37 -11.44 6.57
CA VAL B 5 -7.64 -10.91 5.21
C VAL B 5 -6.33 -10.35 4.62
N PRO B 6 -6.04 -10.75 3.40
CA PRO B 6 -4.84 -10.27 2.70
C PRO B 6 -5.08 -8.85 2.25
N ILE B 7 -4.04 -8.16 1.91
CA ILE B 7 -4.20 -6.76 1.46
C ILE B 7 -3.35 -6.52 0.23
N CYS B 8 -3.99 -6.16 -0.84
CA CYS B 8 -3.26 -5.95 -2.11
C CYS B 8 -2.20 -4.87 -1.92
N GLY B 9 -0.96 -5.25 -2.09
CA GLY B 9 0.14 -4.26 -1.92
C GLY B 9 0.03 -3.18 -2.99
N ALA B 10 -0.96 -3.29 -3.84
CA ALA B 10 -1.12 -2.27 -4.92
C ALA B 10 -1.94 -1.09 -4.38
N CYS B 11 -3.04 -1.38 -3.75
CA CYS B 11 -3.90 -0.29 -3.20
C CYS B 11 -3.95 -0.41 -1.68
N ARG B 12 -3.19 -1.34 -1.13
CA ARG B 12 -3.20 -1.50 0.35
C ARG B 12 -4.64 -1.69 0.81
N ARG B 13 -5.41 -2.46 0.06
CA ARG B 13 -6.83 -2.70 0.43
C ARG B 13 -7.01 -4.19 0.74
N PRO B 14 -7.83 -4.50 1.71
CA PRO B 14 -8.07 -5.90 2.09
C PRO B 14 -8.56 -6.71 0.90
N ILE B 15 -7.75 -7.65 0.44
CA ILE B 15 -8.18 -8.48 -0.72
C ILE B 15 -9.31 -9.41 -0.27
N GLU B 16 -10.10 -9.91 -1.18
CA GLU B 16 -11.23 -10.80 -0.76
C GLU B 16 -11.72 -11.64 -1.94
N GLY B 17 -10.87 -12.45 -2.49
CA GLY B 17 -11.26 -13.32 -3.63
C GLY B 17 -10.08 -14.21 -3.97
N ARG B 18 -9.36 -13.88 -5.00
CA ARG B 18 -8.17 -14.66 -5.37
C ARG B 18 -6.96 -13.75 -5.13
N VAL B 19 -6.06 -14.18 -4.29
CA VAL B 19 -4.89 -13.32 -3.96
C VAL B 19 -3.66 -13.75 -4.76
N VAL B 20 -2.71 -12.85 -4.90
CA VAL B 20 -1.46 -13.18 -5.62
C VAL B 20 -0.31 -12.93 -4.66
N ASN B 21 0.42 -13.95 -4.30
CA ASN B 21 1.53 -13.75 -3.34
C ASN B 21 2.81 -13.42 -4.11
N ALA B 22 3.23 -12.18 -4.08
CA ALA B 22 4.46 -11.79 -4.81
C ALA B 22 5.19 -10.73 -3.99
N MET B 23 6.46 -10.54 -4.22
CA MET B 23 7.19 -9.51 -3.45
C MET B 23 7.07 -9.85 -1.97
N GLY B 24 6.70 -11.06 -1.70
CA GLY B 24 6.52 -11.49 -0.28
C GLY B 24 5.30 -10.78 0.27
N LYS B 25 4.39 -10.41 -0.60
CA LYS B 25 3.16 -9.69 -0.17
C LYS B 25 1.93 -10.37 -0.78
N GLN B 26 0.88 -9.62 -0.93
CA GLN B 26 -0.37 -10.16 -1.52
C GLN B 26 -0.86 -9.10 -2.52
N TRP B 27 -1.44 -9.51 -3.62
CA TRP B 27 -1.86 -8.49 -4.62
C TRP B 27 -3.20 -8.89 -5.26
N HIS B 28 -4.08 -7.95 -5.47
CA HIS B 28 -5.38 -8.32 -6.13
C HIS B 28 -5.01 -8.97 -7.46
N VAL B 29 -5.59 -10.09 -7.77
CA VAL B 29 -5.25 -10.75 -9.06
C VAL B 29 -5.46 -9.73 -10.18
N GLU B 30 -6.14 -8.67 -9.87
CA GLU B 30 -6.40 -7.63 -10.91
C GLU B 30 -5.36 -6.51 -10.83
N HIS B 31 -4.78 -6.28 -9.68
CA HIS B 31 -3.77 -5.18 -9.56
C HIS B 31 -2.35 -5.73 -9.66
N PHE B 32 -2.18 -7.02 -9.71
CA PHE B 32 -0.80 -7.55 -9.85
C PHE B 32 -0.44 -7.46 -11.32
N VAL B 33 0.41 -6.53 -11.66
CA VAL B 33 0.76 -6.34 -13.08
C VAL B 33 2.26 -6.20 -13.26
N CYS B 34 2.67 -6.13 -14.49
CA CYS B 34 4.12 -5.96 -14.81
C CYS B 34 4.60 -4.62 -14.24
N ALA B 35 5.83 -4.55 -13.84
CA ALA B 35 6.37 -3.29 -13.28
C ALA B 35 6.98 -2.44 -14.40
N LYS B 36 6.50 -2.58 -15.61
CA LYS B 36 7.05 -1.79 -16.75
C LYS B 36 5.90 -1.29 -17.65
N CYS B 37 4.85 -2.05 -17.74
CA CYS B 37 3.71 -1.65 -18.63
C CYS B 37 2.39 -1.70 -17.86
N GLU B 38 2.38 -2.36 -16.73
CA GLU B 38 1.14 -2.47 -15.92
C GLU B 38 0.14 -3.39 -16.61
N LYS B 39 0.59 -4.55 -17.04
CA LYS B 39 -0.34 -5.51 -17.69
C LYS B 39 -0.68 -6.59 -16.64
N PRO B 40 -1.91 -6.59 -16.16
CA PRO B 40 -2.34 -7.53 -15.13
C PRO B 40 -2.41 -8.96 -15.64
N PHE B 41 -1.95 -9.87 -14.84
CA PHE B 41 -2.00 -11.31 -15.24
C PHE B 41 -3.27 -11.95 -14.63
N LEU B 42 -4.41 -11.41 -14.92
CA LEU B 42 -5.67 -11.98 -14.35
C LEU B 42 -5.56 -13.51 -14.35
N GLY B 43 -5.30 -14.08 -15.49
CA GLY B 43 -5.16 -15.56 -15.59
C GLY B 43 -3.93 -15.89 -16.44
N HIS B 44 -2.93 -15.05 -16.40
CA HIS B 44 -1.70 -15.29 -17.21
C HIS B 44 -0.50 -15.50 -16.29
N ARG B 45 0.65 -15.74 -16.84
CA ARG B 45 1.88 -15.95 -16.02
C ARG B 45 2.62 -14.63 -15.88
N HIS B 46 3.24 -14.39 -14.75
CA HIS B 46 4.01 -13.12 -14.56
C HIS B 46 5.49 -13.44 -14.37
N TYR B 47 6.31 -12.43 -14.40
CA TYR B 47 7.77 -12.63 -14.25
C TYR B 47 8.30 -11.62 -13.23
N GLU B 48 9.17 -12.05 -12.34
CA GLU B 48 9.70 -11.12 -11.30
C GLU B 48 11.15 -10.72 -11.59
N ARG B 49 11.52 -9.53 -11.19
CA ARG B 49 12.92 -9.07 -11.42
C ARG B 49 13.32 -8.05 -10.35
N LYS B 50 14.44 -8.25 -9.73
CA LYS B 50 14.91 -7.31 -8.68
C LYS B 50 13.82 -7.06 -7.68
N GLY B 51 12.89 -7.97 -7.58
CA GLY B 51 11.78 -7.78 -6.60
C GLY B 51 10.67 -6.96 -7.24
N LEU B 52 10.51 -7.08 -8.52
CA LEU B 52 9.44 -6.33 -9.22
C LEU B 52 8.85 -7.20 -10.32
N ALA B 53 7.57 -7.12 -10.54
CA ALA B 53 6.95 -7.97 -11.57
C ALA B 53 7.23 -7.41 -12.96
N TYR B 54 7.24 -8.27 -13.95
CA TYR B 54 7.48 -7.82 -15.33
C TYR B 54 6.83 -8.80 -16.28
N CYS B 55 6.23 -8.33 -17.34
CA CYS B 55 5.60 -9.29 -18.27
C CYS B 55 6.67 -10.27 -18.76
N GLU B 56 6.29 -11.22 -19.56
CA GLU B 56 7.29 -12.19 -20.09
C GLU B 56 8.30 -11.46 -20.96
N THR B 57 7.84 -10.47 -21.69
CA THR B 57 8.74 -9.71 -22.60
C THR B 57 9.45 -8.57 -21.87
N HIS B 58 8.75 -7.83 -21.06
CA HIS B 58 9.43 -6.72 -20.36
C HIS B 58 10.44 -7.31 -19.39
N TYR B 59 10.05 -8.33 -18.68
CA TYR B 59 11.01 -8.97 -17.77
C TYR B 59 12.26 -9.27 -18.57
N ASN B 60 12.07 -10.00 -19.62
CA ASN B 60 13.22 -10.35 -20.46
C ASN B 60 13.79 -9.09 -21.08
N GLN B 61 12.96 -8.22 -21.59
CA GLN B 61 13.49 -6.96 -22.18
C GLN B 61 14.35 -6.32 -21.11
N LEU B 62 13.93 -6.48 -19.89
CA LEU B 62 14.70 -5.91 -18.74
C LEU B 62 15.89 -6.80 -18.44
N PHE B 63 15.74 -8.09 -18.59
CA PHE B 63 16.86 -9.02 -18.30
C PHE B 63 16.64 -10.34 -19.03
N GLY B 64 15.85 -11.20 -18.47
CA GLY B 64 15.60 -12.52 -19.11
C GLY B 64 16.66 -13.53 -18.65
N ASP B 65 17.14 -13.37 -17.45
CA ASP B 65 18.18 -14.32 -16.95
C ASP B 65 19.29 -14.47 -17.99
N VAL B 66 19.82 -13.38 -18.47
CA VAL B 66 20.90 -13.47 -19.50
C VAL B 66 21.64 -12.14 -19.56
N GLN A 1 -11.83 21.14 9.55
CA GLN A 1 -11.62 21.83 8.24
C GLN A 1 -10.82 20.92 7.31
N GLY A 2 -10.58 19.70 7.71
CA GLY A 2 -9.80 18.77 6.85
C GLY A 2 -9.92 17.35 7.41
N SER A 3 -11.04 16.71 7.22
CA SER A 3 -11.21 15.33 7.75
C SER A 3 -12.39 14.65 7.04
N ARG A 4 -12.59 14.95 5.79
CA ARG A 4 -13.72 14.32 5.05
C ARG A 4 -13.38 12.85 4.77
N VAL A 5 -14.36 12.01 4.72
CA VAL A 5 -14.10 10.57 4.45
C VAL A 5 -13.55 10.41 3.03
N LEU A 6 -12.26 10.42 2.88
CA LEU A 6 -11.62 10.26 1.54
C LEU A 6 -10.72 9.03 1.57
N HIS A 7 -9.82 9.00 2.51
CA HIS A 7 -8.89 7.85 2.64
C HIS A 7 -8.60 7.61 4.12
N VAL A 8 -9.55 7.07 4.86
CA VAL A 8 -9.31 6.81 6.29
C VAL A 8 -8.29 5.67 6.38
N VAL A 9 -7.58 5.50 7.47
CA VAL A 9 -6.56 4.40 7.49
C VAL A 9 -6.44 3.78 8.88
N GLN A 10 -6.49 2.47 8.94
CA GLN A 10 -6.36 1.75 10.23
C GLN A 10 -4.93 1.24 10.38
N THR A 11 -4.30 1.50 11.49
CA THR A 11 -2.90 1.04 11.69
C THR A 11 -2.84 -0.48 11.71
N LEU A 12 -1.70 -0.98 11.38
CA LEU A 12 -1.45 -2.45 11.36
C LEU A 12 -0.42 -2.76 12.45
N TYR A 13 0.29 -1.75 12.90
CA TYR A 13 1.32 -2.00 13.96
C TYR A 13 1.48 -0.76 14.89
N PRO A 14 1.74 -0.96 16.18
CA PRO A 14 1.95 0.17 17.11
C PRO A 14 3.31 0.81 16.82
N PHE A 15 3.41 1.65 15.84
CA PHE A 15 4.72 2.28 15.52
C PHE A 15 5.12 3.30 16.58
N SER A 16 6.34 3.77 16.51
CA SER A 16 6.82 4.79 17.50
C SER A 16 7.62 5.86 16.78
N SER A 17 7.08 7.05 16.70
CA SER A 17 7.77 8.18 16.02
C SER A 17 7.67 9.41 16.92
N VAL A 18 8.79 9.85 17.46
CA VAL A 18 8.77 11.04 18.35
C VAL A 18 9.84 12.02 17.89
N THR A 19 9.42 12.94 17.10
CA THR A 19 10.32 14.01 16.58
C THR A 19 9.48 15.28 16.47
N GLU A 20 9.86 16.13 15.57
CA GLU A 20 9.12 17.35 15.35
C GLU A 20 7.94 17.00 14.43
N GLU A 21 8.21 16.40 13.30
CA GLU A 21 7.15 16.05 12.34
C GLU A 21 6.93 14.52 12.30
N GLU A 22 7.16 13.83 13.38
CA GLU A 22 6.97 12.34 13.39
C GLU A 22 5.62 11.98 14.05
N LEU A 23 5.01 10.88 13.64
CA LEU A 23 3.67 10.48 14.22
C LEU A 23 3.82 9.22 15.08
N ASN A 24 3.64 9.33 16.36
CA ASN A 24 3.69 8.11 17.24
C ASN A 24 2.25 7.64 17.42
N PHE A 25 1.95 6.39 17.16
CA PHE A 25 0.53 5.96 17.32
C PHE A 25 0.45 4.48 17.64
N GLU A 26 -0.48 4.13 18.49
CA GLU A 26 -0.65 2.71 18.87
C GLU A 26 -1.52 2.03 17.82
N LYS A 27 -1.41 0.76 17.68
CA LYS A 27 -2.23 0.06 16.66
C LYS A 27 -3.70 0.37 16.89
N GLY A 28 -4.48 0.45 15.85
CA GLY A 28 -5.92 0.77 15.99
C GLY A 28 -6.10 2.28 16.06
N GLU A 29 -5.42 3.01 15.21
CA GLU A 29 -5.53 4.51 15.20
C GLU A 29 -6.07 4.99 13.85
N THR A 30 -7.24 5.55 13.83
CA THR A 30 -7.80 6.06 12.55
C THR A 30 -7.03 7.31 12.18
N MET A 31 -6.19 7.27 11.18
CA MET A 31 -5.44 8.50 10.82
C MET A 31 -6.01 9.13 9.56
N GLU A 32 -6.17 10.40 9.65
CA GLU A 32 -6.74 11.21 8.55
C GLU A 32 -5.58 11.69 7.69
N VAL A 33 -5.38 11.07 6.56
CA VAL A 33 -4.23 11.45 5.71
C VAL A 33 -4.34 12.90 5.20
N ILE A 34 -3.77 13.84 5.91
CA ILE A 34 -3.84 15.27 5.44
C ILE A 34 -3.21 15.40 4.05
N GLU A 35 -2.01 14.90 3.87
CA GLU A 35 -1.32 15.05 2.55
C GLU A 35 -0.44 13.85 2.27
N LYS A 36 -0.15 13.63 1.01
CA LYS A 36 0.69 12.46 0.61
C LYS A 36 1.76 12.88 -0.41
N PRO A 37 2.69 13.71 -0.01
CA PRO A 37 3.79 14.13 -0.89
C PRO A 37 4.77 12.98 -1.04
N GLU A 38 5.63 13.08 -2.00
CA GLU A 38 6.65 12.00 -2.20
C GLU A 38 7.91 12.39 -1.42
N ASN A 39 8.33 13.63 -1.55
CA ASN A 39 9.53 14.15 -0.84
C ASN A 39 10.76 13.31 -1.19
N ASP A 40 10.69 12.04 -0.91
CA ASP A 40 11.81 11.11 -1.23
C ASP A 40 11.68 9.75 -0.51
N PRO A 41 11.41 9.77 0.77
CA PRO A 41 11.27 8.55 1.57
C PRO A 41 10.01 7.79 1.16
N GLU A 42 8.85 8.44 1.28
CA GLU A 42 7.51 7.86 0.93
C GLU A 42 6.53 8.11 2.10
N TRP A 43 6.92 8.91 3.06
CA TRP A 43 6.02 9.20 4.21
C TRP A 43 4.85 10.10 3.78
N TRP A 44 3.84 10.20 4.61
CA TRP A 44 2.63 11.04 4.27
C TRP A 44 2.33 11.98 5.45
N LYS A 45 1.87 13.18 5.20
CA LYS A 45 1.48 14.05 6.33
C LYS A 45 0.12 13.56 6.77
N CYS A 46 0.06 12.72 7.77
CA CYS A 46 -1.26 12.18 8.20
C CYS A 46 -1.58 12.64 9.60
N LYS A 47 -2.74 13.19 9.78
CA LYS A 47 -3.14 13.62 11.13
C LYS A 47 -3.67 12.39 11.84
N ASN A 48 -3.56 12.28 13.14
CA ASN A 48 -4.14 11.05 13.79
C ASN A 48 -5.53 11.43 14.28
N ALA A 49 -6.59 10.68 13.97
CA ALA A 49 -7.92 11.11 14.45
C ALA A 49 -7.83 11.35 15.95
N ARG A 50 -6.80 10.82 16.58
CA ARG A 50 -6.63 11.05 18.03
C ARG A 50 -6.37 12.56 18.18
N GLY A 51 -6.26 13.22 17.07
CA GLY A 51 -6.06 14.69 17.05
C GLY A 51 -4.57 15.07 16.97
N GLN A 52 -3.74 14.31 16.28
CA GLN A 52 -2.28 14.71 16.20
C GLN A 52 -1.73 14.51 14.79
N VAL A 53 -0.58 15.11 14.49
CA VAL A 53 -0.01 14.99 13.11
C VAL A 53 1.47 14.64 13.12
N GLY A 54 1.91 14.02 12.05
CA GLY A 54 3.34 13.63 11.91
C GLY A 54 3.50 12.77 10.64
N LEU A 55 4.69 12.71 10.11
CA LEU A 55 4.93 11.87 8.88
C LEU A 55 4.90 10.40 9.30
N VAL A 56 4.51 9.52 8.40
CA VAL A 56 4.46 8.07 8.76
C VAL A 56 4.57 7.21 7.48
N PRO A 57 5.36 6.14 7.48
CA PRO A 57 5.46 5.30 6.28
C PRO A 57 4.05 4.92 5.80
N LYS A 58 3.67 5.40 4.65
CA LYS A 58 2.31 5.11 4.13
C LYS A 58 2.10 3.61 3.95
N ASN A 59 3.08 2.81 4.31
CA ASN A 59 2.95 1.32 4.16
C ASN A 59 2.62 0.71 5.53
N TYR A 60 2.66 1.48 6.57
CA TYR A 60 2.37 0.95 7.95
C TYR A 60 0.86 1.06 8.21
N VAL A 61 0.08 1.42 7.23
CA VAL A 61 -1.40 1.56 7.44
C VAL A 61 -2.13 1.18 6.15
N VAL A 62 -3.38 0.79 6.27
CA VAL A 62 -4.18 0.43 5.04
C VAL A 62 -5.18 1.54 4.77
N VAL A 63 -5.69 1.61 3.58
CA VAL A 63 -6.69 2.69 3.23
C VAL A 63 -8.09 2.08 3.10
N LEU A 64 -9.08 2.71 3.69
CA LEU A 64 -10.47 2.18 3.62
C LEU A 64 -11.29 3.05 2.64
N SER A 65 -11.47 4.31 2.94
CA SER A 65 -12.25 5.18 2.02
C SER A 65 -11.45 5.42 0.73
N ASP A 66 -12.12 5.64 -0.36
CA ASP A 66 -11.41 5.88 -1.66
C ASP A 66 -12.21 6.87 -2.50
N GLY A 67 -11.55 7.60 -3.36
CA GLY A 67 -12.27 8.59 -4.22
C GLY A 67 -12.86 7.87 -5.44
N PRO A 68 -11.99 7.40 -6.32
CA PRO A 68 -12.44 6.69 -7.54
C PRO A 68 -13.27 5.45 -7.13
N ALA A 69 -14.57 5.60 -7.06
CA ALA A 69 -15.45 4.45 -6.70
C ALA A 69 -16.33 4.14 -7.89
N LEU A 70 -15.80 3.40 -8.81
CA LEU A 70 -16.58 3.03 -10.04
C LEU A 70 -17.44 1.80 -9.73
N HIS A 71 -18.71 1.89 -9.95
CA HIS A 71 -19.60 0.71 -9.68
C HIS A 71 -19.32 0.18 -8.27
N GLY B 1 -12.11 -12.93 17.09
CA GLY B 1 -12.35 -11.95 15.99
C GLY B 1 -11.00 -11.52 15.41
N SER B 2 -10.19 -12.45 15.00
CA SER B 2 -8.86 -12.09 14.43
C SER B 2 -9.04 -11.63 12.98
N MET B 3 -8.12 -10.85 12.47
CA MET B 3 -8.25 -10.36 11.07
C MET B 3 -8.53 -11.56 10.14
N GLY B 4 -8.90 -11.29 8.92
CA GLY B 4 -9.19 -12.40 7.97
C GLY B 4 -9.37 -11.84 6.56
N VAL B 5 -8.48 -10.98 6.14
CA VAL B 5 -8.60 -10.41 4.77
C VAL B 5 -7.22 -9.95 4.29
N PRO B 6 -6.87 -10.35 3.08
CA PRO B 6 -5.59 -9.97 2.49
C PRO B 6 -5.66 -8.52 2.05
N ILE B 7 -4.54 -7.93 1.81
CA ILE B 7 -4.55 -6.52 1.39
C ILE B 7 -3.59 -6.32 0.23
N CYS B 8 -4.12 -5.88 -0.88
CA CYS B 8 -3.29 -5.71 -2.08
C CYS B 8 -2.16 -4.74 -1.80
N GLY B 9 -0.95 -5.22 -1.88
CA GLY B 9 0.23 -4.34 -1.62
C GLY B 9 0.28 -3.24 -2.67
N ALA B 10 -0.64 -3.23 -3.59
CA ALA B 10 -0.64 -2.18 -4.64
C ALA B 10 -1.38 -0.94 -4.13
N CYS B 11 -2.55 -1.14 -3.59
CA CYS B 11 -3.34 0.01 -3.06
C CYS B 11 -3.51 -0.15 -1.55
N ARG B 12 -2.88 -1.14 -0.97
CA ARG B 12 -3.01 -1.35 0.50
C ARG B 12 -4.49 -1.41 0.84
N ARG B 13 -5.27 -2.09 0.03
CA ARG B 13 -6.73 -2.20 0.28
C ARG B 13 -7.06 -3.68 0.55
N PRO B 14 -7.97 -3.93 1.45
CA PRO B 14 -8.36 -5.31 1.78
C PRO B 14 -8.83 -6.05 0.52
N ILE B 15 -8.09 -7.05 0.11
CA ILE B 15 -8.50 -7.82 -1.11
C ILE B 15 -9.74 -8.65 -0.76
N GLU B 16 -10.50 -9.05 -1.74
CA GLU B 16 -11.73 -9.85 -1.42
C GLU B 16 -12.21 -10.61 -2.67
N GLY B 17 -11.40 -11.48 -3.17
CA GLY B 17 -11.78 -12.28 -4.36
C GLY B 17 -10.66 -13.27 -4.64
N ARG B 18 -9.85 -12.99 -5.61
CA ARG B 18 -8.70 -13.87 -5.91
C ARG B 18 -7.44 -13.08 -5.57
N VAL B 19 -6.65 -13.60 -4.69
CA VAL B 19 -5.42 -12.86 -4.25
C VAL B 19 -4.18 -13.39 -4.97
N VAL B 20 -3.16 -12.57 -5.02
CA VAL B 20 -1.88 -13.00 -5.66
C VAL B 20 -0.79 -12.87 -4.62
N ASN B 21 -0.19 -13.96 -4.23
CA ASN B 21 0.86 -13.88 -3.19
C ASN B 21 2.22 -13.66 -3.86
N ALA B 22 2.74 -12.46 -3.77
CA ALA B 22 4.05 -12.18 -4.40
C ALA B 22 4.81 -11.19 -3.50
N MET B 23 6.10 -11.11 -3.64
CA MET B 23 6.88 -10.18 -2.79
C MET B 23 6.62 -10.54 -1.34
N GLY B 24 6.12 -11.71 -1.13
CA GLY B 24 5.81 -12.15 0.26
C GLY B 24 4.62 -11.35 0.75
N LYS B 25 3.81 -10.87 -0.17
CA LYS B 25 2.62 -10.06 0.20
C LYS B 25 1.38 -10.60 -0.51
N GLN B 26 0.41 -9.76 -0.72
CA GLN B 26 -0.84 -10.16 -1.41
C GLN B 26 -1.16 -9.06 -2.42
N TRP B 27 -1.68 -9.38 -3.57
CA TRP B 27 -1.95 -8.31 -4.57
C TRP B 27 -3.26 -8.57 -5.31
N HIS B 28 -4.05 -7.55 -5.55
CA HIS B 28 -5.30 -7.78 -6.31
C HIS B 28 -4.92 -8.44 -7.63
N VAL B 29 -5.56 -9.50 -8.00
CA VAL B 29 -5.20 -10.16 -9.29
C VAL B 29 -5.23 -9.11 -10.39
N GLU B 30 -5.83 -7.98 -10.10
CA GLU B 30 -5.93 -6.91 -11.13
C GLU B 30 -4.80 -5.89 -10.94
N HIS B 31 -4.28 -5.74 -9.75
CA HIS B 31 -3.18 -4.74 -9.53
C HIS B 31 -1.82 -5.41 -9.55
N PHE B 32 -1.76 -6.71 -9.61
CA PHE B 32 -0.43 -7.36 -9.67
C PHE B 32 0.04 -7.27 -11.11
N VAL B 33 0.98 -6.42 -11.37
CA VAL B 33 1.46 -6.23 -12.77
C VAL B 33 2.97 -6.23 -12.84
N CYS B 34 3.48 -6.17 -14.02
CA CYS B 34 4.95 -6.11 -14.24
C CYS B 34 5.51 -4.84 -13.60
N ALA B 35 6.72 -4.89 -13.13
CA ALA B 35 7.31 -3.70 -12.48
C ALA B 35 8.08 -2.89 -13.53
N LYS B 36 7.67 -2.95 -14.78
CA LYS B 36 8.37 -2.18 -15.86
C LYS B 36 7.34 -1.58 -16.82
N CYS B 37 6.23 -2.24 -17.01
CA CYS B 37 5.20 -1.70 -17.95
C CYS B 37 3.83 -1.66 -17.27
N GLU B 38 3.68 -2.34 -16.17
CA GLU B 38 2.39 -2.34 -15.46
C GLU B 38 1.36 -3.16 -16.24
N LYS B 39 1.73 -4.34 -16.66
CA LYS B 39 0.78 -5.21 -17.41
C LYS B 39 0.26 -6.27 -16.41
N PRO B 40 -0.99 -6.17 -16.02
CA PRO B 40 -1.58 -7.09 -15.04
C PRO B 40 -1.74 -8.50 -15.60
N PHE B 41 -1.43 -9.48 -14.80
CA PHE B 41 -1.58 -10.89 -15.24
C PHE B 41 -2.93 -11.42 -14.73
N LEU B 42 -4.00 -10.77 -15.09
CA LEU B 42 -5.34 -11.24 -14.63
C LEU B 42 -5.37 -12.77 -14.65
N GLY B 43 -5.08 -13.33 -15.79
CA GLY B 43 -5.07 -14.82 -15.92
C GLY B 43 -3.81 -15.24 -16.70
N HIS B 44 -2.75 -14.49 -16.57
CA HIS B 44 -1.49 -14.83 -17.30
C HIS B 44 -0.38 -15.16 -16.30
N ARG B 45 0.78 -15.50 -16.79
CA ARG B 45 1.92 -15.84 -15.88
C ARG B 45 2.78 -14.59 -15.65
N HIS B 46 3.33 -14.44 -14.48
CA HIS B 46 4.19 -13.24 -14.20
C HIS B 46 5.61 -13.70 -13.92
N TYR B 47 6.51 -12.77 -13.87
CA TYR B 47 7.94 -13.11 -13.61
C TYR B 47 8.49 -12.17 -12.53
N GLU B 48 9.25 -12.69 -11.60
CA GLU B 48 9.78 -11.83 -10.50
C GLU B 48 11.28 -11.57 -10.66
N ARG B 49 11.73 -10.42 -10.22
CA ARG B 49 13.17 -10.09 -10.33
C ARG B 49 13.59 -9.12 -9.21
N LYS B 50 14.64 -9.44 -8.52
CA LYS B 50 15.13 -8.57 -7.42
C LYS B 50 13.98 -8.25 -6.48
N GLY B 51 12.97 -9.07 -6.48
CA GLY B 51 11.82 -8.80 -5.58
C GLY B 51 10.83 -7.87 -6.26
N LEU B 52 10.74 -7.95 -7.55
CA LEU B 52 9.80 -7.08 -8.31
C LEU B 52 9.22 -7.88 -9.47
N ALA B 53 7.97 -7.68 -9.76
CA ALA B 53 7.35 -8.45 -10.88
C ALA B 53 7.78 -7.89 -12.22
N TYR B 54 7.79 -8.72 -13.22
CA TYR B 54 8.16 -8.26 -14.58
C TYR B 54 7.49 -9.16 -15.60
N CYS B 55 7.01 -8.62 -16.67
CA CYS B 55 6.37 -9.49 -17.67
C CYS B 55 7.38 -10.56 -18.12
N GLU B 56 6.97 -11.46 -18.96
CA GLU B 56 7.92 -12.51 -19.45
C GLU B 56 9.05 -11.84 -20.24
N THR B 57 8.74 -10.80 -20.96
CA THR B 57 9.76 -10.11 -21.79
C THR B 57 10.51 -9.06 -20.98
N HIS B 58 9.83 -8.27 -20.20
CA HIS B 58 10.55 -7.24 -19.42
C HIS B 58 11.43 -7.94 -18.41
N TYR B 59 10.92 -8.94 -17.76
CA TYR B 59 11.74 -9.67 -16.80
C TYR B 59 13.01 -10.07 -17.51
N ASN B 60 12.83 -10.76 -18.59
CA ASN B 60 14.00 -11.20 -19.36
C ASN B 60 14.73 -9.98 -19.91
N GLN B 61 14.01 -9.03 -20.45
CA GLN B 61 14.70 -7.81 -20.97
C GLN B 61 15.53 -7.27 -19.82
N LEU B 62 15.02 -7.41 -18.64
CA LEU B 62 15.75 -6.93 -17.43
C LEU B 62 16.84 -7.95 -17.07
N PHE B 63 16.57 -9.20 -17.27
CA PHE B 63 17.58 -10.25 -16.92
C PHE B 63 17.31 -11.53 -17.69
N GLY B 64 16.40 -12.33 -17.22
CA GLY B 64 16.08 -13.61 -17.91
C GLY B 64 17.01 -14.71 -17.41
N ASP B 65 17.42 -14.62 -16.18
CA ASP B 65 18.33 -15.67 -15.63
C ASP B 65 19.49 -15.90 -16.60
N VAL B 66 20.15 -14.86 -17.01
CA VAL B 66 21.29 -15.02 -17.96
C VAL B 66 22.15 -13.76 -17.93
N GLN A 1 -11.30 21.45 8.22
CA GLN A 1 -10.97 22.04 6.89
C GLN A 1 -10.16 21.04 6.07
N GLY A 2 -10.00 19.84 6.57
CA GLY A 2 -9.22 18.82 5.81
C GLY A 2 -9.42 17.44 6.45
N SER A 3 -10.57 16.85 6.23
CA SER A 3 -10.83 15.51 6.82
C SER A 3 -11.99 14.84 6.09
N ARG A 4 -12.10 15.06 4.81
CA ARG A 4 -13.21 14.43 4.04
C ARG A 4 -12.93 12.94 3.88
N VAL A 5 -13.95 12.13 3.82
CA VAL A 5 -13.72 10.66 3.67
C VAL A 5 -13.10 10.39 2.29
N LEU A 6 -11.80 10.33 2.22
CA LEU A 6 -11.10 10.06 0.93
C LEU A 6 -10.26 8.81 1.10
N HIS A 7 -9.41 8.79 2.10
CA HIS A 7 -8.55 7.62 2.36
C HIS A 7 -8.36 7.46 3.87
N VAL A 8 -9.37 7.01 4.57
CA VAL A 8 -9.23 6.84 6.04
C VAL A 8 -8.28 5.67 6.25
N VAL A 9 -7.63 5.54 7.39
CA VAL A 9 -6.68 4.40 7.55
C VAL A 9 -6.67 3.87 8.99
N GLN A 10 -6.78 2.58 9.12
CA GLN A 10 -6.76 1.93 10.46
C GLN A 10 -5.36 1.36 10.73
N THR A 11 -4.80 1.68 11.85
CA THR A 11 -3.43 1.18 12.18
C THR A 11 -3.44 -0.33 12.31
N LEU A 12 -2.31 -0.91 12.07
CA LEU A 12 -2.13 -2.39 12.16
C LEU A 12 -1.18 -2.66 13.33
N TYR A 13 -0.45 -1.66 13.77
CA TYR A 13 0.50 -1.88 14.90
C TYR A 13 0.67 -0.59 15.74
N PRO A 14 0.84 -0.72 17.06
CA PRO A 14 1.04 0.46 17.93
C PRO A 14 2.45 1.03 17.70
N PHE A 15 2.64 1.79 16.67
CA PHE A 15 4.00 2.34 16.39
C PHE A 15 4.37 3.42 17.41
N SER A 16 5.61 3.84 17.39
CA SER A 16 6.08 4.89 18.34
C SER A 16 6.98 5.88 17.60
N SER A 17 6.50 7.08 17.43
CA SER A 17 7.27 8.13 16.72
C SER A 17 7.19 9.42 17.53
N VAL A 18 8.28 9.86 18.10
CA VAL A 18 8.26 11.09 18.91
C VAL A 18 9.40 12.00 18.46
N THR A 19 9.07 12.88 17.58
CA THR A 19 10.04 13.88 17.05
C THR A 19 9.28 15.17 16.82
N GLU A 20 9.74 15.94 15.90
CA GLU A 20 9.08 17.18 15.56
C GLU A 20 7.94 16.82 14.59
N GLU A 21 8.24 16.14 13.52
CA GLU A 21 7.24 15.77 12.52
C GLU A 21 6.94 14.26 12.55
N GLU A 22 7.09 13.62 13.69
CA GLU A 22 6.83 12.14 13.77
C GLU A 22 5.43 11.89 14.38
N LEU A 23 4.79 10.79 14.00
CA LEU A 23 3.41 10.47 14.51
C LEU A 23 3.43 9.27 15.45
N ASN A 24 3.18 9.47 16.72
CA ASN A 24 3.13 8.31 17.68
C ASN A 24 1.67 7.92 17.80
N PHE A 25 1.31 6.66 17.60
CA PHE A 25 -0.12 6.31 17.69
C PHE A 25 -0.29 4.86 18.10
N GLU A 26 -1.28 4.60 18.91
CA GLU A 26 -1.54 3.22 19.36
C GLU A 26 -2.37 2.51 18.31
N LYS A 27 -2.31 1.22 18.25
CA LYS A 27 -3.10 0.50 17.24
C LYS A 27 -4.57 0.89 17.35
N GLY A 28 -5.28 0.93 16.25
CA GLY A 28 -6.71 1.31 16.29
C GLY A 28 -6.82 2.84 16.26
N GLU A 29 -6.07 3.48 15.39
CA GLU A 29 -6.11 4.97 15.29
C GLU A 29 -6.55 5.38 13.88
N THR A 30 -7.68 6.00 13.75
CA THR A 30 -8.14 6.45 12.41
C THR A 30 -7.29 7.64 12.01
N MET A 31 -6.41 7.49 11.07
CA MET A 31 -5.57 8.67 10.68
C MET A 31 -6.03 9.23 9.35
N GLU A 32 -6.15 10.52 9.35
CA GLU A 32 -6.61 11.27 8.18
C GLU A 32 -5.37 11.64 7.36
N VAL A 33 -5.14 10.95 6.29
CA VAL A 33 -3.92 11.22 5.47
C VAL A 33 -3.94 12.64 4.88
N ILE A 34 -3.37 13.59 5.56
CA ILE A 34 -3.35 14.99 5.00
C ILE A 34 -2.62 15.00 3.65
N GLU A 35 -1.43 14.44 3.58
CA GLU A 35 -0.66 14.48 2.30
C GLU A 35 0.17 13.22 2.15
N LYS A 36 0.53 12.92 0.92
CA LYS A 36 1.33 11.68 0.65
C LYS A 36 2.48 11.99 -0.34
N PRO A 37 3.42 12.80 0.08
CA PRO A 37 4.59 13.12 -0.75
C PRO A 37 5.53 11.93 -0.77
N GLU A 38 6.45 11.92 -1.68
CA GLU A 38 7.43 10.80 -1.75
C GLU A 38 8.66 11.18 -0.92
N ASN A 39 9.13 12.39 -1.11
CA ASN A 39 10.32 12.90 -0.34
C ASN A 39 11.52 11.99 -0.56
N ASP A 40 11.38 10.75 -0.21
CA ASP A 40 12.48 9.75 -0.40
C ASP A 40 12.24 8.45 0.40
N PRO A 41 11.89 8.57 1.64
CA PRO A 41 11.65 7.41 2.52
C PRO A 41 10.37 6.68 2.08
N GLU A 42 9.25 7.39 2.09
CA GLU A 42 7.90 6.83 1.69
C GLU A 42 6.86 7.20 2.77
N TRP A 43 7.23 8.05 3.71
CA TRP A 43 6.28 8.45 4.78
C TRP A 43 5.19 9.36 4.22
N TRP A 44 4.13 9.56 4.97
CA TRP A 44 3.00 10.43 4.52
C TRP A 44 2.66 11.45 5.61
N LYS A 45 2.27 12.65 5.24
CA LYS A 45 1.85 13.61 6.29
C LYS A 45 0.44 13.21 6.68
N CYS A 46 0.29 12.44 7.72
CA CYS A 46 -1.08 11.98 8.10
C CYS A 46 -1.46 12.55 9.45
N LYS A 47 -2.60 13.15 9.53
CA LYS A 47 -3.06 13.69 10.81
C LYS A 47 -3.69 12.53 11.57
N ASN A 48 -3.66 12.51 12.88
CA ASN A 48 -4.34 11.35 13.56
C ASN A 48 -5.74 11.81 13.94
N ALA A 49 -6.81 11.09 13.61
CA ALA A 49 -8.15 11.61 13.98
C ALA A 49 -8.13 11.95 15.46
N ARG A 50 -7.17 11.41 16.18
CA ARG A 50 -7.08 11.74 17.62
C ARG A 50 -6.74 13.22 17.71
N GLY A 51 -6.55 13.81 16.56
CA GLY A 51 -6.29 15.27 16.47
C GLY A 51 -4.77 15.58 16.44
N GLN A 52 -3.94 14.75 15.86
CA GLN A 52 -2.45 15.07 15.85
C GLN A 52 -1.82 14.76 14.49
N VAL A 53 -0.64 15.29 14.23
CA VAL A 53 -0.01 15.06 12.90
C VAL A 53 1.47 14.64 13.02
N GLY A 54 1.94 13.95 12.02
CA GLY A 54 3.36 13.48 11.99
C GLY A 54 3.56 12.53 10.80
N LEU A 55 4.77 12.39 10.34
CA LEU A 55 5.04 11.47 9.19
C LEU A 55 4.92 10.02 9.69
N VAL A 56 4.55 9.10 8.83
CA VAL A 56 4.40 7.68 9.28
C VAL A 56 4.55 6.75 8.06
N PRO A 57 5.29 5.64 8.18
CA PRO A 57 5.42 4.72 7.05
C PRO A 57 4.03 4.37 6.51
N LYS A 58 3.74 4.79 5.31
CA LYS A 58 2.40 4.52 4.71
C LYS A 58 2.14 3.01 4.61
N ASN A 59 3.05 2.21 5.09
CA ASN A 59 2.86 0.72 5.04
C ASN A 59 2.42 0.20 6.42
N TYR A 60 2.44 1.05 7.40
CA TYR A 60 2.04 0.63 8.78
C TYR A 60 0.53 0.82 8.95
N VAL A 61 -0.17 1.14 7.90
CA VAL A 61 -1.65 1.35 8.00
C VAL A 61 -2.32 0.92 6.70
N VAL A 62 -3.59 0.59 6.76
CA VAL A 62 -4.33 0.18 5.52
C VAL A 62 -5.26 1.31 5.10
N VAL A 63 -5.70 1.33 3.88
CA VAL A 63 -6.62 2.42 3.41
C VAL A 63 -8.04 1.86 3.22
N LEU A 64 -9.03 2.57 3.71
CA LEU A 64 -10.45 2.10 3.59
C LEU A 64 -11.16 2.93 2.50
N SER A 65 -11.30 4.21 2.72
CA SER A 65 -11.98 5.06 1.70
C SER A 65 -11.10 5.18 0.46
N ASP A 66 -11.69 5.36 -0.69
CA ASP A 66 -10.90 5.48 -1.95
C ASP A 66 -11.59 6.44 -2.91
N GLY A 67 -10.85 7.09 -3.77
CA GLY A 67 -11.48 8.04 -4.73
C GLY A 67 -12.01 7.28 -5.94
N PRO A 68 -11.12 6.71 -6.73
CA PRO A 68 -11.54 5.94 -7.93
C PRO A 68 -12.43 4.78 -7.50
N ALA A 69 -13.73 4.97 -7.52
CA ALA A 69 -14.68 3.90 -7.14
C ALA A 69 -15.50 3.54 -8.37
N LEU A 70 -14.96 2.72 -9.21
CA LEU A 70 -15.68 2.30 -10.45
C LEU A 70 -16.60 1.13 -10.12
N HIS A 71 -17.87 1.25 -10.42
CA HIS A 71 -18.81 0.15 -10.14
C HIS A 71 -18.64 -0.30 -8.68
N GLY B 1 -10.65 -12.01 17.73
CA GLY B 1 -10.99 -11.11 16.59
C GLY B 1 -9.69 -10.63 15.93
N SER B 2 -8.86 -11.55 15.53
CA SER B 2 -7.58 -11.16 14.88
C SER B 2 -7.85 -10.79 13.41
N MET B 3 -7.00 -9.99 12.83
CA MET B 3 -7.21 -9.59 11.41
C MET B 3 -7.46 -10.84 10.56
N GLY B 4 -7.90 -10.66 9.35
CA GLY B 4 -8.17 -11.85 8.47
C GLY B 4 -8.45 -11.38 7.04
N VAL B 5 -7.62 -10.50 6.53
CA VAL B 5 -7.83 -10.00 5.14
C VAL B 5 -6.50 -9.51 4.56
N PRO B 6 -6.19 -9.96 3.38
CA PRO B 6 -4.95 -9.55 2.70
C PRO B 6 -5.13 -8.13 2.19
N ILE B 7 -4.06 -7.50 1.87
CA ILE B 7 -4.15 -6.11 1.37
C ILE B 7 -3.26 -5.94 0.15
N CYS B 8 -3.86 -5.59 -0.95
CA CYS B 8 -3.10 -5.44 -2.20
C CYS B 8 -1.99 -4.40 -2.01
N GLY B 9 -0.78 -4.82 -2.14
CA GLY B 9 0.36 -3.88 -1.98
C GLY B 9 0.32 -2.83 -3.08
N ALA B 10 -0.64 -2.92 -3.95
CA ALA B 10 -0.74 -1.93 -5.06
C ALA B 10 -1.53 -0.71 -4.58
N CYS B 11 -2.66 -0.93 -3.98
CA CYS B 11 -3.48 0.20 -3.48
C CYS B 11 -3.57 0.13 -1.96
N ARG B 12 -2.87 -0.80 -1.35
CA ARG B 12 -2.92 -0.93 0.12
C ARG B 12 -4.39 -1.05 0.55
N ARG B 13 -5.16 -1.80 -0.20
CA ARG B 13 -6.59 -1.98 0.14
C ARG B 13 -6.84 -3.46 0.49
N PRO B 14 -7.70 -3.70 1.45
CA PRO B 14 -8.00 -5.08 1.87
C PRO B 14 -8.49 -5.91 0.69
N ILE B 15 -7.71 -6.89 0.29
CA ILE B 15 -8.13 -7.74 -0.87
C ILE B 15 -9.30 -8.62 -0.42
N GLU B 16 -10.10 -9.11 -1.34
CA GLU B 16 -11.26 -9.95 -0.91
C GLU B 16 -11.75 -10.80 -2.09
N GLY B 17 -10.92 -11.67 -2.58
CA GLY B 17 -11.32 -12.55 -3.72
C GLY B 17 -10.16 -13.50 -3.99
N ARG B 18 -9.41 -13.22 -5.01
CA ARG B 18 -8.24 -14.06 -5.33
C ARG B 18 -7.00 -13.20 -5.09
N VAL B 19 -6.15 -13.62 -4.21
CA VAL B 19 -4.94 -12.80 -3.88
C VAL B 19 -3.72 -13.30 -4.62
N VAL B 20 -2.73 -12.45 -4.77
CA VAL B 20 -1.47 -12.84 -5.44
C VAL B 20 -0.34 -12.60 -4.46
N ASN B 21 0.33 -13.63 -4.05
CA ASN B 21 1.43 -13.44 -3.07
C ASN B 21 2.75 -13.19 -3.81
N ALA B 22 3.20 -11.97 -3.80
CA ALA B 22 4.47 -11.64 -4.51
C ALA B 22 5.22 -10.58 -3.70
N MET B 23 6.50 -10.45 -3.91
CA MET B 23 7.26 -9.43 -3.15
C MET B 23 7.08 -9.71 -1.67
N GLY B 24 6.65 -10.91 -1.36
CA GLY B 24 6.43 -11.28 0.05
C GLY B 24 5.22 -10.50 0.56
N LYS B 25 4.35 -10.13 -0.35
CA LYS B 25 3.13 -9.35 0.02
C LYS B 25 1.89 -10.00 -0.59
N GLN B 26 0.88 -9.22 -0.80
CA GLN B 26 -0.38 -9.73 -1.41
C GLN B 26 -0.81 -8.70 -2.45
N TRP B 27 -1.36 -9.11 -3.56
CA TRP B 27 -1.73 -8.10 -4.60
C TRP B 27 -3.06 -8.47 -5.26
N HIS B 28 -3.90 -7.51 -5.53
CA HIS B 28 -5.18 -7.85 -6.21
C HIS B 28 -4.81 -8.56 -7.51
N VAL B 29 -5.42 -9.67 -7.79
CA VAL B 29 -5.09 -10.37 -9.05
C VAL B 29 -5.22 -9.39 -10.20
N GLU B 30 -5.87 -8.30 -9.96
CA GLU B 30 -6.07 -7.28 -11.03
C GLU B 30 -4.99 -6.20 -10.95
N HIS B 31 -4.42 -5.95 -9.80
CA HIS B 31 -3.37 -4.89 -9.69
C HIS B 31 -1.98 -5.48 -9.73
N PHE B 32 -1.85 -6.79 -9.73
CA PHE B 32 -0.49 -7.38 -9.82
C PHE B 32 -0.09 -7.34 -11.27
N VAL B 33 0.80 -6.45 -11.62
CA VAL B 33 1.19 -6.32 -13.05
C VAL B 33 2.70 -6.25 -13.20
N CYS B 34 3.15 -6.23 -14.40
CA CYS B 34 4.60 -6.12 -14.69
C CYS B 34 5.12 -4.79 -14.15
N ALA B 35 6.36 -4.74 -13.73
CA ALA B 35 6.91 -3.48 -13.19
C ALA B 35 7.59 -2.70 -14.31
N LYS B 36 7.12 -2.86 -15.52
CA LYS B 36 7.74 -2.12 -16.68
C LYS B 36 6.64 -1.62 -17.62
N CYS B 37 5.55 -2.33 -17.72
CA CYS B 37 4.46 -1.91 -18.65
C CYS B 37 3.13 -1.89 -17.91
N GLU B 38 3.06 -2.52 -16.76
CA GLU B 38 1.79 -2.55 -15.99
C GLU B 38 0.78 -3.46 -16.68
N LYS B 39 1.20 -4.64 -17.06
CA LYS B 39 0.25 -5.60 -17.70
C LYS B 39 -0.17 -6.62 -16.62
N PRO B 40 -1.40 -6.56 -16.19
CA PRO B 40 -1.89 -7.46 -15.13
C PRO B 40 -2.00 -8.90 -15.61
N PHE B 41 -1.60 -9.81 -14.77
CA PHE B 41 -1.70 -11.26 -15.12
C PHE B 41 -3.00 -11.82 -14.53
N LEU B 42 -4.12 -11.25 -14.86
CA LEU B 42 -5.41 -11.76 -14.31
C LEU B 42 -5.36 -13.29 -14.27
N GLY B 43 -5.09 -13.90 -15.38
CA GLY B 43 -5.00 -15.39 -15.42
C GLY B 43 -3.76 -15.79 -16.23
N HIS B 44 -2.74 -14.98 -16.20
CA HIS B 44 -1.49 -15.30 -16.96
C HIS B 44 -0.32 -15.52 -16.00
N ARG B 45 0.83 -15.83 -16.53
CA ARG B 45 2.02 -16.05 -15.66
C ARG B 45 2.81 -14.75 -15.54
N HIS B 46 3.42 -14.50 -14.41
CA HIS B 46 4.23 -13.25 -14.23
C HIS B 46 5.68 -13.63 -13.99
N TYR B 47 6.53 -12.64 -14.03
CA TYR B 47 7.98 -12.90 -13.83
C TYR B 47 8.53 -11.88 -12.83
N GLU B 48 9.36 -12.31 -11.91
CA GLU B 48 9.90 -11.37 -10.88
C GLU B 48 11.36 -11.04 -11.14
N ARG B 49 11.77 -9.84 -10.78
CA ARG B 49 13.20 -9.44 -10.98
C ARG B 49 13.60 -8.40 -9.93
N LYS B 50 14.70 -8.63 -9.27
CA LYS B 50 15.19 -7.68 -8.24
C LYS B 50 14.06 -7.35 -7.27
N GLY B 51 13.11 -8.22 -7.17
CA GLY B 51 11.99 -7.97 -6.23
C GLY B 51 10.92 -7.12 -6.92
N LEU B 52 10.78 -7.28 -8.20
CA LEU B 52 9.76 -6.50 -8.95
C LEU B 52 9.17 -7.40 -10.04
N ALA B 53 7.90 -7.27 -10.29
CA ALA B 53 7.26 -8.13 -11.32
C ALA B 53 7.61 -7.62 -12.73
N TYR B 54 7.62 -8.51 -13.67
CA TYR B 54 7.91 -8.11 -15.07
C TYR B 54 7.24 -9.10 -16.01
N CYS B 55 6.69 -8.64 -17.08
CA CYS B 55 6.05 -9.61 -18.00
C CYS B 55 7.09 -10.63 -18.43
N GLU B 56 6.70 -11.60 -19.22
CA GLU B 56 7.68 -12.62 -19.70
C GLU B 56 8.73 -11.95 -20.57
N THR B 57 8.33 -10.97 -21.33
CA THR B 57 9.29 -10.28 -22.24
C THR B 57 10.01 -9.14 -21.53
N HIS B 58 9.33 -8.36 -20.76
CA HIS B 58 10.03 -7.25 -20.08
C HIS B 58 10.98 -7.84 -19.06
N TYR B 59 10.55 -8.82 -18.34
CA TYR B 59 11.45 -9.47 -17.38
C TYR B 59 12.71 -9.84 -18.13
N ASN B 60 12.53 -10.60 -19.15
CA ASN B 60 13.68 -11.02 -19.97
C ASN B 60 14.32 -9.80 -20.61
N GLN B 61 13.52 -8.92 -21.16
CA GLN B 61 14.12 -7.70 -21.78
C GLN B 61 14.98 -7.05 -20.71
N LEU B 62 14.53 -7.15 -19.49
CA LEU B 62 15.27 -6.58 -18.34
C LEU B 62 16.43 -7.50 -17.97
N PHE B 63 16.23 -8.79 -18.10
CA PHE B 63 17.30 -9.74 -17.74
C PHE B 63 17.07 -11.09 -18.43
N GLY B 64 16.22 -11.90 -17.87
CA GLY B 64 15.93 -13.23 -18.49
C GLY B 64 16.94 -14.25 -17.97
N ASP B 65 17.41 -14.08 -16.76
CA ASP B 65 18.40 -15.05 -16.20
C ASP B 65 19.51 -15.28 -17.21
N VAL B 66 20.10 -14.22 -17.71
CA VAL B 66 21.20 -14.38 -18.70
C VAL B 66 22.00 -13.09 -18.79
N GLN A 1 -11.55 21.26 8.46
CA GLN A 1 -11.30 21.84 7.11
C GLN A 1 -10.50 20.84 6.27
N GLY A 2 -10.29 19.65 6.77
CA GLY A 2 -9.52 18.64 6.00
C GLY A 2 -9.67 17.27 6.67
N SER A 3 -10.80 16.64 6.51
CA SER A 3 -11.00 15.31 7.13
C SER A 3 -12.18 14.60 6.46
N ARG A 4 -12.35 14.80 5.18
CA ARG A 4 -13.47 14.13 4.46
C ARG A 4 -13.16 12.64 4.31
N VAL A 5 -14.15 11.81 4.30
CA VAL A 5 -13.91 10.34 4.16
C VAL A 5 -13.34 10.07 2.76
N LEU A 6 -12.03 10.05 2.64
CA LEU A 6 -11.38 9.77 1.33
C LEU A 6 -10.50 8.53 1.48
N HIS A 7 -9.62 8.57 2.44
CA HIS A 7 -8.72 7.40 2.69
C HIS A 7 -8.46 7.28 4.19
N VAL A 8 -9.44 6.82 4.93
CA VAL A 8 -9.23 6.66 6.40
C VAL A 8 -8.24 5.52 6.59
N VAL A 9 -7.55 5.43 7.70
CA VAL A 9 -6.56 4.31 7.83
C VAL A 9 -6.49 3.80 9.28
N GLN A 10 -6.56 2.50 9.44
CA GLN A 10 -6.46 1.88 10.79
C GLN A 10 -5.05 1.36 11.00
N THR A 11 -4.44 1.70 12.10
CA THR A 11 -3.05 1.23 12.39
C THR A 11 -3.03 -0.28 12.52
N LEU A 12 -1.89 -0.82 12.26
CA LEU A 12 -1.67 -2.30 12.36
C LEU A 12 -0.67 -2.54 13.48
N TYR A 13 0.05 -1.51 13.88
CA TYR A 13 1.06 -1.70 14.99
C TYR A 13 1.23 -0.39 15.79
N PRO A 14 1.45 -0.49 17.11
CA PRO A 14 1.65 0.71 17.95
C PRO A 14 3.05 1.30 17.66
N PHE A 15 3.17 2.06 16.61
CA PHE A 15 4.50 2.64 16.26
C PHE A 15 4.90 3.73 17.26
N SER A 16 6.13 4.18 17.18
CA SER A 16 6.60 5.26 18.10
C SER A 16 7.44 6.25 17.30
N SER A 17 6.92 7.44 17.13
CA SER A 17 7.66 8.50 16.38
C SER A 17 7.56 9.80 17.17
N VAL A 18 8.68 10.27 17.70
CA VAL A 18 8.66 11.53 18.49
C VAL A 18 9.75 12.44 17.98
N THR A 19 9.38 13.29 17.11
CA THR A 19 10.30 14.31 16.53
C THR A 19 9.49 15.59 16.31
N GLU A 20 9.90 16.35 15.35
CA GLU A 20 9.20 17.57 15.03
C GLU A 20 8.02 17.17 14.11
N GLU A 21 8.31 16.48 13.04
CA GLU A 21 7.26 16.07 12.08
C GLU A 21 7.01 14.55 12.14
N GLU A 22 7.21 13.94 13.28
CA GLU A 22 6.99 12.45 13.40
C GLU A 22 5.63 12.18 14.06
N LEU A 23 5.00 11.06 13.73
CA LEU A 23 3.65 10.72 14.29
C LEU A 23 3.73 9.53 15.27
N ASN A 24 3.54 9.74 16.53
CA ASN A 24 3.55 8.60 17.50
C ASN A 24 2.10 8.17 17.69
N PHE A 25 1.77 6.91 17.53
CA PHE A 25 0.34 6.52 17.67
C PHE A 25 0.23 5.08 18.12
N GLU A 26 -0.73 4.80 18.97
CA GLU A 26 -0.93 3.42 19.46
C GLU A 26 -1.79 2.68 18.44
N LYS A 27 -1.70 1.39 18.40
CA LYS A 27 -2.50 0.64 17.43
C LYS A 27 -3.98 1.00 17.59
N GLY A 28 -4.72 0.99 16.53
CA GLY A 28 -6.17 1.35 16.62
C GLY A 28 -6.32 2.87 16.56
N GLU A 29 -5.61 3.52 15.66
CA GLU A 29 -5.70 5.01 15.54
C GLU A 29 -6.20 5.39 14.14
N THR A 30 -7.36 5.97 14.06
CA THR A 30 -7.88 6.38 12.72
C THR A 30 -7.07 7.59 12.27
N MET A 31 -6.22 7.46 11.30
CA MET A 31 -5.43 8.65 10.87
C MET A 31 -5.95 9.19 9.55
N GLU A 32 -6.10 10.46 9.53
CA GLU A 32 -6.63 11.19 8.36
C GLU A 32 -5.44 11.58 7.50
N VAL A 33 -5.22 10.87 6.42
CA VAL A 33 -4.05 11.15 5.56
C VAL A 33 -4.13 12.56 4.94
N ILE A 34 -3.56 13.55 5.59
CA ILE A 34 -3.60 14.93 5.01
C ILE A 34 -2.92 14.94 3.62
N GLU A 35 -1.72 14.41 3.52
CA GLU A 35 -1.00 14.45 2.21
C GLU A 35 -0.14 13.21 2.04
N LYS A 36 0.17 12.88 0.80
CA LYS A 36 0.99 11.68 0.52
C LYS A 36 2.09 12.00 -0.51
N PRO A 37 3.03 12.84 -0.15
CA PRO A 37 4.15 13.17 -1.04
C PRO A 37 5.11 12.00 -1.08
N GLU A 38 6.00 12.00 -2.02
CA GLU A 38 7.01 10.90 -2.11
C GLU A 38 8.25 11.32 -1.33
N ASN A 39 8.69 12.54 -1.55
CA ASN A 39 9.89 13.10 -0.85
C ASN A 39 11.11 12.21 -1.11
N ASP A 40 11.02 10.97 -0.73
CA ASP A 40 12.13 10.00 -0.95
C ASP A 40 11.95 8.69 -0.13
N PRO A 41 11.65 8.82 1.13
CA PRO A 41 11.48 7.67 2.03
C PRO A 41 10.20 6.91 1.64
N GLU A 42 9.06 7.59 1.70
CA GLU A 42 7.71 6.99 1.36
C GLU A 42 6.71 7.36 2.48
N TRP A 43 7.10 8.22 3.38
CA TRP A 43 6.18 8.61 4.49
C TRP A 43 5.04 9.50 3.96
N TRP A 44 4.01 9.68 4.76
CA TRP A 44 2.84 10.52 4.32
C TRP A 44 2.52 11.55 5.42
N LYS A 45 2.08 12.73 5.06
CA LYS A 45 1.69 13.69 6.11
C LYS A 45 0.31 13.27 6.56
N CYS A 46 0.21 12.52 7.61
CA CYS A 46 -1.13 12.03 8.06
C CYS A 46 -1.46 12.60 9.42
N LYS A 47 -2.62 13.18 9.52
CA LYS A 47 -3.04 13.73 10.82
C LYS A 47 -3.60 12.57 11.62
N ASN A 48 -3.53 12.56 12.93
CA ASN A 48 -4.16 11.40 13.65
C ASN A 48 -5.55 11.84 14.09
N ALA A 49 -6.60 11.08 13.80
CA ALA A 49 -7.94 11.57 14.22
C ALA A 49 -7.87 11.93 15.71
N ARG A 50 -6.88 11.43 16.39
CA ARG A 50 -6.72 11.78 17.81
C ARG A 50 -6.44 13.28 17.86
N GLY A 51 -6.30 13.86 16.70
CA GLY A 51 -6.07 15.32 16.58
C GLY A 51 -4.58 15.66 16.50
N GLN A 52 -3.74 14.84 15.89
CA GLN A 52 -2.27 15.20 15.80
C GLN A 52 -1.69 14.89 14.43
N VAL A 53 -0.53 15.43 14.11
CA VAL A 53 0.07 15.20 12.76
C VAL A 53 1.55 14.83 12.83
N GLY A 54 1.99 14.12 11.82
CA GLY A 54 3.43 13.68 11.74
C GLY A 54 3.60 12.73 10.57
N LEU A 55 4.79 12.61 10.05
CA LEU A 55 5.04 11.67 8.91
C LEU A 55 4.97 10.23 9.43
N VAL A 56 4.59 9.30 8.60
CA VAL A 56 4.49 7.88 9.08
C VAL A 56 4.62 6.92 7.86
N PRO A 57 5.38 5.84 7.97
CA PRO A 57 5.50 4.90 6.85
C PRO A 57 4.10 4.51 6.37
N LYS A 58 3.75 4.91 5.17
CA LYS A 58 2.39 4.60 4.64
C LYS A 58 2.16 3.09 4.57
N ASN A 59 3.11 2.30 5.02
CA ASN A 59 2.95 0.81 4.99
C ASN A 59 2.58 0.31 6.39
N TYR A 60 2.62 1.17 7.37
CA TYR A 60 2.28 0.76 8.76
C TYR A 60 0.78 0.92 9.00
N VAL A 61 0.03 1.21 7.97
CA VAL A 61 -1.45 1.39 8.14
C VAL A 61 -2.16 0.93 6.86
N VAL A 62 -3.42 0.57 6.98
CA VAL A 62 -4.20 0.12 5.77
C VAL A 62 -5.18 1.22 5.38
N VAL A 63 -5.67 1.21 4.17
CA VAL A 63 -6.63 2.27 3.73
C VAL A 63 -8.03 1.68 3.61
N LEU A 64 -9.03 2.37 4.13
CA LEU A 64 -10.43 1.86 4.06
C LEU A 64 -11.21 2.66 3.01
N SER A 65 -11.37 3.95 3.20
CA SER A 65 -12.11 4.75 2.20
C SER A 65 -11.28 4.88 0.92
N ASP A 66 -11.93 5.03 -0.21
CA ASP A 66 -11.18 5.15 -1.49
C ASP A 66 -11.95 6.08 -2.44
N GLY A 67 -11.25 6.74 -3.34
CA GLY A 67 -11.93 7.66 -4.28
C GLY A 67 -12.50 6.86 -5.47
N PRO A 68 -11.63 6.30 -6.28
CA PRO A 68 -12.07 5.51 -7.45
C PRO A 68 -12.93 4.32 -6.97
N ALA A 69 -14.22 4.50 -6.93
CA ALA A 69 -15.13 3.40 -6.51
C ALA A 69 -15.99 3.01 -7.69
N LEU A 70 -15.46 2.19 -8.54
CA LEU A 70 -16.22 1.74 -9.75
C LEU A 70 -17.11 0.55 -9.37
N HIS A 71 -18.38 0.64 -9.62
CA HIS A 71 -19.30 -0.48 -9.28
C HIS A 71 -19.05 -0.91 -7.83
N GLY B 1 -12.01 -12.97 16.97
CA GLY B 1 -12.27 -12.00 15.86
C GLY B 1 -10.93 -11.54 15.27
N SER B 2 -10.10 -12.46 14.86
CA SER B 2 -8.79 -12.07 14.29
C SER B 2 -8.98 -11.62 12.83
N MET B 3 -8.09 -10.82 12.32
CA MET B 3 -8.22 -10.36 10.91
C MET B 3 -8.47 -11.56 10.00
N GLY B 4 -8.86 -11.31 8.78
CA GLY B 4 -9.11 -12.45 7.84
C GLY B 4 -9.30 -11.91 6.42
N VAL B 5 -8.44 -11.03 5.98
CA VAL B 5 -8.58 -10.45 4.61
C VAL B 5 -7.20 -9.97 4.13
N PRO B 6 -6.85 -10.38 2.92
CA PRO B 6 -5.58 -9.97 2.32
C PRO B 6 -5.69 -8.52 1.88
N ILE B 7 -4.59 -7.90 1.63
CA ILE B 7 -4.64 -6.49 1.20
C ILE B 7 -3.68 -6.30 0.03
N CYS B 8 -4.22 -5.88 -1.08
CA CYS B 8 -3.39 -5.68 -2.29
C CYS B 8 -2.28 -4.69 -2.01
N GLY B 9 -1.07 -5.14 -2.10
CA GLY B 9 0.09 -4.24 -1.83
C GLY B 9 0.12 -3.14 -2.90
N ALA B 10 -0.81 -3.16 -3.80
CA ALA B 10 -0.83 -2.11 -4.88
C ALA B 10 -1.61 -0.90 -4.37
N CYS B 11 -2.76 -1.12 -3.82
CA CYS B 11 -3.59 0.01 -3.31
C CYS B 11 -3.74 -0.13 -1.80
N ARG B 12 -3.09 -1.10 -1.21
CA ARG B 12 -3.22 -1.30 0.25
C ARG B 12 -4.70 -1.40 0.61
N ARG B 13 -5.45 -2.10 -0.21
CA ARG B 13 -6.91 -2.25 0.07
C ARG B 13 -7.21 -3.73 0.33
N PRO B 14 -8.12 -4.00 1.25
CA PRO B 14 -8.47 -5.39 1.58
C PRO B 14 -8.92 -6.15 0.34
N ILE B 15 -8.15 -7.13 -0.08
CA ILE B 15 -8.55 -7.92 -1.28
C ILE B 15 -9.77 -8.78 -0.93
N GLU B 16 -10.52 -9.20 -1.90
CA GLU B 16 -11.73 -10.03 -1.58
C GLU B 16 -12.19 -10.81 -2.80
N GLY B 17 -11.36 -11.67 -3.31
CA GLY B 17 -11.73 -12.49 -4.49
C GLY B 17 -10.59 -13.46 -4.77
N ARG B 18 -9.78 -13.15 -5.74
CA ARG B 18 -8.61 -14.01 -6.04
C ARG B 18 -7.37 -13.19 -5.70
N VAL B 19 -6.56 -13.68 -4.81
CA VAL B 19 -5.36 -12.91 -4.38
C VAL B 19 -4.11 -13.41 -5.10
N VAL B 20 -3.10 -12.58 -5.16
CA VAL B 20 -1.83 -12.97 -5.80
C VAL B 20 -0.73 -12.81 -4.76
N ASN B 21 -0.10 -13.88 -4.37
CA ASN B 21 0.96 -13.76 -3.33
C ASN B 21 2.30 -13.52 -4.01
N ALA B 22 2.80 -12.32 -3.93
CA ALA B 22 4.10 -11.99 -4.56
C ALA B 22 4.84 -10.98 -3.68
N MET B 23 6.13 -10.88 -3.81
CA MET B 23 6.88 -9.91 -2.98
C MET B 23 6.64 -10.27 -1.52
N GLY B 24 6.16 -11.45 -1.29
CA GLY B 24 5.86 -11.89 0.09
C GLY B 24 4.65 -11.11 0.58
N LYS B 25 3.84 -10.67 -0.33
CA LYS B 25 2.63 -9.88 0.02
C LYS B 25 1.40 -10.46 -0.69
N GLN B 26 0.41 -9.64 -0.90
CA GLN B 26 -0.83 -10.08 -1.58
C GLN B 26 -1.19 -8.99 -2.59
N TRP B 27 -1.70 -9.34 -3.74
CA TRP B 27 -2.00 -8.28 -4.74
C TRP B 27 -3.30 -8.58 -5.48
N HIS B 28 -4.11 -7.58 -5.74
CA HIS B 28 -5.37 -7.85 -6.49
C HIS B 28 -4.96 -8.51 -7.81
N VAL B 29 -5.58 -9.58 -8.17
CA VAL B 29 -5.21 -10.25 -9.44
C VAL B 29 -5.27 -9.21 -10.55
N GLU B 30 -5.89 -8.09 -10.28
CA GLU B 30 -6.02 -7.04 -11.31
C GLU B 30 -4.91 -5.98 -11.14
N HIS B 31 -4.40 -5.81 -9.95
CA HIS B 31 -3.32 -4.78 -9.74
C HIS B 31 -1.94 -5.42 -9.76
N PHE B 32 -1.85 -6.72 -9.81
CA PHE B 32 -0.51 -7.34 -9.87
C PHE B 32 -0.04 -7.25 -11.30
N VAL B 33 0.88 -6.37 -11.57
CA VAL B 33 1.35 -6.18 -12.97
C VAL B 33 2.86 -6.14 -13.04
N CYS B 34 3.37 -6.07 -14.24
CA CYS B 34 4.82 -5.99 -14.45
C CYS B 34 5.36 -4.71 -13.82
N ALA B 35 6.57 -4.72 -13.35
CA ALA B 35 7.14 -3.50 -12.73
C ALA B 35 7.88 -2.68 -13.78
N LYS B 36 7.47 -2.77 -15.02
CA LYS B 36 8.15 -2.00 -16.11
C LYS B 36 7.11 -1.43 -17.07
N CYS B 37 6.02 -2.11 -17.25
CA CYS B 37 4.97 -1.61 -18.20
C CYS B 37 3.60 -1.60 -17.52
N GLU B 38 3.48 -2.27 -16.41
CA GLU B 38 2.17 -2.30 -15.70
C GLU B 38 1.17 -3.15 -16.47
N LYS B 39 1.57 -4.32 -16.88
CA LYS B 39 0.63 -5.22 -17.61
C LYS B 39 0.14 -6.29 -16.61
N PRO B 40 -1.11 -6.21 -16.23
CA PRO B 40 -1.67 -7.14 -15.24
C PRO B 40 -1.79 -8.55 -15.78
N PHE B 41 -1.45 -9.51 -14.97
CA PHE B 41 -1.58 -10.94 -15.40
C PHE B 41 -2.91 -11.50 -14.89
N LEU B 42 -4.00 -10.88 -15.25
CA LEU B 42 -5.33 -11.38 -14.78
C LEU B 42 -5.32 -12.91 -14.79
N GLY B 43 -5.02 -13.47 -15.93
CA GLY B 43 -4.97 -14.96 -16.04
C GLY B 43 -3.71 -15.36 -16.81
N HIS B 44 -2.66 -14.58 -16.69
CA HIS B 44 -1.40 -14.89 -17.42
C HIS B 44 -0.27 -15.19 -16.42
N ARG B 45 0.90 -15.51 -16.90
CA ARG B 45 2.04 -15.80 -15.99
C ARG B 45 2.86 -14.54 -15.79
N HIS B 46 3.42 -14.35 -14.61
CA HIS B 46 4.25 -13.14 -14.35
C HIS B 46 5.68 -13.56 -14.06
N TYR B 47 6.56 -12.61 -14.02
CA TYR B 47 8.00 -12.91 -13.77
C TYR B 47 8.53 -11.94 -12.70
N GLU B 48 9.29 -12.45 -11.77
CA GLU B 48 9.81 -11.57 -10.66
C GLU B 48 11.30 -11.26 -10.84
N ARG B 49 11.72 -10.10 -10.41
CA ARG B 49 13.16 -9.74 -10.53
C ARG B 49 13.55 -8.75 -9.42
N LYS B 50 14.61 -9.04 -8.72
CA LYS B 50 15.07 -8.14 -7.63
C LYS B 50 13.91 -7.85 -6.69
N GLY B 51 12.93 -8.68 -6.68
CA GLY B 51 11.78 -8.44 -5.78
C GLY B 51 10.77 -7.54 -6.47
N LEU B 52 10.69 -7.64 -7.76
CA LEU B 52 9.71 -6.79 -8.52
C LEU B 52 9.15 -7.61 -9.67
N ALA B 53 7.89 -7.45 -9.97
CA ALA B 53 7.29 -8.24 -11.07
C ALA B 53 7.71 -7.68 -12.42
N TYR B 54 7.73 -8.52 -13.42
CA TYR B 54 8.10 -8.07 -14.77
C TYR B 54 7.45 -8.99 -15.80
N CYS B 55 6.95 -8.46 -16.86
CA CYS B 55 6.32 -9.37 -17.86
C CYS B 55 7.36 -10.41 -18.30
N GLU B 56 6.98 -11.33 -19.13
CA GLU B 56 7.95 -12.35 -19.62
C GLU B 56 9.06 -11.67 -20.42
N THR B 57 8.72 -10.64 -21.15
CA THR B 57 9.73 -9.94 -21.97
C THR B 57 10.45 -8.85 -21.18
N HIS B 58 9.76 -8.08 -20.41
CA HIS B 58 10.45 -7.03 -19.64
C HIS B 58 11.35 -7.69 -18.62
N TYR B 59 10.86 -8.70 -17.96
CA TYR B 59 11.70 -9.42 -16.99
C TYR B 59 12.98 -9.78 -17.70
N ASN B 60 12.82 -10.48 -18.77
CA ASN B 60 14.00 -10.90 -19.55
C ASN B 60 14.70 -9.67 -20.12
N GLN B 61 13.96 -8.75 -20.66
CA GLN B 61 14.61 -7.52 -21.19
C GLN B 61 15.43 -6.93 -20.05
N LEU B 62 14.92 -7.08 -18.85
CA LEU B 62 15.64 -6.59 -17.65
C LEU B 62 16.75 -7.56 -17.28
N PHE B 63 16.52 -8.83 -17.47
CA PHE B 63 17.56 -9.84 -17.11
C PHE B 63 17.32 -11.14 -17.88
N GLY B 64 16.43 -11.95 -17.40
CA GLY B 64 16.13 -13.24 -18.08
C GLY B 64 17.09 -14.32 -17.58
N ASP B 65 17.50 -14.22 -16.34
CA ASP B 65 18.43 -15.23 -15.78
C ASP B 65 19.61 -15.45 -16.75
N VAL B 66 20.24 -14.39 -17.18
CA VAL B 66 21.37 -14.53 -18.12
C VAL B 66 22.21 -13.25 -18.12
N GLN A 1 -11.05 21.62 8.41
CA GLN A 1 -10.73 22.22 7.09
C GLN A 1 -9.94 21.21 6.26
N GLY A 2 -9.79 20.00 6.74
CA GLY A 2 -9.02 18.98 5.97
C GLY A 2 -9.24 17.60 6.60
N SER A 3 -10.39 17.02 6.39
CA SER A 3 -10.67 15.68 6.98
C SER A 3 -11.84 15.03 6.25
N ARG A 4 -11.96 15.26 4.97
CA ARG A 4 -13.08 14.65 4.20
C ARG A 4 -12.82 13.15 4.04
N VAL A 5 -13.85 12.36 3.98
CA VAL A 5 -13.65 10.89 3.82
C VAL A 5 -13.04 10.63 2.43
N LEU A 6 -11.73 10.55 2.35
CA LEU A 6 -11.04 10.27 1.06
C LEU A 6 -10.22 9.01 1.21
N HIS A 7 -9.37 8.98 2.21
CA HIS A 7 -8.53 7.78 2.46
C HIS A 7 -8.33 7.63 3.96
N VAL A 8 -9.34 7.19 4.66
CA VAL A 8 -9.19 6.99 6.13
C VAL A 8 -8.24 5.81 6.34
N VAL A 9 -7.60 5.68 7.47
CA VAL A 9 -6.65 4.52 7.61
C VAL A 9 -6.64 3.97 9.05
N GLN A 10 -6.77 2.68 9.17
CA GLN A 10 -6.75 2.03 10.51
C GLN A 10 -5.36 1.45 10.76
N THR A 11 -4.78 1.75 11.89
CA THR A 11 -3.41 1.22 12.20
C THR A 11 -3.45 -0.29 12.32
N LEU A 12 -2.32 -0.87 12.07
CA LEU A 12 -2.17 -2.35 12.15
C LEU A 12 -1.21 -2.65 13.31
N TYR A 13 -0.47 -1.66 13.75
CA TYR A 13 0.49 -1.90 14.88
C TYR A 13 0.68 -0.62 15.73
N PRO A 14 0.86 -0.76 17.05
CA PRO A 14 1.08 0.42 17.92
C PRO A 14 2.49 0.96 17.68
N PHE A 15 2.68 1.74 16.65
CA PHE A 15 4.05 2.27 16.37
C PHE A 15 4.44 3.33 17.40
N SER A 16 5.69 3.74 17.37
CA SER A 16 6.18 4.78 18.32
C SER A 16 7.08 5.76 17.58
N SER A 17 6.61 6.97 17.41
CA SER A 17 7.40 8.01 16.70
C SER A 17 7.34 9.30 17.52
N VAL A 18 8.44 9.72 18.10
CA VAL A 18 8.44 10.96 18.91
C VAL A 18 9.59 11.85 18.47
N THR A 19 9.27 12.73 17.59
CA THR A 19 10.25 13.73 17.07
C THR A 19 9.50 15.03 16.84
N GLU A 20 9.96 15.80 15.92
CA GLU A 20 9.32 17.04 15.58
C GLU A 20 8.16 16.71 14.62
N GLU A 21 8.45 16.03 13.55
CA GLU A 21 7.44 15.68 12.54
C GLU A 21 7.12 14.17 12.58
N GLU A 22 7.27 13.53 13.71
CA GLU A 22 6.99 12.05 13.79
C GLU A 22 5.59 11.81 14.40
N LEU A 23 4.94 10.73 14.02
CA LEU A 23 3.55 10.42 14.54
C LEU A 23 3.57 9.21 15.48
N ASN A 24 3.32 9.41 16.75
CA ASN A 24 3.28 8.25 17.69
C ASN A 24 1.79 7.87 17.82
N PHE A 25 1.44 6.63 17.62
CA PHE A 25 -0.01 6.29 17.72
C PHE A 25 -0.20 4.83 18.12
N GLU A 26 -1.18 4.58 18.93
CA GLU A 26 -1.46 3.20 19.38
C GLU A 26 -2.31 2.51 18.32
N LYS A 27 -2.26 1.23 18.27
CA LYS A 27 -3.06 0.52 17.25
C LYS A 27 -4.53 0.92 17.38
N GLY A 28 -5.24 0.98 16.29
CA GLY A 28 -6.67 1.38 16.34
C GLY A 28 -6.76 2.91 16.31
N GLU A 29 -6.01 3.54 15.45
CA GLU A 29 -6.03 5.04 15.36
C GLU A 29 -6.47 5.46 13.95
N THR A 30 -7.60 6.09 13.83
CA THR A 30 -8.06 6.55 12.50
C THR A 30 -7.19 7.73 12.10
N MET A 31 -6.32 7.58 11.15
CA MET A 31 -5.47 8.75 10.77
C MET A 31 -5.93 9.33 9.44
N GLU A 32 -6.03 10.62 9.45
CA GLU A 32 -6.49 11.38 8.27
C GLU A 32 -5.25 11.74 7.45
N VAL A 33 -5.04 11.05 6.38
CA VAL A 33 -3.82 11.31 5.56
C VAL A 33 -3.83 12.73 4.98
N ILE A 34 -3.24 13.68 5.66
CA ILE A 34 -3.21 15.07 5.10
C ILE A 34 -2.49 15.10 3.75
N GLU A 35 -1.31 14.51 3.66
CA GLU A 35 -0.55 14.55 2.38
C GLU A 35 0.27 13.29 2.21
N LYS A 36 0.62 12.98 0.99
CA LYS A 36 1.40 11.74 0.70
C LYS A 36 2.54 12.04 -0.29
N PRO A 37 3.50 12.84 0.12
CA PRO A 37 4.66 13.14 -0.72
C PRO A 37 5.59 11.94 -0.74
N GLU A 38 6.51 11.93 -1.66
CA GLU A 38 7.47 10.79 -1.74
C GLU A 38 8.70 11.16 -0.91
N ASN A 39 9.19 12.36 -1.10
CA ASN A 39 10.39 12.86 -0.34
C ASN A 39 11.59 11.92 -0.58
N ASP A 40 11.43 10.69 -0.23
CA ASP A 40 12.51 9.68 -0.43
C ASP A 40 12.27 8.37 0.36
N PRO A 41 11.92 8.49 1.61
CA PRO A 41 11.68 7.33 2.48
C PRO A 41 10.39 6.61 2.04
N GLU A 42 9.27 7.33 2.06
CA GLU A 42 7.92 6.79 1.66
C GLU A 42 6.90 7.17 2.76
N TRP A 43 7.28 8.01 3.69
CA TRP A 43 6.33 8.41 4.78
C TRP A 43 5.25 9.35 4.23
N TRP A 44 4.20 9.56 4.98
CA TRP A 44 3.07 10.44 4.54
C TRP A 44 2.76 11.46 5.64
N LYS A 45 2.38 12.66 5.29
CA LYS A 45 1.99 13.62 6.36
C LYS A 45 0.57 13.24 6.75
N CYS A 46 0.41 12.47 7.78
CA CYS A 46 -0.95 12.03 8.17
C CYS A 46 -1.32 12.59 9.53
N LYS A 47 -2.45 13.20 9.61
CA LYS A 47 -2.90 13.74 10.91
C LYS A 47 -3.53 12.59 11.65
N ASN A 48 -3.50 12.56 12.96
CA ASN A 48 -4.19 11.40 13.64
C ASN A 48 -5.58 11.88 14.04
N ALA A 49 -6.66 11.17 13.71
CA ALA A 49 -7.99 11.71 14.09
C ALA A 49 -7.96 12.04 15.58
N ARG A 50 -7.00 11.47 16.28
CA ARG A 50 -6.89 11.79 17.74
C ARG A 50 -6.55 13.28 17.82
N GLY A 51 -6.34 13.87 16.67
CA GLY A 51 -6.06 15.33 16.58
C GLY A 51 -4.56 15.63 16.57
N GLN A 52 -3.73 14.77 15.97
CA GLN A 52 -2.25 15.09 15.94
C GLN A 52 -1.63 14.78 14.58
N VAL A 53 -0.44 15.28 14.31
CA VAL A 53 0.19 15.06 12.98
C VAL A 53 1.65 14.63 13.08
N GLY A 54 2.11 13.92 12.08
CA GLY A 54 3.52 13.44 12.04
C GLY A 54 3.70 12.50 10.84
N LEU A 55 4.91 12.35 10.37
CA LEU A 55 5.16 11.43 9.22
C LEU A 55 5.03 9.98 9.71
N VAL A 56 4.63 9.07 8.85
CA VAL A 56 4.48 7.65 9.29
C VAL A 56 4.60 6.71 8.06
N PRO A 57 5.33 5.61 8.17
CA PRO A 57 5.45 4.68 7.03
C PRO A 57 4.05 4.35 6.50
N LYS A 58 3.75 4.78 5.31
CA LYS A 58 2.41 4.54 4.72
C LYS A 58 2.13 3.03 4.61
N ASN A 59 3.03 2.22 5.08
CA ASN A 59 2.82 0.72 5.01
C ASN A 59 2.39 0.22 6.39
N TYR A 60 2.42 1.06 7.39
CA TYR A 60 2.02 0.62 8.76
C TYR A 60 0.51 0.84 8.95
N VAL A 61 -0.19 1.17 7.90
CA VAL A 61 -1.66 1.40 8.01
C VAL A 61 -2.36 1.00 6.72
N VAL A 62 -3.62 0.68 6.78
CA VAL A 62 -4.38 0.27 5.54
C VAL A 62 -5.30 1.43 5.14
N VAL A 63 -5.75 1.46 3.92
CA VAL A 63 -6.66 2.56 3.47
C VAL A 63 -8.07 2.02 3.29
N LEU A 64 -9.05 2.74 3.78
CA LEU A 64 -10.48 2.28 3.66
C LEU A 64 -11.19 3.13 2.60
N SER A 65 -11.31 4.42 2.81
CA SER A 65 -11.99 5.28 1.80
C SER A 65 -11.12 5.39 0.55
N ASP A 66 -11.71 5.59 -0.59
CA ASP A 66 -10.92 5.70 -1.86
C ASP A 66 -11.61 6.69 -2.80
N GLY A 67 -10.87 7.32 -3.66
CA GLY A 67 -11.49 8.29 -4.61
C GLY A 67 -12.04 7.54 -5.83
N PRO A 68 -11.17 6.96 -6.62
CA PRO A 68 -11.59 6.20 -7.82
C PRO A 68 -12.50 5.04 -7.40
N ALA A 69 -13.80 5.27 -7.40
CA ALA A 69 -14.76 4.20 -7.03
C ALA A 69 -15.60 3.87 -8.25
N LEU A 70 -15.07 3.04 -9.10
CA LEU A 70 -15.80 2.64 -10.33
C LEU A 70 -16.74 1.48 -10.01
N HIS A 71 -17.99 1.62 -10.30
CA HIS A 71 -18.96 0.51 -10.02
C HIS A 71 -18.79 0.05 -8.56
N GLY B 1 -11.01 -11.82 17.58
CA GLY B 1 -11.36 -10.97 16.41
C GLY B 1 -10.09 -10.46 15.75
N SER B 2 -9.19 -11.34 15.40
CA SER B 2 -7.93 -10.90 14.75
C SER B 2 -8.18 -10.59 13.27
N MET B 3 -7.37 -9.78 12.68
CA MET B 3 -7.57 -9.43 11.24
C MET B 3 -7.75 -10.72 10.43
N GLY B 4 -8.19 -10.60 9.21
CA GLY B 4 -8.37 -11.82 8.36
C GLY B 4 -8.64 -11.42 6.92
N VAL B 5 -7.86 -10.51 6.39
CA VAL B 5 -8.08 -10.08 4.98
C VAL B 5 -6.76 -9.53 4.41
N PRO B 6 -6.39 -10.00 3.24
CA PRO B 6 -5.18 -9.55 2.57
C PRO B 6 -5.42 -8.16 2.02
N ILE B 7 -4.37 -7.49 1.69
CA ILE B 7 -4.52 -6.12 1.14
C ILE B 7 -3.62 -5.95 -0.06
N CYS B 8 -4.22 -5.66 -1.18
CA CYS B 8 -3.44 -5.51 -2.43
C CYS B 8 -2.40 -4.41 -2.27
N GLY B 9 -1.15 -4.78 -2.36
CA GLY B 9 -0.07 -3.78 -2.20
C GLY B 9 -0.14 -2.77 -3.34
N ALA B 10 -1.09 -2.93 -4.22
CA ALA B 10 -1.21 -1.99 -5.37
C ALA B 10 -2.07 -0.79 -4.94
N CYS B 11 -3.19 -1.05 -4.35
CA CYS B 11 -4.09 0.06 -3.90
C CYS B 11 -4.19 0.02 -2.38
N ARG B 12 -3.46 -0.84 -1.73
CA ARG B 12 -3.54 -0.93 -0.25
C ARG B 12 -5.00 -1.11 0.15
N ARG B 13 -5.71 -1.92 -0.58
CA ARG B 13 -7.15 -2.17 -0.25
C ARG B 13 -7.32 -3.64 0.14
N PRO B 14 -8.18 -3.90 1.08
CA PRO B 14 -8.43 -5.27 1.55
C PRO B 14 -8.85 -6.16 0.39
N ILE B 15 -8.02 -7.12 0.04
CA ILE B 15 -8.39 -8.02 -1.10
C ILE B 15 -9.52 -8.95 -0.64
N GLU B 16 -10.27 -9.50 -1.56
CA GLU B 16 -11.39 -10.38 -1.13
C GLU B 16 -11.83 -11.30 -2.28
N GLY B 17 -10.95 -12.13 -2.74
CA GLY B 17 -11.28 -13.07 -3.84
C GLY B 17 -10.07 -13.96 -4.07
N ARG B 18 -9.32 -13.69 -5.08
CA ARG B 18 -8.10 -14.47 -5.35
C ARG B 18 -6.91 -13.54 -5.12
N VAL B 19 -6.05 -13.90 -4.22
CA VAL B 19 -4.90 -13.00 -3.89
C VAL B 19 -3.63 -13.47 -4.61
N VAL B 20 -2.69 -12.57 -4.76
CA VAL B 20 -1.40 -12.93 -5.40
C VAL B 20 -0.30 -12.60 -4.41
N ASN B 21 0.41 -13.58 -3.95
CA ASN B 21 1.49 -13.30 -2.97
C ASN B 21 2.80 -13.02 -3.70
N ALA B 22 3.20 -11.77 -3.73
CA ALA B 22 4.46 -11.41 -4.42
C ALA B 22 5.14 -10.29 -3.65
N MET B 23 6.41 -10.09 -3.84
CA MET B 23 7.11 -9.01 -3.09
C MET B 23 6.92 -9.26 -1.61
N GLY B 24 6.56 -10.46 -1.27
CA GLY B 24 6.32 -10.80 0.15
C GLY B 24 5.06 -10.08 0.61
N LYS B 25 4.20 -9.78 -0.31
CA LYS B 25 2.94 -9.04 0.01
C LYS B 25 1.75 -9.77 -0.60
N GLN B 26 0.69 -9.05 -0.85
CA GLN B 26 -0.54 -9.64 -1.46
C GLN B 26 -0.99 -8.66 -2.54
N TRP B 27 -1.50 -9.13 -3.64
CA TRP B 27 -1.91 -8.18 -4.72
C TRP B 27 -3.20 -8.63 -5.39
N HIS B 28 -4.09 -7.73 -5.70
CA HIS B 28 -5.34 -8.15 -6.39
C HIS B 28 -4.92 -8.89 -7.66
N VAL B 29 -5.47 -10.03 -7.92
CA VAL B 29 -5.07 -10.76 -9.15
C VAL B 29 -5.24 -9.82 -10.33
N GLU B 30 -5.94 -8.74 -10.13
CA GLU B 30 -6.17 -7.78 -11.24
C GLU B 30 -5.14 -6.64 -11.19
N HIS B 31 -4.61 -6.33 -10.03
CA HIS B 31 -3.63 -5.21 -9.94
C HIS B 31 -2.19 -5.75 -9.94
N PHE B 32 -2.01 -7.04 -9.89
CA PHE B 32 -0.62 -7.55 -9.94
C PHE B 32 -0.20 -7.55 -11.40
N VAL B 33 0.65 -6.64 -11.75
CA VAL B 33 1.07 -6.53 -13.18
C VAL B 33 2.57 -6.38 -13.31
N CYS B 34 3.04 -6.38 -14.51
CA CYS B 34 4.49 -6.20 -14.77
C CYS B 34 4.93 -4.83 -14.26
N ALA B 35 6.16 -4.72 -13.83
CA ALA B 35 6.65 -3.41 -13.32
C ALA B 35 7.30 -2.63 -14.47
N LYS B 36 6.87 -2.86 -15.67
CA LYS B 36 7.46 -2.12 -16.85
C LYS B 36 6.35 -1.71 -17.81
N CYS B 37 5.31 -2.48 -17.92
CA CYS B 37 4.21 -2.14 -18.87
C CYS B 37 2.86 -2.17 -18.15
N GLU B 38 2.81 -2.76 -16.99
CA GLU B 38 1.53 -2.82 -16.24
C GLU B 38 0.58 -3.81 -16.91
N LYS B 39 1.06 -4.97 -17.24
CA LYS B 39 0.17 -6.01 -17.86
C LYS B 39 -0.21 -7.01 -16.77
N PRO B 40 -1.46 -7.00 -16.35
CA PRO B 40 -1.92 -7.88 -15.27
C PRO B 40 -1.95 -9.34 -15.70
N PHE B 41 -1.53 -10.20 -14.83
CA PHE B 41 -1.55 -11.66 -15.13
C PHE B 41 -2.82 -12.27 -14.54
N LEU B 42 -3.96 -11.77 -14.92
CA LEU B 42 -5.23 -12.33 -14.37
C LEU B 42 -5.12 -13.85 -14.27
N GLY B 43 -4.80 -14.48 -15.36
CA GLY B 43 -4.63 -15.96 -15.36
C GLY B 43 -3.37 -16.33 -16.13
N HIS B 44 -2.38 -15.47 -16.10
CA HIS B 44 -1.11 -15.75 -16.84
C HIS B 44 0.05 -15.88 -15.85
N ARG B 45 1.23 -16.14 -16.36
CA ARG B 45 2.42 -16.29 -15.46
C ARG B 45 3.15 -14.94 -15.37
N HIS B 46 3.71 -14.63 -14.23
CA HIS B 46 4.45 -13.34 -14.09
C HIS B 46 5.93 -13.62 -13.81
N TYR B 47 6.73 -12.61 -13.88
CA TYR B 47 8.19 -12.79 -13.64
C TYR B 47 8.67 -11.70 -12.67
N GLU B 48 9.50 -12.06 -11.72
CA GLU B 48 9.98 -11.06 -10.71
C GLU B 48 11.43 -10.67 -10.96
N ARG B 49 11.76 -9.46 -10.63
CA ARG B 49 13.17 -8.99 -10.82
C ARG B 49 13.51 -7.90 -9.81
N LYS B 50 14.61 -8.04 -9.12
CA LYS B 50 15.03 -7.03 -8.11
C LYS B 50 13.87 -6.74 -7.17
N GLY B 51 12.96 -7.65 -7.06
CA GLY B 51 11.82 -7.42 -6.15
C GLY B 51 10.72 -6.65 -6.88
N LEU B 52 10.62 -6.85 -8.16
CA LEU B 52 9.56 -6.16 -8.94
C LEU B 52 9.04 -7.11 -10.02
N ALA B 53 7.76 -7.06 -10.29
CA ALA B 53 7.19 -7.98 -11.31
C ALA B 53 7.54 -7.50 -12.71
N TYR B 54 7.60 -8.42 -13.64
CA TYR B 54 7.90 -8.04 -15.03
C TYR B 54 7.29 -9.10 -15.95
N CYS B 55 6.73 -8.70 -17.05
CA CYS B 55 6.16 -9.73 -17.95
C CYS B 55 7.26 -10.71 -18.34
N GLU B 56 6.92 -11.72 -19.09
CA GLU B 56 7.96 -12.71 -19.52
C GLU B 56 8.99 -12.01 -20.40
N THR B 57 8.56 -11.08 -21.19
CA THR B 57 9.50 -10.37 -22.11
C THR B 57 10.15 -9.18 -21.43
N HIS B 58 9.42 -8.40 -20.69
CA HIS B 58 10.05 -7.24 -20.03
C HIS B 58 11.02 -7.75 -18.99
N TYR B 59 10.62 -8.73 -18.23
CA TYR B 59 11.55 -9.29 -17.24
C TYR B 59 12.82 -9.63 -17.96
N ASN B 60 12.70 -10.43 -18.97
CA ASN B 60 13.88 -10.83 -19.75
C ASN B 60 14.47 -9.59 -20.43
N GLN B 61 13.64 -8.77 -21.02
CA GLN B 61 14.19 -7.54 -21.66
C GLN B 61 15.00 -6.81 -20.59
N LEU B 62 14.53 -6.90 -19.39
CA LEU B 62 15.23 -6.25 -18.25
C LEU B 62 16.43 -7.11 -17.84
N PHE B 63 16.29 -8.40 -17.91
CA PHE B 63 17.41 -9.30 -17.51
C PHE B 63 17.24 -10.67 -18.17
N GLY B 64 16.43 -11.51 -17.60
CA GLY B 64 16.22 -12.87 -18.16
C GLY B 64 17.27 -13.83 -17.60
N ASP B 65 17.71 -13.59 -16.38
CA ASP B 65 18.72 -14.49 -15.78
C ASP B 65 19.88 -14.69 -16.76
N VAL B 66 20.42 -13.63 -17.29
CA VAL B 66 21.54 -13.77 -18.26
C VAL B 66 22.28 -12.43 -18.37
N GLN A 1 -11.15 21.55 7.95
CA GLN A 1 -10.78 22.13 6.62
C GLN A 1 -9.96 21.12 5.82
N GLY A 2 -9.82 19.92 6.33
CA GLY A 2 -9.03 18.90 5.60
C GLY A 2 -9.26 17.53 6.23
N SER A 3 -10.40 16.94 5.99
CA SER A 3 -10.68 15.61 6.58
C SER A 3 -11.83 14.93 5.82
N ARG A 4 -11.91 15.15 4.54
CA ARG A 4 -13.00 14.53 3.74
C ARG A 4 -12.72 13.04 3.58
N VAL A 5 -13.75 12.23 3.51
CA VAL A 5 -13.53 10.77 3.35
C VAL A 5 -12.88 10.50 2.00
N LEU A 6 -11.57 10.42 1.97
CA LEU A 6 -10.84 10.14 0.70
C LEU A 6 -10.01 8.88 0.89
N HIS A 7 -9.19 8.87 1.92
CA HIS A 7 -8.35 7.68 2.20
C HIS A 7 -8.20 7.53 3.72
N VAL A 8 -9.23 7.09 4.39
CA VAL A 8 -9.13 6.91 5.86
C VAL A 8 -8.19 5.74 6.10
N VAL A 9 -7.58 5.62 7.26
CA VAL A 9 -6.64 4.46 7.45
C VAL A 9 -6.67 3.94 8.88
N GLN A 10 -6.80 2.65 9.02
CA GLN A 10 -6.82 2.01 10.37
C GLN A 10 -5.43 1.42 10.67
N THR A 11 -4.89 1.75 11.81
CA THR A 11 -3.55 1.23 12.18
C THR A 11 -3.56 -0.28 12.30
N LEU A 12 -2.43 -0.86 12.10
CA LEU A 12 -2.27 -2.34 12.20
C LEU A 12 -1.36 -2.62 13.39
N TYR A 13 -0.63 -1.63 13.85
CA TYR A 13 0.29 -1.85 15.01
C TYR A 13 0.44 -0.56 15.86
N PRO A 14 0.58 -0.68 17.18
CA PRO A 14 0.76 0.50 18.05
C PRO A 14 2.19 1.05 17.85
N PHE A 15 2.41 1.81 16.82
CA PHE A 15 3.78 2.35 16.58
C PHE A 15 4.13 3.43 17.61
N SER A 16 5.38 3.83 17.62
CA SER A 16 5.82 4.89 18.58
C SER A 16 6.74 5.87 17.86
N SER A 17 6.27 7.07 17.68
CA SER A 17 7.09 8.12 16.98
C SER A 17 6.98 9.41 17.78
N VAL A 18 8.07 9.84 18.39
CA VAL A 18 8.04 11.09 19.20
C VAL A 18 9.19 11.98 18.77
N THR A 19 8.89 12.85 17.88
CA THR A 19 9.89 13.85 17.38
C THR A 19 9.14 15.15 17.12
N GLU A 20 9.63 15.91 16.21
CA GLU A 20 8.99 17.15 15.84
C GLU A 20 7.87 16.80 14.85
N GLU A 21 8.20 16.10 13.79
CA GLU A 21 7.22 15.75 12.75
C GLU A 21 6.92 14.23 12.79
N GLU A 22 7.01 13.60 13.93
CA GLU A 22 6.74 12.12 14.02
C GLU A 22 5.33 11.89 14.57
N LEU A 23 4.70 10.79 14.19
CA LEU A 23 3.30 10.48 14.66
C LEU A 23 3.28 9.28 15.61
N ASN A 24 3.00 9.49 16.87
CA ASN A 24 2.92 8.33 17.83
C ASN A 24 1.44 7.95 17.91
N PHE A 25 1.10 6.71 17.70
CA PHE A 25 -0.35 6.36 17.76
C PHE A 25 -0.54 4.91 18.17
N GLU A 26 -1.55 4.66 18.95
CA GLU A 26 -1.83 3.28 19.41
C GLU A 26 -2.65 2.58 18.32
N LYS A 27 -2.60 1.28 18.27
CA LYS A 27 -3.35 0.57 17.24
C LYS A 27 -4.83 0.96 17.31
N GLY A 28 -5.50 1.00 16.20
CA GLY A 28 -6.93 1.40 16.20
C GLY A 28 -7.04 2.93 16.15
N GLU A 29 -6.25 3.56 15.31
CA GLU A 29 -6.28 5.06 15.20
C GLU A 29 -6.67 5.46 13.78
N THR A 30 -7.80 6.08 13.62
CA THR A 30 -8.22 6.53 12.26
C THR A 30 -7.35 7.72 11.89
N MET A 31 -6.44 7.57 10.96
CA MET A 31 -5.58 8.73 10.60
C MET A 31 -6.01 9.30 9.26
N GLU A 32 -6.11 10.59 9.24
CA GLU A 32 -6.54 11.33 8.06
C GLU A 32 -5.27 11.70 7.27
N VAL A 33 -5.02 10.99 6.21
CA VAL A 33 -3.78 11.25 5.43
C VAL A 33 -3.77 12.67 4.83
N ILE A 34 -3.21 13.63 5.53
CA ILE A 34 -3.16 15.02 4.96
C ILE A 34 -2.40 15.03 3.63
N GLU A 35 -1.22 14.46 3.59
CA GLU A 35 -0.41 14.48 2.34
C GLU A 35 0.43 13.23 2.20
N LYS A 36 0.81 12.90 0.99
CA LYS A 36 1.60 11.68 0.75
C LYS A 36 2.78 11.96 -0.20
N PRO A 37 3.72 12.78 0.24
CA PRO A 37 4.91 13.08 -0.58
C PRO A 37 5.85 11.88 -0.56
N GLU A 38 6.79 11.87 -1.44
CA GLU A 38 7.76 10.73 -1.48
C GLU A 38 8.96 11.11 -0.61
N ASN A 39 9.46 12.32 -0.79
CA ASN A 39 10.63 12.83 0.00
C ASN A 39 11.83 11.90 -0.19
N ASP A 40 11.67 10.66 0.17
CA ASP A 40 12.76 9.66 0.01
C ASP A 40 12.50 8.35 0.81
N PRO A 41 12.11 8.49 2.05
CA PRO A 41 11.84 7.33 2.92
C PRO A 41 10.57 6.60 2.44
N GLU A 42 9.46 7.32 2.41
CA GLU A 42 8.11 6.77 1.98
C GLU A 42 7.06 7.16 3.03
N TRP A 43 7.41 8.00 3.97
CA TRP A 43 6.42 8.41 5.02
C TRP A 43 5.35 9.33 4.42
N TRP A 44 4.27 9.55 5.15
CA TRP A 44 3.16 10.42 4.65
C TRP A 44 2.80 11.45 5.73
N LYS A 45 2.43 12.64 5.36
CA LYS A 45 1.99 13.61 6.41
C LYS A 45 0.56 13.21 6.75
N CYS A 46 0.37 12.45 7.79
CA CYS A 46 -1.00 12.02 8.13
C CYS A 46 -1.41 12.58 9.47
N LYS A 47 -2.56 13.19 9.51
CA LYS A 47 -3.05 13.73 10.78
C LYS A 47 -3.70 12.58 11.52
N ASN A 48 -3.71 12.57 12.84
CA ASN A 48 -4.42 11.41 13.51
C ASN A 48 -5.83 11.89 13.85
N ALA A 49 -6.88 11.17 13.48
CA ALA A 49 -8.23 11.70 13.81
C ALA A 49 -8.25 12.04 15.31
N ARG A 50 -7.32 11.50 16.04
CA ARG A 50 -7.25 11.83 17.49
C ARG A 50 -6.92 13.32 17.57
N GLY A 51 -6.69 13.91 16.43
CA GLY A 51 -6.41 15.35 16.33
C GLY A 51 -4.91 15.66 16.36
N GLN A 52 -4.06 14.81 15.80
CA GLN A 52 -2.57 15.13 15.82
C GLN A 52 -1.91 14.81 14.50
N VAL A 53 -0.71 15.33 14.26
CA VAL A 53 -0.04 15.09 12.94
C VAL A 53 1.43 14.67 13.12
N GLY A 54 1.92 13.97 12.13
CA GLY A 54 3.33 13.49 12.14
C GLY A 54 3.56 12.53 10.96
N LEU A 55 4.78 12.38 10.53
CA LEU A 55 5.08 11.45 9.40
C LEU A 55 4.94 10.01 9.89
N VAL A 56 4.58 9.09 9.03
CA VAL A 56 4.41 7.67 9.48
C VAL A 56 4.58 6.73 8.26
N PRO A 57 5.31 5.62 8.41
CA PRO A 57 5.47 4.69 7.28
C PRO A 57 4.09 4.35 6.70
N LYS A 58 3.84 4.77 5.49
CA LYS A 58 2.51 4.51 4.86
C LYS A 58 2.25 3.01 4.76
N ASN A 59 3.13 2.19 5.27
CA ASN A 59 2.93 0.71 5.20
C ASN A 59 2.46 0.20 6.57
N TYR A 60 2.45 1.05 7.56
CA TYR A 60 2.01 0.63 8.92
C TYR A 60 0.49 0.84 9.06
N VAL A 61 -0.17 1.16 7.98
CA VAL A 61 -1.65 1.38 8.05
C VAL A 61 -2.29 0.95 6.72
N VAL A 62 -3.56 0.63 6.75
CA VAL A 62 -4.27 0.22 5.48
C VAL A 62 -5.18 1.36 5.05
N VAL A 63 -5.59 1.38 3.81
CA VAL A 63 -6.49 2.48 3.32
C VAL A 63 -7.90 1.93 3.10
N LEU A 64 -8.90 2.64 3.56
CA LEU A 64 -10.31 2.18 3.39
C LEU A 64 -10.99 3.02 2.29
N SER A 65 -11.13 4.29 2.49
CA SER A 65 -11.77 5.15 1.45
C SER A 65 -10.86 5.26 0.23
N ASP A 66 -11.42 5.44 -0.93
CA ASP A 66 -10.58 5.55 -2.17
C ASP A 66 -11.26 6.52 -3.14
N GLY A 67 -10.48 7.16 -3.99
CA GLY A 67 -11.07 8.10 -4.96
C GLY A 67 -11.59 7.34 -6.20
N PRO A 68 -10.68 6.76 -6.95
CA PRO A 68 -11.06 5.99 -8.15
C PRO A 68 -11.98 4.84 -7.76
N ALA A 69 -13.27 5.04 -7.81
CA ALA A 69 -14.25 3.98 -7.45
C ALA A 69 -15.03 3.62 -8.71
N LEU A 70 -14.47 2.80 -9.52
CA LEU A 70 -15.16 2.39 -10.78
C LEU A 70 -16.10 1.22 -10.48
N HIS A 71 -17.35 1.36 -10.81
CA HIS A 71 -18.32 0.24 -10.55
C HIS A 71 -18.19 -0.20 -9.09
N GLY B 1 -10.18 -11.93 17.93
CA GLY B 1 -10.54 -11.04 16.79
C GLY B 1 -9.26 -10.56 16.09
N SER B 2 -8.41 -11.46 15.70
CA SER B 2 -7.16 -11.05 15.02
C SER B 2 -7.45 -10.70 13.55
N MET B 3 -6.64 -9.90 12.94
CA MET B 3 -6.87 -9.53 11.52
C MET B 3 -7.12 -10.79 10.69
N GLY B 4 -7.58 -10.64 9.48
CA GLY B 4 -7.84 -11.84 8.63
C GLY B 4 -8.14 -11.39 7.20
N VAL B 5 -7.35 -10.51 6.67
CA VAL B 5 -7.60 -10.03 5.27
C VAL B 5 -6.28 -9.53 4.67
N PRO B 6 -5.98 -9.98 3.48
CA PRO B 6 -4.77 -9.55 2.77
C PRO B 6 -4.97 -8.14 2.25
N ILE B 7 -3.93 -7.50 1.90
CA ILE B 7 -4.06 -6.12 1.39
C ILE B 7 -3.18 -5.94 0.15
N CYS B 8 -3.81 -5.62 -0.94
CA CYS B 8 -3.07 -5.48 -2.21
C CYS B 8 -2.00 -4.41 -2.05
N GLY B 9 -0.76 -4.81 -2.20
CA GLY B 9 0.35 -3.85 -2.06
C GLY B 9 0.27 -2.81 -3.18
N ALA B 10 -0.71 -2.93 -4.04
CA ALA B 10 -0.84 -1.97 -5.16
C ALA B 10 -1.64 -0.75 -4.69
N CYS B 11 -2.76 -0.98 -4.06
CA CYS B 11 -3.60 0.13 -3.56
C CYS B 11 -3.66 0.07 -2.04
N ARG B 12 -2.94 -0.82 -1.44
CA ARG B 12 -2.97 -0.93 0.05
C ARG B 12 -4.42 -1.08 0.49
N ARG B 13 -5.18 -1.86 -0.23
CA ARG B 13 -6.61 -2.07 0.14
C ARG B 13 -6.81 -3.53 0.52
N PRO B 14 -7.65 -3.79 1.50
CA PRO B 14 -7.92 -5.16 1.94
C PRO B 14 -8.40 -6.02 0.77
N ILE B 15 -7.61 -6.99 0.37
CA ILE B 15 -8.03 -7.87 -0.77
C ILE B 15 -9.19 -8.76 -0.29
N GLU B 16 -9.98 -9.28 -1.18
CA GLU B 16 -11.12 -10.14 -0.73
C GLU B 16 -11.61 -11.02 -1.88
N GLY B 17 -10.77 -11.87 -2.38
CA GLY B 17 -11.17 -12.78 -3.49
C GLY B 17 -10.00 -13.71 -3.77
N ARG B 18 -9.27 -13.43 -4.81
CA ARG B 18 -8.07 -14.25 -5.13
C ARG B 18 -6.86 -13.36 -4.92
N VAL B 19 -5.98 -13.75 -4.05
CA VAL B 19 -4.79 -12.90 -3.75
C VAL B 19 -3.56 -13.38 -4.51
N VAL B 20 -2.60 -12.51 -4.68
CA VAL B 20 -1.34 -12.89 -5.37
C VAL B 20 -0.21 -12.61 -4.41
N ASN B 21 0.50 -13.62 -4.00
CA ASN B 21 1.61 -13.40 -3.04
C ASN B 21 2.90 -13.13 -3.81
N ALA B 22 3.34 -11.90 -3.82
CA ALA B 22 4.59 -11.56 -4.55
C ALA B 22 5.32 -10.46 -3.78
N MET B 23 6.59 -10.31 -4.01
CA MET B 23 7.35 -9.26 -3.27
C MET B 23 7.20 -9.53 -1.78
N GLY B 24 6.80 -10.72 -1.47
CA GLY B 24 6.61 -11.08 -0.03
C GLY B 24 5.39 -10.33 0.47
N LYS B 25 4.50 -9.99 -0.42
CA LYS B 25 3.27 -9.23 -0.04
C LYS B 25 2.04 -9.91 -0.62
N GLN B 26 1.01 -9.15 -0.82
CA GLN B 26 -0.26 -9.69 -1.40
C GLN B 26 -0.72 -8.69 -2.45
N TRP B 27 -1.28 -9.12 -3.55
CA TRP B 27 -1.69 -8.14 -4.59
C TRP B 27 -3.02 -8.56 -5.23
N HIS B 28 -3.89 -7.61 -5.50
CA HIS B 28 -5.17 -7.99 -6.16
C HIS B 28 -4.81 -8.72 -7.45
N VAL B 29 -5.40 -9.84 -7.70
CA VAL B 29 -5.07 -10.55 -8.95
C VAL B 29 -5.24 -9.58 -10.12
N GLU B 30 -5.91 -8.50 -9.88
CA GLU B 30 -6.15 -7.50 -10.96
C GLU B 30 -5.08 -6.39 -10.92
N HIS B 31 -4.51 -6.12 -9.78
CA HIS B 31 -3.48 -5.03 -9.69
C HIS B 31 -2.07 -5.61 -9.76
N PHE B 32 -1.93 -6.91 -9.74
CA PHE B 32 -0.56 -7.47 -9.84
C PHE B 32 -0.18 -7.44 -11.31
N VAL B 33 0.69 -6.54 -11.68
CA VAL B 33 1.06 -6.43 -13.12
C VAL B 33 2.57 -6.32 -13.29
N CYS B 34 2.99 -6.30 -14.51
CA CYS B 34 4.43 -6.17 -14.82
C CYS B 34 4.94 -4.82 -14.30
N ALA B 35 6.18 -4.75 -13.90
CA ALA B 35 6.72 -3.46 -13.39
C ALA B 35 7.36 -2.68 -14.53
N LYS B 36 6.88 -2.87 -15.73
CA LYS B 36 7.46 -2.13 -16.91
C LYS B 36 6.33 -1.67 -17.84
N CYS B 37 5.26 -2.41 -17.92
CA CYS B 37 4.14 -2.03 -18.83
C CYS B 37 2.82 -2.03 -18.07
N GLU B 38 2.78 -2.64 -16.91
CA GLU B 38 1.53 -2.67 -16.11
C GLU B 38 0.53 -3.62 -16.78
N LYS B 39 0.96 -4.80 -17.15
CA LYS B 39 0.02 -5.79 -17.75
C LYS B 39 -0.35 -6.81 -16.67
N PRO B 40 -1.58 -6.77 -16.21
CA PRO B 40 -2.04 -7.66 -15.13
C PRO B 40 -2.12 -9.11 -15.58
N PHE B 41 -1.69 -10.00 -14.74
CA PHE B 41 -1.76 -11.45 -15.07
C PHE B 41 -3.04 -12.04 -14.44
N LEU B 42 -4.17 -11.49 -14.77
CA LEU B 42 -5.44 -12.02 -14.20
C LEU B 42 -5.36 -13.55 -14.13
N GLY B 43 -5.09 -14.17 -15.24
CA GLY B 43 -4.98 -15.66 -15.26
C GLY B 43 -3.75 -16.04 -16.08
N HIS B 44 -2.74 -15.21 -16.08
CA HIS B 44 -1.50 -15.51 -16.86
C HIS B 44 -0.32 -15.68 -15.91
N ARG B 45 0.84 -15.98 -16.45
CA ARG B 45 2.05 -16.17 -15.60
C ARG B 45 2.82 -14.85 -15.51
N HIS B 46 3.43 -14.58 -14.39
CA HIS B 46 4.22 -13.31 -14.25
C HIS B 46 5.68 -13.65 -14.03
N TYR B 47 6.52 -12.65 -14.10
CA TYR B 47 7.97 -12.87 -13.92
C TYR B 47 8.51 -11.82 -12.94
N GLU B 48 9.37 -12.22 -12.03
CA GLU B 48 9.90 -11.25 -11.01
C GLU B 48 11.36 -10.90 -11.31
N ARG B 49 11.75 -9.70 -10.97
CA ARG B 49 13.16 -9.26 -11.19
C ARG B 49 13.56 -8.20 -10.17
N LYS B 50 14.67 -8.40 -9.52
CA LYS B 50 15.15 -7.42 -8.51
C LYS B 50 14.04 -7.11 -7.53
N GLY B 51 13.11 -7.99 -7.41
CA GLY B 51 11.99 -7.75 -6.46
C GLY B 51 10.90 -6.94 -7.13
N LEU B 52 10.74 -7.11 -8.41
CA LEU B 52 9.70 -6.37 -9.15
C LEU B 52 9.11 -7.28 -10.22
N ALA B 53 7.83 -7.20 -10.45
CA ALA B 53 7.20 -8.08 -11.46
C ALA B 53 7.51 -7.59 -12.87
N TYR B 54 7.52 -8.49 -13.81
CA TYR B 54 7.78 -8.10 -15.22
C TYR B 54 7.11 -9.12 -16.13
N CYS B 55 6.53 -8.69 -17.21
CA CYS B 55 5.90 -9.68 -18.10
C CYS B 55 6.96 -10.69 -18.54
N GLU B 56 6.58 -11.68 -19.30
CA GLU B 56 7.56 -12.69 -19.78
C GLU B 56 8.59 -12.00 -20.68
N THR B 57 8.15 -11.04 -21.45
CA THR B 57 9.08 -10.34 -22.39
C THR B 57 9.79 -9.18 -21.70
N HIS B 58 9.11 -8.40 -20.93
CA HIS B 58 9.80 -7.26 -20.27
C HIS B 58 10.77 -7.83 -19.27
N TYR B 59 10.38 -8.81 -18.51
CA TYR B 59 11.31 -9.42 -17.56
C TYR B 59 12.56 -9.78 -18.33
N ASN B 60 12.38 -10.55 -19.35
CA ASN B 60 13.53 -10.96 -20.16
C ASN B 60 14.13 -9.73 -20.84
N GLN B 61 13.31 -8.88 -21.40
CA GLN B 61 13.87 -7.66 -22.03
C GLN B 61 14.73 -6.97 -20.98
N LEU B 62 14.29 -7.06 -19.76
CA LEU B 62 15.05 -6.46 -18.63
C LEU B 62 16.24 -7.36 -18.28
N PHE B 63 16.06 -8.64 -18.37
CA PHE B 63 17.17 -9.58 -18.02
C PHE B 63 16.94 -10.93 -18.69
N GLY B 64 16.12 -11.75 -18.10
CA GLY B 64 15.85 -13.10 -18.69
C GLY B 64 16.90 -14.09 -18.18
N ASP B 65 17.37 -13.89 -16.98
CA ASP B 65 18.39 -14.84 -16.43
C ASP B 65 19.50 -15.05 -17.45
N VAL B 66 20.06 -13.99 -17.97
CA VAL B 66 21.15 -14.14 -18.98
C VAL B 66 21.91 -12.83 -19.10
N GLN A 1 -11.90 21.10 8.32
CA GLN A 1 -11.61 21.73 7.00
C GLN A 1 -10.74 20.79 6.17
N GLY A 2 -10.52 19.60 6.64
CA GLY A 2 -9.67 18.63 5.88
C GLY A 2 -9.81 17.23 6.49
N SER A 3 -10.92 16.58 6.26
CA SER A 3 -11.11 15.22 6.83
C SER A 3 -12.23 14.50 6.08
N ARG A 4 -12.35 14.74 4.80
CA ARG A 4 -13.42 14.06 4.01
C ARG A 4 -13.05 12.59 3.82
N VAL A 5 -14.02 11.73 3.75
CA VAL A 5 -13.72 10.28 3.57
C VAL A 5 -13.09 10.07 2.20
N LEU A 6 -11.78 10.08 2.14
CA LEU A 6 -11.06 9.86 0.84
C LEU A 6 -10.15 8.65 0.99
N HIS A 7 -9.31 8.68 2.00
CA HIS A 7 -8.39 7.54 2.25
C HIS A 7 -8.19 7.37 3.75
N VAL A 8 -9.18 6.86 4.44
CA VAL A 8 -9.04 6.66 5.90
C VAL A 8 -8.03 5.54 6.10
N VAL A 9 -7.37 5.44 7.24
CA VAL A 9 -6.36 4.34 7.39
C VAL A 9 -6.33 3.78 8.81
N GLN A 10 -6.37 2.48 8.93
CA GLN A 10 -6.32 1.82 10.26
C GLN A 10 -4.90 1.33 10.52
N THR A 11 -4.35 1.66 11.65
CA THR A 11 -2.97 1.22 11.99
C THR A 11 -2.89 -0.29 12.08
N LEU A 12 -1.72 -0.80 11.84
CA LEU A 12 -1.47 -2.27 11.91
C LEU A 12 -0.52 -2.51 13.07
N TYR A 13 0.15 -1.48 13.54
CA TYR A 13 1.11 -1.67 14.67
C TYR A 13 1.21 -0.38 15.54
N PRO A 14 1.37 -0.53 16.85
CA PRO A 14 1.50 0.66 17.75
C PRO A 14 2.89 1.29 17.52
N PHE A 15 3.04 2.09 16.51
CA PHE A 15 4.37 2.72 16.26
C PHE A 15 4.68 3.79 17.30
N SER A 16 5.90 4.27 17.28
CA SER A 16 6.30 5.34 18.25
C SER A 16 7.14 6.38 17.53
N SER A 17 6.60 7.57 17.38
CA SER A 17 7.32 8.67 16.69
C SER A 17 7.16 9.94 17.52
N VAL A 18 8.23 10.42 18.12
CA VAL A 18 8.14 11.64 18.94
C VAL A 18 9.23 12.61 18.52
N THR A 19 8.85 13.49 17.65
CA THR A 19 9.77 14.55 17.15
C THR A 19 8.94 15.81 16.92
N GLU A 20 9.37 16.62 16.02
CA GLU A 20 8.64 17.81 15.69
C GLU A 20 7.52 17.41 14.72
N GLU A 21 7.87 16.76 13.64
CA GLU A 21 6.89 16.36 12.62
C GLU A 21 6.68 14.83 12.62
N GLU A 22 6.85 14.19 13.75
CA GLU A 22 6.67 12.70 13.81
C GLU A 22 5.28 12.36 14.40
N LEU A 23 4.72 11.23 14.01
CA LEU A 23 3.34 10.84 14.50
C LEU A 23 3.43 9.61 15.43
N ASN A 24 3.16 9.78 16.70
CA ASN A 24 3.18 8.61 17.63
C ASN A 24 1.73 8.12 17.74
N PHE A 25 1.46 6.86 17.52
CA PHE A 25 0.04 6.43 17.59
C PHE A 25 -0.07 4.96 17.98
N GLU A 26 -1.04 4.64 18.77
CA GLU A 26 -1.22 3.23 19.21
C GLU A 26 -2.02 2.50 18.14
N LYS A 27 -1.88 1.22 18.06
CA LYS A 27 -2.63 0.48 17.02
C LYS A 27 -4.12 0.78 17.14
N GLY A 28 -4.81 0.80 16.04
CA GLY A 28 -6.27 1.11 16.08
C GLY A 28 -6.47 2.63 16.07
N GLU A 29 -5.74 3.33 15.22
CA GLU A 29 -5.87 4.81 15.14
C GLU A 29 -6.32 5.22 13.73
N THR A 30 -7.48 5.77 13.61
CA THR A 30 -7.96 6.22 12.27
C THR A 30 -7.18 7.46 11.91
N MET A 31 -6.28 7.39 10.96
CA MET A 31 -5.50 8.61 10.60
C MET A 31 -5.99 9.17 9.28
N GLU A 32 -6.18 10.45 9.29
CA GLU A 32 -6.67 11.19 8.12
C GLU A 32 -5.45 11.65 7.33
N VAL A 33 -5.17 10.99 6.24
CA VAL A 33 -3.97 11.33 5.44
C VAL A 33 -4.07 12.75 4.87
N ILE A 34 -3.55 13.73 5.57
CA ILE A 34 -3.61 15.14 5.04
C ILE A 34 -2.88 15.21 3.68
N GLU A 35 -1.66 14.72 3.61
CA GLU A 35 -0.88 14.82 2.33
C GLU A 35 0.03 13.61 2.17
N LYS A 36 0.40 13.35 0.95
CA LYS A 36 1.26 12.17 0.66
C LYS A 36 2.40 12.55 -0.32
N PRO A 37 3.30 13.40 0.11
CA PRO A 37 4.44 13.80 -0.70
C PRO A 37 5.46 12.67 -0.74
N GLU A 38 6.37 12.72 -1.64
CA GLU A 38 7.42 11.66 -1.72
C GLU A 38 8.61 12.10 -0.88
N ASN A 39 9.03 13.33 -1.04
CA ASN A 39 10.18 13.89 -0.27
C ASN A 39 11.43 13.05 -0.50
N ASP A 40 11.35 11.80 -0.17
CA ASP A 40 12.50 10.86 -0.37
C ASP A 40 12.34 9.53 0.41
N PRO A 41 11.98 9.62 1.66
CA PRO A 41 11.79 8.43 2.51
C PRO A 41 10.56 7.64 2.04
N GLU A 42 9.40 8.28 2.06
CA GLU A 42 8.09 7.66 1.65
C GLU A 42 7.03 7.96 2.73
N TRP A 43 7.35 8.80 3.68
CA TRP A 43 6.37 9.14 4.76
C TRP A 43 5.24 10.00 4.21
N TRP A 44 4.16 10.13 4.96
CA TRP A 44 2.98 10.94 4.50
C TRP A 44 2.58 11.93 5.61
N LYS A 45 2.13 13.10 5.27
CA LYS A 45 1.66 14.02 6.34
C LYS A 45 0.27 13.53 6.70
N CYS A 46 0.16 12.74 7.73
CA CYS A 46 -1.19 12.21 8.10
C CYS A 46 -1.60 12.73 9.46
N LYS A 47 -2.78 13.27 9.53
CA LYS A 47 -3.28 13.75 10.83
C LYS A 47 -3.84 12.56 11.55
N ASN A 48 -3.81 12.52 12.86
CA ASN A 48 -4.44 11.30 13.53
C ASN A 48 -5.87 11.69 13.91
N ALA A 49 -6.88 10.91 13.55
CA ALA A 49 -8.25 11.35 13.93
C ALA A 49 -8.26 11.66 15.42
N ARG A 50 -7.28 11.16 16.14
CA ARG A 50 -7.20 11.47 17.58
C ARG A 50 -6.96 12.97 17.69
N GLY A 51 -6.79 13.60 16.55
CA GLY A 51 -6.60 15.06 16.48
C GLY A 51 -5.11 15.46 16.48
N GLN A 52 -4.23 14.67 15.89
CA GLN A 52 -2.76 15.08 15.88
C GLN A 52 -2.12 14.83 14.53
N VAL A 53 -0.96 15.43 14.29
CA VAL A 53 -0.30 15.25 12.94
C VAL A 53 1.19 14.92 13.08
N GLY A 54 1.70 14.27 12.07
CA GLY A 54 3.14 13.88 12.03
C GLY A 54 3.40 12.96 10.84
N LEU A 55 4.61 12.90 10.37
CA LEU A 55 4.94 12.01 9.21
C LEU A 55 4.90 10.55 9.68
N VAL A 56 4.58 9.62 8.81
CA VAL A 56 4.51 8.19 9.24
C VAL A 56 4.72 7.28 8.00
N PRO A 57 5.51 6.22 8.11
CA PRO A 57 5.71 5.32 6.96
C PRO A 57 4.33 4.91 6.40
N LYS A 58 4.03 5.33 5.21
CA LYS A 58 2.71 5.00 4.61
C LYS A 58 2.53 3.49 4.48
N ASN A 59 3.48 2.72 4.95
CA ASN A 59 3.38 1.22 4.86
C ASN A 59 2.96 0.66 6.23
N TYR A 60 2.92 1.50 7.24
CA TYR A 60 2.54 1.02 8.61
C TYR A 60 1.02 1.13 8.77
N VAL A 61 0.31 1.43 7.72
CA VAL A 61 -1.18 1.56 7.83
C VAL A 61 -1.83 1.12 6.50
N VAL A 62 -3.07 0.72 6.55
CA VAL A 62 -3.78 0.29 5.29
C VAL A 62 -4.78 1.37 4.91
N VAL A 63 -5.21 1.40 3.68
CA VAL A 63 -6.19 2.44 3.22
C VAL A 63 -7.56 1.81 3.02
N LEU A 64 -8.59 2.45 3.51
CA LEU A 64 -9.98 1.91 3.37
C LEU A 64 -10.73 2.71 2.30
N SER A 65 -10.94 3.99 2.53
CA SER A 65 -11.67 4.81 1.52
C SER A 65 -10.79 5.00 0.28
N ASP A 66 -11.39 5.17 -0.86
CA ASP A 66 -10.59 5.35 -2.11
C ASP A 66 -11.34 6.29 -3.07
N GLY A 67 -10.63 7.00 -3.90
CA GLY A 67 -11.30 7.92 -4.86
C GLY A 67 -11.79 7.15 -6.09
N PRO A 68 -10.86 6.64 -6.88
CA PRO A 68 -11.22 5.88 -8.08
C PRO A 68 -12.06 4.66 -7.69
N ALA A 69 -13.37 4.79 -7.70
CA ALA A 69 -14.26 3.65 -7.35
C ALA A 69 -15.05 3.27 -8.59
N LEU A 70 -14.47 2.50 -9.43
CA LEU A 70 -15.15 2.06 -10.69
C LEU A 70 -16.02 0.84 -10.39
N HIS A 71 -17.28 0.90 -10.70
CA HIS A 71 -18.17 -0.27 -10.44
C HIS A 71 -17.98 -0.73 -8.99
N GLY B 1 -11.35 -13.80 17.27
CA GLY B 1 -11.60 -12.77 16.21
C GLY B 1 -10.27 -12.34 15.60
N SER B 2 -9.49 -13.26 15.14
CA SER B 2 -8.18 -12.89 14.53
C SER B 2 -8.40 -12.38 13.10
N MET B 3 -7.49 -11.59 12.60
CA MET B 3 -7.66 -11.05 11.22
C MET B 3 -7.97 -12.20 10.26
N GLY B 4 -8.39 -11.89 9.06
CA GLY B 4 -8.72 -12.97 8.08
C GLY B 4 -8.94 -12.35 6.71
N VAL B 5 -8.06 -11.48 6.28
CA VAL B 5 -8.21 -10.85 4.94
C VAL B 5 -6.84 -10.40 4.43
N PRO B 6 -6.54 -10.76 3.20
CA PRO B 6 -5.27 -10.37 2.57
C PRO B 6 -5.34 -8.90 2.20
N ILE B 7 -4.23 -8.31 1.94
CA ILE B 7 -4.22 -6.88 1.57
C ILE B 7 -3.31 -6.67 0.38
N CYS B 8 -3.86 -6.18 -0.68
CA CYS B 8 -3.07 -5.96 -1.91
C CYS B 8 -1.91 -5.02 -1.62
N GLY B 9 -0.72 -5.52 -1.78
CA GLY B 9 0.48 -4.68 -1.51
C GLY B 9 0.52 -3.53 -2.52
N ALA B 10 -0.44 -3.47 -3.40
CA ALA B 10 -0.45 -2.38 -4.41
C ALA B 10 -1.16 -1.15 -3.83
N CYS B 11 -2.31 -1.36 -3.27
CA CYS B 11 -3.07 -0.22 -2.67
C CYS B 11 -3.18 -0.43 -1.16
N ARG B 12 -2.55 -1.46 -0.64
CA ARG B 12 -2.64 -1.71 0.82
C ARG B 12 -4.11 -1.77 1.21
N ARG B 13 -4.92 -2.41 0.40
CA ARG B 13 -6.38 -2.51 0.70
C ARG B 13 -6.71 -3.99 0.92
N PRO B 14 -7.61 -4.26 1.84
CA PRO B 14 -8.00 -5.65 2.13
C PRO B 14 -8.52 -6.34 0.87
N ILE B 15 -7.81 -7.33 0.39
CA ILE B 15 -8.28 -8.03 -0.83
C ILE B 15 -9.51 -8.87 -0.49
N GLU B 16 -10.32 -9.22 -1.45
CA GLU B 16 -11.54 -10.02 -1.12
C GLU B 16 -12.08 -10.72 -2.37
N GLY B 17 -11.30 -11.59 -2.94
CA GLY B 17 -11.73 -12.34 -4.15
C GLY B 17 -10.64 -13.33 -4.50
N ARG B 18 -9.86 -13.01 -5.48
CA ARG B 18 -8.73 -13.90 -5.86
C ARG B 18 -7.44 -13.15 -5.53
N VAL B 19 -6.63 -13.71 -4.69
CA VAL B 19 -5.38 -13.01 -4.27
C VAL B 19 -4.18 -13.51 -5.05
N VAL B 20 -3.15 -12.72 -5.10
CA VAL B 20 -1.90 -13.14 -5.80
C VAL B 20 -0.77 -13.07 -4.79
N ASN B 21 -0.17 -14.17 -4.47
CA ASN B 21 0.93 -14.14 -3.47
C ASN B 21 2.25 -13.92 -4.18
N ALA B 22 2.80 -12.74 -4.06
CA ALA B 22 4.09 -12.44 -4.71
C ALA B 22 4.89 -11.50 -3.81
N MET B 23 6.18 -11.44 -4.00
CA MET B 23 7.01 -10.54 -3.14
C MET B 23 6.79 -10.96 -1.69
N GLY B 24 6.28 -12.13 -1.50
CA GLY B 24 6.01 -12.62 -0.13
C GLY B 24 4.83 -11.82 0.43
N LYS B 25 4.02 -11.31 -0.43
CA LYS B 25 2.85 -10.48 -0.01
C LYS B 25 1.58 -10.99 -0.69
N GLN B 26 0.61 -10.13 -0.83
CA GLN B 26 -0.67 -10.48 -1.49
C GLN B 26 -1.00 -9.33 -2.44
N TRP B 27 -1.57 -9.60 -3.59
CA TRP B 27 -1.86 -8.49 -4.53
C TRP B 27 -3.19 -8.71 -5.23
N HIS B 28 -3.97 -7.66 -5.42
CA HIS B 28 -5.26 -7.86 -6.15
C HIS B 28 -4.92 -8.47 -7.50
N VAL B 29 -5.60 -9.50 -7.89
CA VAL B 29 -5.29 -10.11 -9.20
C VAL B 29 -5.34 -9.03 -10.27
N GLU B 30 -5.91 -7.90 -9.92
CA GLU B 30 -6.03 -6.79 -10.89
C GLU B 30 -4.88 -5.79 -10.71
N HIS B 31 -4.32 -5.69 -9.53
CA HIS B 31 -3.20 -4.72 -9.32
C HIS B 31 -1.85 -5.41 -9.41
N PHE B 32 -1.82 -6.71 -9.52
CA PHE B 32 -0.50 -7.38 -9.65
C PHE B 32 -0.07 -7.23 -11.10
N VAL B 33 0.88 -6.38 -11.36
CA VAL B 33 1.31 -6.15 -12.76
C VAL B 33 2.82 -6.17 -12.88
N CYS B 34 3.29 -6.06 -14.09
CA CYS B 34 4.74 -6.03 -14.35
C CYS B 34 5.34 -4.79 -13.68
N ALA B 35 6.57 -4.88 -13.24
CA ALA B 35 7.21 -3.71 -12.59
C ALA B 35 7.96 -2.86 -13.62
N LYS B 36 7.49 -2.88 -14.85
CA LYS B 36 8.17 -2.08 -15.93
C LYS B 36 7.12 -1.42 -16.83
N CYS B 37 5.99 -2.05 -17.01
CA CYS B 37 4.94 -1.48 -17.90
C CYS B 37 3.59 -1.45 -17.18
N GLU B 38 3.47 -2.16 -16.09
CA GLU B 38 2.19 -2.17 -15.34
C GLU B 38 1.14 -2.95 -16.11
N LYS B 39 1.48 -4.12 -16.59
CA LYS B 39 0.48 -4.95 -17.33
C LYS B 39 -0.01 -6.03 -16.37
N PRO B 40 -1.25 -5.93 -15.93
CA PRO B 40 -1.82 -6.88 -14.96
C PRO B 40 -2.02 -8.26 -15.57
N PHE B 41 -1.69 -9.27 -14.82
CA PHE B 41 -1.88 -10.67 -15.30
C PHE B 41 -3.22 -11.19 -14.77
N LEU B 42 -4.30 -10.52 -15.07
CA LEU B 42 -5.62 -10.99 -14.57
C LEU B 42 -5.68 -12.51 -14.66
N GLY B 43 -5.43 -13.04 -15.83
CA GLY B 43 -5.45 -14.52 -16.01
C GLY B 43 -4.24 -14.93 -16.84
N HIS B 44 -3.16 -14.20 -16.72
CA HIS B 44 -1.93 -14.53 -17.51
C HIS B 44 -0.78 -14.91 -16.56
N ARG B 45 0.35 -15.25 -17.10
CA ARG B 45 1.52 -15.64 -16.24
C ARG B 45 2.40 -14.41 -16.01
N HIS B 46 3.00 -14.31 -14.84
CA HIS B 46 3.88 -13.14 -14.55
C HIS B 46 5.30 -13.62 -14.33
N TYR B 47 6.22 -12.71 -14.27
CA TYR B 47 7.65 -13.08 -14.08
C TYR B 47 8.25 -12.19 -12.99
N GLU B 48 9.03 -12.76 -12.10
CA GLU B 48 9.62 -11.95 -10.98
C GLU B 48 11.10 -11.70 -11.20
N ARG B 49 11.59 -10.57 -10.73
CA ARG B 49 13.04 -10.26 -10.88
C ARG B 49 13.50 -9.34 -9.74
N LYS B 50 14.57 -9.70 -9.10
CA LYS B 50 15.10 -8.88 -7.98
C LYS B 50 14.00 -8.57 -6.99
N GLY B 51 12.97 -9.38 -6.98
CA GLY B 51 11.86 -9.14 -6.03
C GLY B 51 10.87 -8.16 -6.65
N LEU B 52 10.74 -8.20 -7.94
CA LEU B 52 9.77 -7.29 -8.62
C LEU B 52 9.15 -8.03 -9.79
N ALA B 53 7.89 -7.80 -10.04
CA ALA B 53 7.22 -8.52 -11.15
C ALA B 53 7.62 -7.92 -12.49
N TYR B 54 7.58 -8.71 -13.53
CA TYR B 54 7.91 -8.21 -14.88
C TYR B 54 7.19 -9.05 -15.91
N CYS B 55 6.68 -8.46 -16.94
CA CYS B 55 6.00 -9.29 -17.95
C CYS B 55 6.97 -10.34 -18.48
N GLU B 56 6.53 -11.21 -19.34
CA GLU B 56 7.44 -12.24 -19.90
C GLU B 56 8.56 -11.57 -20.70
N THR B 57 8.23 -10.50 -21.37
CA THR B 57 9.24 -9.79 -22.20
C THR B 57 10.04 -8.79 -21.39
N HIS B 58 9.40 -8.02 -20.56
CA HIS B 58 10.15 -7.02 -19.76
C HIS B 58 11.06 -7.77 -18.80
N TYR B 59 10.55 -8.79 -18.18
CA TYR B 59 11.40 -9.58 -17.27
C TYR B 59 12.63 -9.97 -18.04
N ASN B 60 12.42 -10.61 -19.14
CA ASN B 60 13.55 -11.04 -19.97
C ASN B 60 14.27 -9.80 -20.50
N GLN B 61 13.55 -8.83 -20.98
CA GLN B 61 14.23 -7.60 -21.47
C GLN B 61 15.11 -7.11 -20.33
N LEU B 62 14.64 -7.29 -19.13
CA LEU B 62 15.42 -6.87 -17.93
C LEU B 62 16.50 -7.91 -17.65
N PHE B 63 16.21 -9.16 -17.88
CA PHE B 63 17.22 -10.22 -17.61
C PHE B 63 16.90 -11.47 -18.43
N GLY B 64 16.00 -12.27 -17.94
CA GLY B 64 15.63 -13.52 -18.68
C GLY B 64 16.56 -14.66 -18.25
N ASP B 65 17.02 -14.63 -17.03
CA ASP B 65 17.93 -15.70 -16.55
C ASP B 65 19.04 -15.91 -17.56
N VAL B 66 19.71 -14.86 -17.97
CA VAL B 66 20.81 -15.01 -18.96
C VAL B 66 21.70 -13.76 -18.92
N GLN A 1 -10.37 22.14 8.30
CA GLN A 1 -10.01 22.73 6.97
C GLN A 1 -9.26 21.68 6.14
N GLY A 2 -9.19 20.47 6.63
CA GLY A 2 -8.48 19.40 5.86
C GLY A 2 -8.76 18.04 6.49
N SER A 3 -9.94 17.52 6.27
CA SER A 3 -10.28 16.19 6.86
C SER A 3 -11.49 15.60 6.12
N ARG A 4 -11.59 15.84 4.85
CA ARG A 4 -12.74 15.29 4.07
C ARG A 4 -12.55 13.78 3.90
N VAL A 5 -13.62 13.05 3.84
CA VAL A 5 -13.49 11.56 3.68
C VAL A 5 -12.90 11.27 2.30
N LEU A 6 -11.59 11.13 2.22
CA LEU A 6 -10.92 10.82 0.92
C LEU A 6 -10.16 9.51 1.09
N HIS A 7 -9.31 9.44 2.08
CA HIS A 7 -8.53 8.21 2.33
C HIS A 7 -8.35 8.03 3.84
N VAL A 8 -9.38 7.64 4.53
CA VAL A 8 -9.24 7.44 6.00
C VAL A 8 -8.37 6.22 6.20
N VAL A 9 -7.72 6.05 7.34
CA VAL A 9 -6.85 4.84 7.49
C VAL A 9 -6.87 4.30 8.92
N GLN A 10 -7.06 3.01 9.05
CA GLN A 10 -7.08 2.37 10.38
C GLN A 10 -5.72 1.70 10.64
N THR A 11 -5.12 1.98 11.77
CA THR A 11 -3.79 1.38 12.09
C THR A 11 -3.90 -0.13 12.20
N LEU A 12 -2.80 -0.76 11.96
CA LEU A 12 -2.73 -2.26 12.04
C LEU A 12 -1.79 -2.60 13.19
N TYR A 13 -1.00 -1.65 13.64
CA TYR A 13 -0.06 -1.94 14.77
C TYR A 13 0.19 -0.67 15.62
N PRO A 14 0.35 -0.82 16.94
CA PRO A 14 0.64 0.34 17.82
C PRO A 14 2.08 0.82 17.59
N PHE A 15 2.31 1.58 16.56
CA PHE A 15 3.70 2.04 16.28
C PHE A 15 4.15 3.08 17.31
N SER A 16 5.42 3.42 17.28
CA SER A 16 5.94 4.44 18.24
C SER A 16 6.91 5.38 17.50
N SER A 17 6.50 6.60 17.34
CA SER A 17 7.34 7.61 16.63
C SER A 17 7.33 8.90 17.45
N VAL A 18 8.46 9.26 18.03
CA VAL A 18 8.52 10.49 18.84
C VAL A 18 9.72 11.32 18.40
N THR A 19 9.44 12.22 17.53
CA THR A 19 10.47 13.16 17.01
C THR A 19 9.80 14.50 16.78
N GLU A 20 10.30 15.25 15.86
CA GLU A 20 9.72 16.52 15.53
C GLU A 20 8.55 16.25 14.56
N GLU A 21 8.82 15.56 13.49
CA GLU A 21 7.78 15.27 12.49
C GLU A 21 7.39 13.77 12.51
N GLU A 22 7.49 13.12 13.64
CA GLU A 22 7.14 11.66 13.71
C GLU A 22 5.73 11.49 14.33
N LEU A 23 5.02 10.44 13.94
CA LEU A 23 3.62 10.21 14.46
C LEU A 23 3.57 8.99 15.40
N ASN A 24 3.34 9.21 16.66
CA ASN A 24 3.22 8.05 17.60
C ASN A 24 1.74 7.75 17.73
N PHE A 25 1.31 6.52 17.53
CA PHE A 25 -0.15 6.26 17.62
C PHE A 25 -0.41 4.81 18.02
N GLU A 26 -1.41 4.62 18.83
CA GLU A 26 -1.76 3.24 19.28
C GLU A 26 -2.64 2.61 18.21
N LYS A 27 -2.67 1.32 18.16
CA LYS A 27 -3.50 0.65 17.13
C LYS A 27 -4.94 1.13 17.26
N GLY A 28 -5.64 1.21 16.16
CA GLY A 28 -7.05 1.70 16.22
C GLY A 28 -7.07 3.22 16.18
N GLU A 29 -6.27 3.82 15.32
CA GLU A 29 -6.22 5.32 15.23
C GLU A 29 -6.63 5.76 13.83
N THR A 30 -7.73 6.45 13.70
CA THR A 30 -8.16 6.94 12.37
C THR A 30 -7.25 8.07 11.98
N MET A 31 -6.37 7.88 11.03
CA MET A 31 -5.46 9.01 10.65
C MET A 31 -5.89 9.61 9.33
N GLU A 32 -5.93 10.89 9.34
CA GLU A 32 -6.34 11.69 8.16
C GLU A 32 -5.09 11.99 7.35
N VAL A 33 -4.89 11.28 6.27
CA VAL A 33 -3.67 11.48 5.45
C VAL A 33 -3.60 12.90 4.87
N ILE A 34 -2.97 13.82 5.56
CA ILE A 34 -2.86 15.21 5.00
C ILE A 34 -2.13 15.19 3.64
N GLU A 35 -0.99 14.56 3.57
CA GLU A 35 -0.22 14.55 2.28
C GLU A 35 0.54 13.25 2.12
N LYS A 36 0.87 12.92 0.90
CA LYS A 36 1.59 11.65 0.61
C LYS A 36 2.74 11.88 -0.37
N PRO A 37 3.74 12.64 0.05
CA PRO A 37 4.93 12.89 -0.79
C PRO A 37 5.79 11.63 -0.82
N GLU A 38 6.70 11.58 -1.73
CA GLU A 38 7.61 10.39 -1.81
C GLU A 38 8.86 10.70 -0.98
N ASN A 39 9.42 11.87 -1.16
CA ASN A 39 10.63 12.30 -0.41
C ASN A 39 11.77 11.31 -0.63
N ASP A 40 11.56 10.09 -0.29
CA ASP A 40 12.59 9.02 -0.49
C ASP A 40 12.27 7.72 0.30
N PRO A 41 11.93 7.86 1.54
CA PRO A 41 11.62 6.72 2.42
C PRO A 41 10.30 6.07 1.97
N GLU A 42 9.22 6.84 1.99
CA GLU A 42 7.84 6.38 1.60
C GLU A 42 6.84 6.81 2.68
N TRP A 43 7.26 7.62 3.61
CA TRP A 43 6.33 8.07 4.70
C TRP A 43 5.30 9.06 4.15
N TRP A 44 4.25 9.33 4.91
CA TRP A 44 3.17 10.26 4.46
C TRP A 44 2.92 11.30 5.56
N LYS A 45 2.60 12.51 5.21
CA LYS A 45 2.24 13.49 6.27
C LYS A 45 0.82 13.18 6.65
N CYS A 46 0.62 12.43 7.69
CA CYS A 46 -0.78 12.06 8.07
C CYS A 46 -1.11 12.63 9.44
N LYS A 47 -2.21 13.30 9.51
CA LYS A 47 -2.63 13.85 10.80
C LYS A 47 -3.33 12.73 11.55
N ASN A 48 -3.30 12.70 12.86
CA ASN A 48 -4.06 11.58 13.54
C ASN A 48 -5.43 12.13 13.94
N ALA A 49 -6.53 11.48 13.60
CA ALA A 49 -7.83 12.07 13.97
C ALA A 49 -7.79 12.41 15.47
N ARG A 50 -6.87 11.80 16.17
CA ARG A 50 -6.74 12.11 17.62
C ARG A 50 -6.33 13.58 17.71
N GLY A 51 -6.09 14.16 16.56
CA GLY A 51 -5.74 15.59 16.48
C GLY A 51 -4.21 15.82 16.46
N GLN A 52 -3.43 14.92 15.86
CA GLN A 52 -1.93 15.17 15.84
C GLN A 52 -1.33 14.82 14.48
N VAL A 53 -0.11 15.27 14.22
CA VAL A 53 0.51 15.01 12.89
C VAL A 53 1.95 14.51 13.00
N GLY A 54 2.37 13.79 12.00
CA GLY A 54 3.76 13.23 11.96
C GLY A 54 3.90 12.28 10.76
N LEU A 55 5.09 12.07 10.30
CA LEU A 55 5.30 11.14 9.14
C LEU A 55 5.09 9.70 9.63
N VAL A 56 4.65 8.81 8.77
CA VAL A 56 4.42 7.40 9.20
C VAL A 56 4.51 6.46 7.97
N PRO A 57 5.17 5.31 8.09
CA PRO A 57 5.25 4.39 6.95
C PRO A 57 3.84 4.13 6.41
N LYS A 58 3.57 4.58 5.22
CA LYS A 58 2.21 4.40 4.62
C LYS A 58 1.86 2.92 4.51
N ASN A 59 2.71 2.05 4.99
CA ASN A 59 2.43 0.58 4.91
C ASN A 59 1.97 0.08 6.29
N TYR A 60 2.04 0.92 7.29
CA TYR A 60 1.62 0.51 8.66
C TYR A 60 0.11 0.79 8.84
N VAL A 61 -0.56 1.17 7.79
CA VAL A 61 -2.02 1.48 7.90
C VAL A 61 -2.73 1.10 6.60
N VAL A 62 -4.02 0.86 6.66
CA VAL A 62 -4.78 0.49 5.42
C VAL A 62 -5.65 1.69 5.02
N VAL A 63 -6.08 1.75 3.79
CA VAL A 63 -6.93 2.90 3.34
C VAL A 63 -8.38 2.42 3.15
N LEU A 64 -9.33 3.19 3.65
CA LEU A 64 -10.76 2.81 3.53
C LEU A 64 -11.43 3.70 2.46
N SER A 65 -11.48 4.98 2.68
CA SER A 65 -12.12 5.88 1.66
C SER A 65 -11.23 5.95 0.41
N ASP A 66 -11.82 6.18 -0.73
CA ASP A 66 -11.02 6.25 -1.99
C ASP A 66 -11.66 7.27 -2.94
N GLY A 67 -10.87 7.87 -3.79
CA GLY A 67 -11.44 8.87 -4.75
C GLY A 67 -12.03 8.15 -5.97
N PRO A 68 -11.18 7.53 -6.75
CA PRO A 68 -11.64 6.80 -7.96
C PRO A 68 -12.62 5.68 -7.54
N ALA A 69 -13.90 5.97 -7.54
CA ALA A 69 -14.91 4.95 -7.17
C ALA A 69 -15.76 4.66 -8.41
N LEU A 70 -15.27 3.81 -9.24
CA LEU A 70 -16.02 3.45 -10.48
C LEU A 70 -17.01 2.34 -10.17
N HIS A 71 -18.27 2.54 -10.46
CA HIS A 71 -19.28 1.49 -10.17
C HIS A 71 -19.14 1.02 -8.73
N GLY B 1 -10.55 -12.35 17.83
CA GLY B 1 -10.96 -11.52 16.65
C GLY B 1 -9.72 -10.95 15.98
N SER B 2 -8.78 -11.79 15.62
CA SER B 2 -7.54 -11.29 14.95
C SER B 2 -7.84 -11.01 13.48
N MET B 3 -7.06 -10.15 12.87
CA MET B 3 -7.30 -9.82 11.44
C MET B 3 -7.43 -11.12 10.64
N GLY B 4 -7.87 -11.04 9.41
CA GLY B 4 -8.02 -12.26 8.58
C GLY B 4 -8.33 -11.87 7.13
N VAL B 5 -7.58 -10.94 6.60
CA VAL B 5 -7.83 -10.51 5.19
C VAL B 5 -6.55 -9.91 4.60
N PRO B 6 -6.18 -10.37 3.43
CA PRO B 6 -4.99 -9.86 2.74
C PRO B 6 -5.29 -8.49 2.19
N ILE B 7 -4.28 -7.76 1.85
CA ILE B 7 -4.51 -6.41 1.31
C ILE B 7 -3.63 -6.20 0.09
N CYS B 8 -4.24 -5.94 -1.03
CA CYS B 8 -3.49 -5.76 -2.29
C CYS B 8 -2.50 -4.62 -2.13
N GLY B 9 -1.25 -4.92 -2.23
CA GLY B 9 -0.20 -3.88 -2.09
C GLY B 9 -0.33 -2.87 -3.24
N ALA B 10 -1.28 -3.08 -4.11
CA ALA B 10 -1.46 -2.15 -5.25
C ALA B 10 -2.36 -1.00 -4.83
N CYS B 11 -3.47 -1.30 -4.21
CA CYS B 11 -4.41 -0.24 -3.75
C CYS B 11 -4.50 -0.27 -2.23
N ARG B 12 -3.72 -1.10 -1.60
CA ARG B 12 -3.77 -1.18 -0.12
C ARG B 12 -5.23 -1.43 0.30
N ARG B 13 -5.91 -2.28 -0.42
CA ARG B 13 -7.33 -2.59 -0.08
C ARG B 13 -7.43 -4.06 0.32
N PRO B 14 -8.27 -4.36 1.28
CA PRO B 14 -8.44 -5.74 1.75
C PRO B 14 -8.83 -6.66 0.59
N ILE B 15 -7.96 -7.57 0.22
CA ILE B 15 -8.30 -8.50 -0.89
C ILE B 15 -9.38 -9.47 -0.43
N GLU B 16 -10.11 -10.07 -1.32
CA GLU B 16 -11.20 -11.00 -0.89
C GLU B 16 -11.60 -11.93 -2.03
N GLY B 17 -10.69 -12.72 -2.49
CA GLY B 17 -10.99 -13.68 -3.59
C GLY B 17 -9.74 -14.52 -3.83
N ARG B 18 -9.01 -14.21 -4.85
CA ARG B 18 -7.75 -14.94 -5.14
C ARG B 18 -6.61 -13.96 -4.91
N VAL B 19 -5.73 -14.26 -4.02
CA VAL B 19 -4.61 -13.32 -3.71
C VAL B 19 -3.33 -13.72 -4.44
N VAL B 20 -2.44 -12.79 -4.60
CA VAL B 20 -1.14 -13.09 -5.26
C VAL B 20 -0.04 -12.70 -4.28
N ASN B 21 0.73 -13.64 -3.82
CA ASN B 21 1.79 -13.32 -2.85
C ASN B 21 3.08 -12.97 -3.59
N ALA B 22 3.41 -11.72 -3.63
CA ALA B 22 4.66 -11.29 -4.33
C ALA B 22 5.29 -10.13 -3.57
N MET B 23 6.55 -9.89 -3.77
CA MET B 23 7.21 -8.77 -3.03
C MET B 23 7.05 -9.02 -1.55
N GLY B 24 6.73 -10.23 -1.21
CA GLY B 24 6.53 -10.58 0.22
C GLY B 24 5.24 -9.91 0.69
N LYS B 25 4.35 -9.66 -0.23
CA LYS B 25 3.07 -8.98 0.11
C LYS B 25 1.90 -9.77 -0.50
N GLN B 26 0.82 -9.10 -0.73
CA GLN B 26 -0.38 -9.74 -1.33
C GLN B 26 -0.90 -8.79 -2.41
N TRP B 27 -1.40 -9.29 -3.50
CA TRP B 27 -1.86 -8.37 -4.58
C TRP B 27 -3.14 -8.88 -5.23
N HIS B 28 -4.06 -8.01 -5.54
CA HIS B 28 -5.31 -8.50 -6.22
C HIS B 28 -4.86 -9.22 -7.49
N VAL B 29 -5.36 -10.39 -7.74
CA VAL B 29 -4.94 -11.10 -8.96
C VAL B 29 -5.16 -10.17 -10.16
N GLU B 30 -5.91 -9.14 -9.96
CA GLU B 30 -6.20 -8.18 -11.06
C GLU B 30 -5.22 -6.99 -11.02
N HIS B 31 -4.69 -6.66 -9.87
CA HIS B 31 -3.76 -5.50 -9.78
C HIS B 31 -2.31 -5.96 -9.80
N PHE B 32 -2.06 -7.24 -9.76
CA PHE B 32 -0.65 -7.70 -9.81
C PHE B 32 -0.24 -7.68 -11.27
N VAL B 33 0.55 -6.72 -11.65
CA VAL B 33 0.96 -6.60 -13.07
C VAL B 33 2.45 -6.38 -13.21
N CYS B 34 2.90 -6.36 -14.43
CA CYS B 34 4.34 -6.12 -14.71
C CYS B 34 4.73 -4.74 -14.20
N ALA B 35 5.94 -4.56 -13.77
CA ALA B 35 6.38 -3.24 -13.28
C ALA B 35 6.99 -2.42 -14.43
N LYS B 36 6.55 -2.67 -15.63
CA LYS B 36 7.10 -1.91 -16.81
C LYS B 36 5.96 -1.55 -17.77
N CYS B 37 4.95 -2.37 -17.86
CA CYS B 37 3.83 -2.09 -18.81
C CYS B 37 2.49 -2.18 -18.07
N GLU B 38 2.48 -2.77 -16.91
CA GLU B 38 1.21 -2.89 -16.15
C GLU B 38 0.30 -3.92 -16.80
N LYS B 39 0.83 -5.07 -17.14
CA LYS B 39 -0.01 -6.13 -17.75
C LYS B 39 -0.34 -7.15 -16.64
N PRO B 40 -1.58 -7.20 -16.22
CA PRO B 40 -1.99 -8.10 -15.12
C PRO B 40 -1.96 -9.56 -15.55
N PHE B 41 -1.48 -10.40 -14.69
CA PHE B 41 -1.44 -11.86 -14.98
C PHE B 41 -2.68 -12.52 -14.39
N LEU B 42 -3.85 -12.08 -14.74
CA LEU B 42 -5.08 -12.70 -14.17
C LEU B 42 -4.89 -14.21 -14.08
N GLY B 43 -4.55 -14.83 -15.17
CA GLY B 43 -4.32 -16.30 -15.17
C GLY B 43 -3.04 -16.61 -15.95
N HIS B 44 -2.10 -15.71 -15.93
CA HIS B 44 -0.83 -15.93 -16.69
C HIS B 44 0.35 -16.00 -15.71
N ARG B 45 1.53 -16.21 -16.21
CA ARG B 45 2.73 -16.29 -15.34
C ARG B 45 3.40 -14.92 -15.26
N HIS B 46 3.97 -14.58 -14.13
CA HIS B 46 4.64 -13.25 -14.00
C HIS B 46 6.13 -13.47 -13.74
N TYR B 47 6.89 -12.42 -13.81
CA TYR B 47 8.35 -12.52 -13.59
C TYR B 47 8.80 -11.42 -12.62
N GLU B 48 9.65 -11.73 -11.68
CA GLU B 48 10.08 -10.71 -10.68
C GLU B 48 11.52 -10.24 -10.94
N ARG B 49 11.80 -9.01 -10.63
CA ARG B 49 13.18 -8.49 -10.83
C ARG B 49 13.48 -7.37 -9.83
N LYS B 50 14.59 -7.47 -9.15
CA LYS B 50 14.98 -6.43 -8.14
C LYS B 50 13.81 -6.19 -7.20
N GLY B 51 12.94 -7.14 -7.07
CA GLY B 51 11.79 -6.97 -6.15
C GLY B 51 10.66 -6.25 -6.87
N LEU B 52 10.55 -6.47 -8.15
CA LEU B 52 9.46 -5.82 -8.93
C LEU B 52 8.97 -6.80 -9.99
N ALA B 53 7.70 -6.81 -10.25
CA ALA B 53 7.16 -7.76 -11.26
C ALA B 53 7.47 -7.28 -12.66
N TYR B 54 7.57 -8.19 -13.59
CA TYR B 54 7.82 -7.81 -15.00
C TYR B 54 7.27 -8.88 -15.90
N CYS B 55 6.68 -8.52 -17.00
CA CYS B 55 6.14 -9.58 -17.89
C CYS B 55 7.28 -10.52 -18.28
N GLU B 56 6.99 -11.54 -19.02
CA GLU B 56 8.06 -12.47 -19.46
C GLU B 56 9.06 -11.74 -20.35
N THR B 57 8.57 -10.83 -21.15
CA THR B 57 9.46 -10.07 -22.09
C THR B 57 10.07 -8.85 -21.41
N HIS B 58 9.31 -8.11 -20.66
CA HIS B 58 9.89 -6.91 -20.02
C HIS B 58 10.89 -7.37 -18.98
N TYR B 59 10.55 -8.37 -18.22
CA TYR B 59 11.51 -8.89 -17.24
C TYR B 59 12.80 -9.17 -17.97
N ASN B 60 12.69 -9.97 -18.97
CA ASN B 60 13.89 -10.32 -19.76
C ASN B 60 14.41 -9.06 -20.45
N GLN B 61 13.54 -8.27 -21.03
CA GLN B 61 14.03 -7.03 -21.68
C GLN B 61 14.80 -6.26 -20.63
N LEU B 62 14.35 -6.36 -19.41
CA LEU B 62 15.04 -5.68 -18.28
C LEU B 62 16.28 -6.49 -17.88
N PHE B 63 16.20 -7.78 -17.96
CA PHE B 63 17.37 -8.62 -17.56
C PHE B 63 17.25 -10.00 -18.21
N GLY B 64 16.49 -10.86 -17.62
CA GLY B 64 16.34 -12.24 -18.19
C GLY B 64 17.44 -13.14 -17.63
N ASP B 65 17.86 -12.89 -16.43
CA ASP B 65 18.94 -13.74 -15.83
C ASP B 65 20.09 -13.89 -16.83
N VAL B 66 20.57 -12.81 -17.36
CA VAL B 66 21.69 -12.89 -18.33
C VAL B 66 22.36 -11.52 -18.46
N GLN A 1 -10.51 22.18 8.88
CA GLN A 1 -10.20 22.80 7.56
C GLN A 1 -9.48 21.79 6.68
N GLY A 2 -9.38 20.56 7.13
CA GLY A 2 -8.69 19.51 6.31
C GLY A 2 -8.96 18.13 6.91
N SER A 3 -10.14 17.62 6.72
CA SER A 3 -10.46 16.28 7.28
C SER A 3 -11.69 15.70 6.57
N ARG A 4 -11.83 15.98 5.30
CA ARG A 4 -13.00 15.44 4.56
C ARG A 4 -12.82 13.94 4.33
N VAL A 5 -13.89 13.20 4.29
CA VAL A 5 -13.77 11.73 4.08
C VAL A 5 -13.22 11.47 2.67
N LEU A 6 -11.92 11.34 2.55
CA LEU A 6 -11.29 11.06 1.23
C LEU A 6 -10.52 9.75 1.34
N HIS A 7 -9.65 9.66 2.30
CA HIS A 7 -8.85 8.41 2.49
C HIS A 7 -8.62 8.20 3.99
N VAL A 8 -9.63 7.79 4.71
CA VAL A 8 -9.45 7.56 6.16
C VAL A 8 -8.56 6.32 6.30
N VAL A 9 -7.88 6.12 7.41
CA VAL A 9 -7.01 4.91 7.50
C VAL A 9 -6.98 4.34 8.92
N GLN A 10 -7.17 3.05 9.02
CA GLN A 10 -7.14 2.36 10.34
C GLN A 10 -5.77 1.70 10.53
N THR A 11 -5.15 1.94 11.65
CA THR A 11 -3.81 1.34 11.90
C THR A 11 -3.91 -0.17 11.98
N LEU A 12 -2.82 -0.81 11.69
CA LEU A 12 -2.74 -2.29 11.73
C LEU A 12 -1.77 -2.66 12.84
N TYR A 13 -0.96 -1.73 13.29
CA TYR A 13 0.01 -2.05 14.38
C TYR A 13 0.29 -0.80 15.26
N PRO A 14 0.49 -0.98 16.56
CA PRO A 14 0.80 0.16 17.46
C PRO A 14 2.24 0.63 17.20
N PHE A 15 2.44 1.43 16.18
CA PHE A 15 3.82 1.89 15.87
C PHE A 15 4.29 2.91 16.92
N SER A 16 5.56 3.25 16.86
CA SER A 16 6.12 4.24 17.82
C SER A 16 7.05 5.20 17.09
N SER A 17 6.65 6.43 16.97
CA SER A 17 7.46 7.45 16.26
C SER A 17 7.48 8.72 17.11
N VAL A 18 8.62 9.07 17.67
CA VAL A 18 8.72 10.28 18.51
C VAL A 18 9.89 11.13 18.05
N THR A 19 9.59 12.05 17.21
CA THR A 19 10.61 13.00 16.69
C THR A 19 9.92 14.35 16.51
N GLU A 20 10.39 15.12 15.60
CA GLU A 20 9.80 16.41 15.32
C GLU A 20 8.61 16.15 14.39
N GLU A 21 8.83 15.49 13.29
CA GLU A 21 7.77 15.22 12.30
C GLU A 21 7.38 13.73 12.31
N GLU A 22 7.51 13.04 13.42
CA GLU A 22 7.17 11.58 13.46
C GLU A 22 5.78 11.40 14.11
N LEU A 23 5.07 10.35 13.72
CA LEU A 23 3.68 10.12 14.28
C LEU A 23 3.66 8.88 15.18
N ASN A 24 3.46 9.05 16.47
CA ASN A 24 3.37 7.87 17.38
C ASN A 24 1.89 7.56 17.54
N PHE A 25 1.46 6.34 17.32
CA PHE A 25 0.01 6.06 17.44
C PHE A 25 -0.24 4.61 17.82
N GLU A 26 -1.22 4.40 18.66
CA GLU A 26 -1.54 3.01 19.08
C GLU A 26 -2.46 2.40 18.03
N LYS A 27 -2.48 1.11 17.92
CA LYS A 27 -3.35 0.47 16.92
C LYS A 27 -4.79 0.95 17.10
N GLY A 28 -5.52 1.07 16.03
CA GLY A 28 -6.94 1.54 16.14
C GLY A 28 -6.95 3.07 16.14
N GLU A 29 -6.18 3.69 15.28
CA GLU A 29 -6.13 5.19 15.23
C GLU A 29 -6.59 5.67 13.85
N THR A 30 -7.69 6.36 13.78
CA THR A 30 -8.16 6.87 12.47
C THR A 30 -7.26 8.03 12.09
N MET A 31 -6.41 7.86 11.11
CA MET A 31 -5.52 9.00 10.73
C MET A 31 -5.99 9.63 9.44
N GLU A 32 -6.03 10.92 9.47
CA GLU A 32 -6.48 11.74 8.33
C GLU A 32 -5.25 12.07 7.49
N VAL A 33 -5.09 11.39 6.39
CA VAL A 33 -3.90 11.61 5.54
C VAL A 33 -3.84 13.05 5.00
N ILE A 34 -3.19 13.95 5.69
CA ILE A 34 -3.10 15.36 5.16
C ILE A 34 -2.43 15.37 3.79
N GLU A 35 -1.28 14.74 3.66
CA GLU A 35 -0.55 14.77 2.36
C GLU A 35 0.21 13.48 2.13
N LYS A 36 0.50 13.18 0.88
CA LYS A 36 1.20 11.92 0.55
C LYS A 36 2.33 12.19 -0.47
N PRO A 37 3.34 12.92 -0.07
CA PRO A 37 4.49 13.20 -0.94
C PRO A 37 5.36 11.95 -1.02
N GLU A 38 6.24 11.92 -1.96
CA GLU A 38 7.15 10.74 -2.10
C GLU A 38 8.42 11.02 -1.30
N ASN A 39 8.97 12.20 -1.47
CA ASN A 39 10.21 12.62 -0.73
C ASN A 39 11.34 11.63 -1.03
N ASP A 40 11.14 10.39 -0.71
CA ASP A 40 12.16 9.33 -0.97
C ASP A 40 11.87 8.02 -0.21
N PRO A 41 11.57 8.12 1.05
CA PRO A 41 11.29 6.95 1.90
C PRO A 41 9.96 6.32 1.47
N GLU A 42 8.89 7.09 1.56
CA GLU A 42 7.49 6.62 1.19
C GLU A 42 6.52 7.03 2.32
N TRP A 43 6.97 7.82 3.26
CA TRP A 43 6.08 8.23 4.39
C TRP A 43 5.03 9.25 3.89
N TRP A 44 4.01 9.48 4.69
CA TRP A 44 2.91 10.43 4.29
C TRP A 44 2.69 11.43 5.44
N LYS A 45 2.35 12.66 5.13
CA LYS A 45 2.04 13.61 6.23
C LYS A 45 0.62 13.29 6.64
N CYS A 46 0.45 12.50 7.67
CA CYS A 46 -0.92 12.12 8.09
C CYS A 46 -1.21 12.65 9.47
N LYS A 47 -2.32 13.32 9.60
CA LYS A 47 -2.70 13.85 10.92
C LYS A 47 -3.37 12.71 11.65
N ASN A 48 -3.30 12.64 12.97
CA ASN A 48 -4.02 11.50 13.64
C ASN A 48 -5.39 12.04 14.09
N ALA A 49 -6.50 11.39 13.77
CA ALA A 49 -7.79 11.98 14.20
C ALA A 49 -7.70 12.26 15.69
N ARG A 50 -6.76 11.64 16.36
CA ARG A 50 -6.58 11.91 17.81
C ARG A 50 -6.17 13.37 17.92
N GLY A 51 -5.97 13.99 16.79
CA GLY A 51 -5.62 15.43 16.73
C GLY A 51 -4.09 15.65 16.67
N GLN A 52 -3.33 14.78 16.03
CA GLN A 52 -1.83 15.02 15.97
C GLN A 52 -1.27 14.71 14.59
N VAL A 53 -0.07 15.17 14.29
CA VAL A 53 0.52 14.95 12.93
C VAL A 53 1.95 14.44 12.99
N GLY A 54 2.35 13.75 11.95
CA GLY A 54 3.73 13.20 11.85
C GLY A 54 3.83 12.28 10.63
N LEU A 55 5.02 12.08 10.12
CA LEU A 55 5.19 11.18 8.93
C LEU A 55 4.99 9.73 9.39
N VAL A 56 4.52 8.87 8.52
CA VAL A 56 4.31 7.45 8.92
C VAL A 56 4.36 6.53 7.67
N PRO A 57 5.03 5.39 7.73
CA PRO A 57 5.07 4.49 6.57
C PRO A 57 3.64 4.25 6.06
N LYS A 58 3.33 4.73 4.89
CA LYS A 58 1.96 4.57 4.34
C LYS A 58 1.61 3.08 4.20
N ASN A 59 2.48 2.20 4.62
CA ASN A 59 2.19 0.73 4.52
C ASN A 59 1.77 0.20 5.90
N TYR A 60 1.87 1.01 6.92
CA TYR A 60 1.49 0.57 8.29
C TYR A 60 0.00 0.84 8.52
N VAL A 61 -0.72 1.24 7.51
CA VAL A 61 -2.17 1.55 7.67
C VAL A 61 -2.91 1.20 6.38
N VAL A 62 -4.20 0.95 6.47
CA VAL A 62 -5.00 0.62 5.25
C VAL A 62 -5.87 1.83 4.91
N VAL A 63 -6.36 1.92 3.70
CA VAL A 63 -7.22 3.08 3.30
C VAL A 63 -8.67 2.62 3.15
N LEU A 64 -9.60 3.36 3.70
CA LEU A 64 -11.04 2.99 3.61
C LEU A 64 -11.74 3.90 2.59
N SER A 65 -11.79 5.18 2.84
CA SER A 65 -12.46 6.10 1.87
C SER A 65 -11.61 6.20 0.60
N ASP A 66 -12.23 6.47 -0.53
CA ASP A 66 -11.47 6.57 -1.80
C ASP A 66 -12.14 7.61 -2.70
N GLY A 67 -11.39 8.24 -3.57
CA GLY A 67 -11.98 9.27 -4.47
C GLY A 67 -12.61 8.57 -5.70
N PRO A 68 -11.79 7.98 -6.53
CA PRO A 68 -12.28 7.28 -7.73
C PRO A 68 -13.25 6.15 -7.31
N ALA A 69 -14.52 6.44 -7.27
CA ALA A 69 -15.53 5.41 -6.89
C ALA A 69 -16.41 5.15 -8.10
N LEU A 70 -15.95 4.33 -8.99
CA LEU A 70 -16.73 4.00 -10.21
C LEU A 70 -17.73 2.87 -9.89
N HIS A 71 -18.98 3.08 -10.14
CA HIS A 71 -19.99 2.02 -9.86
C HIS A 71 -19.80 1.52 -8.42
N GLY B 1 -10.66 -12.70 17.77
CA GLY B 1 -11.03 -11.82 16.63
C GLY B 1 -9.75 -11.28 15.97
N SER B 2 -8.86 -12.15 15.59
CA SER B 2 -7.60 -11.69 14.94
C SER B 2 -7.88 -11.34 13.48
N MET B 3 -7.07 -10.50 12.89
CA MET B 3 -7.28 -10.12 11.47
C MET B 3 -7.46 -11.38 10.63
N GLY B 4 -7.90 -11.24 9.41
CA GLY B 4 -8.10 -12.44 8.54
C GLY B 4 -8.38 -11.98 7.11
N VAL B 5 -7.60 -11.07 6.59
CA VAL B 5 -7.83 -10.58 5.21
C VAL B 5 -6.52 -10.02 4.63
N PRO B 6 -6.17 -10.45 3.46
CA PRO B 6 -4.96 -9.98 2.78
C PRO B 6 -5.20 -8.58 2.28
N ILE B 7 -4.16 -7.89 1.96
CA ILE B 7 -4.33 -6.50 1.46
C ILE B 7 -3.43 -6.30 0.24
N CYS B 8 -4.04 -5.99 -0.86
CA CYS B 8 -3.27 -5.79 -2.11
C CYS B 8 -2.23 -4.70 -1.91
N GLY B 9 -0.98 -5.05 -2.03
CA GLY B 9 0.09 -4.05 -1.86
C GLY B 9 0.01 -3.01 -2.97
N ALA B 10 -0.94 -3.15 -3.85
CA ALA B 10 -1.08 -2.17 -4.96
C ALA B 10 -1.94 -0.99 -4.50
N CYS B 11 -3.06 -1.28 -3.90
CA CYS B 11 -3.95 -0.19 -3.42
C CYS B 11 -4.05 -0.27 -1.89
N ARG B 12 -3.31 -1.15 -1.28
CA ARG B 12 -3.38 -1.27 0.19
C ARG B 12 -4.83 -1.47 0.60
N ARG B 13 -5.54 -2.27 -0.14
CA ARG B 13 -6.98 -2.53 0.19
C ARG B 13 -7.14 -4.02 0.54
N PRO B 14 -8.00 -4.30 1.49
CA PRO B 14 -8.23 -5.69 1.91
C PRO B 14 -8.66 -6.55 0.72
N ILE B 15 -7.82 -7.49 0.33
CA ILE B 15 -8.19 -8.37 -0.81
C ILE B 15 -9.31 -9.31 -0.38
N GLU B 16 -10.07 -9.85 -1.30
CA GLU B 16 -11.19 -10.74 -0.90
C GLU B 16 -11.62 -11.62 -2.06
N GLY B 17 -10.74 -12.44 -2.55
CA GLY B 17 -11.08 -13.35 -3.67
C GLY B 17 -9.86 -14.24 -3.94
N ARG B 18 -9.13 -13.92 -4.95
CA ARG B 18 -7.89 -14.69 -5.25
C ARG B 18 -6.71 -13.77 -5.00
N VAL B 19 -5.84 -14.14 -4.11
CA VAL B 19 -4.69 -13.25 -3.77
C VAL B 19 -3.43 -13.69 -4.51
N VAL B 20 -2.50 -12.78 -4.64
CA VAL B 20 -1.21 -13.11 -5.30
C VAL B 20 -0.11 -12.80 -4.30
N ASN B 21 0.62 -13.80 -3.89
CA ASN B 21 1.70 -13.54 -2.90
C ASN B 21 3.00 -13.22 -3.63
N ALA B 22 3.39 -11.98 -3.63
CA ALA B 22 4.65 -11.58 -4.32
C ALA B 22 5.32 -10.47 -3.52
N MET B 23 6.60 -10.28 -3.71
CA MET B 23 7.30 -9.21 -2.94
C MET B 23 7.12 -9.51 -1.46
N GLY B 24 6.76 -10.72 -1.16
CA GLY B 24 6.54 -11.09 0.26
C GLY B 24 5.28 -10.39 0.74
N LYS B 25 4.41 -10.07 -0.16
CA LYS B 25 3.14 -9.36 0.20
C LYS B 25 1.95 -10.07 -0.44
N GLN B 26 0.89 -9.35 -0.65
CA GLN B 26 -0.33 -9.92 -1.27
C GLN B 26 -0.80 -8.92 -2.33
N TRP B 27 -1.32 -9.37 -3.44
CA TRP B 27 -1.74 -8.39 -4.48
C TRP B 27 -3.04 -8.83 -5.16
N HIS B 28 -3.93 -7.92 -5.43
CA HIS B 28 -5.18 -8.33 -6.13
C HIS B 28 -4.76 -9.02 -7.42
N VAL B 29 -5.31 -10.16 -7.70
CA VAL B 29 -4.92 -10.85 -8.96
C VAL B 29 -5.10 -9.89 -10.12
N GLU B 30 -5.80 -8.82 -9.88
CA GLU B 30 -6.04 -7.83 -10.95
C GLU B 30 -5.03 -6.68 -10.88
N HIS B 31 -4.49 -6.41 -9.71
CA HIS B 31 -3.50 -5.28 -9.60
C HIS B 31 -2.07 -5.81 -9.63
N PHE B 32 -1.88 -7.10 -9.62
CA PHE B 32 -0.49 -7.61 -9.69
C PHE B 32 -0.07 -7.56 -11.15
N VAL B 33 0.77 -6.63 -11.49
CA VAL B 33 1.17 -6.48 -12.91
C VAL B 33 2.68 -6.32 -13.04
N CYS B 34 3.13 -6.28 -14.25
CA CYS B 34 4.58 -6.09 -14.52
C CYS B 34 5.01 -4.73 -13.98
N ALA B 35 6.24 -4.63 -13.54
CA ALA B 35 6.73 -3.34 -13.00
C ALA B 35 7.38 -2.51 -14.13
N LYS B 36 6.93 -2.71 -15.34
CA LYS B 36 7.51 -1.94 -16.49
C LYS B 36 6.40 -1.50 -17.45
N CYS B 37 5.36 -2.27 -17.56
CA CYS B 37 4.25 -1.91 -18.50
C CYS B 37 2.90 -1.98 -17.77
N GLU B 38 2.87 -2.59 -16.62
CA GLU B 38 1.60 -2.69 -15.86
C GLU B 38 0.64 -3.65 -16.56
N LYS B 39 1.12 -4.82 -16.93
CA LYS B 39 0.24 -5.82 -17.58
C LYS B 39 -0.13 -6.87 -16.51
N PRO B 40 -1.37 -6.88 -16.08
CA PRO B 40 -1.83 -7.79 -15.02
C PRO B 40 -1.86 -9.24 -15.49
N PHE B 41 -1.41 -10.12 -14.64
CA PHE B 41 -1.43 -11.58 -14.99
C PHE B 41 -2.69 -12.20 -14.41
N LEU B 42 -3.84 -11.70 -14.76
CA LEU B 42 -5.11 -12.28 -14.22
C LEU B 42 -4.97 -13.80 -14.17
N GLY B 43 -4.67 -14.41 -15.28
CA GLY B 43 -4.49 -15.88 -15.31
C GLY B 43 -3.23 -16.21 -16.10
N HIS B 44 -2.25 -15.35 -16.06
CA HIS B 44 -0.98 -15.61 -16.81
C HIS B 44 0.19 -15.75 -15.84
N ARG B 45 1.36 -16.00 -16.35
CA ARG B 45 2.56 -16.16 -15.47
C ARG B 45 3.28 -14.82 -15.36
N HIS B 46 3.85 -14.53 -14.21
CA HIS B 46 4.59 -13.24 -14.04
C HIS B 46 6.06 -13.52 -13.78
N TYR B 47 6.86 -12.50 -13.82
CA TYR B 47 8.32 -12.68 -13.61
C TYR B 47 8.80 -11.63 -12.60
N GLU B 48 9.64 -12.00 -11.67
CA GLU B 48 10.12 -11.04 -10.63
C GLU B 48 11.57 -10.62 -10.88
N ARG B 49 11.91 -9.41 -10.52
CA ARG B 49 13.30 -8.93 -10.70
C ARG B 49 13.65 -7.87 -9.67
N LYS B 50 14.75 -8.03 -8.98
CA LYS B 50 15.17 -7.04 -7.95
C LYS B 50 14.02 -6.78 -7.00
N GLY B 51 13.11 -7.70 -6.91
CA GLY B 51 11.97 -7.50 -5.98
C GLY B 51 10.86 -6.72 -6.68
N LEU B 52 10.75 -6.89 -7.96
CA LEU B 52 9.69 -6.18 -8.72
C LEU B 52 9.16 -7.10 -9.82
N ALA B 53 7.89 -7.05 -10.08
CA ALA B 53 7.32 -7.94 -11.12
C ALA B 53 7.65 -7.43 -12.51
N TYR B 54 7.71 -8.32 -13.46
CA TYR B 54 7.99 -7.91 -14.86
C TYR B 54 7.39 -8.93 -15.80
N CYS B 55 6.82 -8.51 -16.89
CA CYS B 55 6.24 -9.51 -17.81
C CYS B 55 7.35 -10.49 -18.22
N GLU B 56 7.01 -11.47 -19.00
CA GLU B 56 8.05 -12.45 -19.46
C GLU B 56 9.08 -11.72 -20.33
N THR B 57 8.64 -10.76 -21.11
CA THR B 57 9.55 -10.02 -22.01
C THR B 57 10.22 -8.85 -21.29
N HIS B 58 9.49 -8.09 -20.53
CA HIS B 58 10.11 -6.94 -19.85
C HIS B 58 11.09 -7.48 -18.82
N TYR B 59 10.70 -8.49 -18.09
CA TYR B 59 11.63 -9.07 -17.13
C TYR B 59 12.91 -9.38 -17.86
N ASN B 60 12.78 -10.15 -18.89
CA ASN B 60 13.96 -10.51 -19.68
C ASN B 60 14.54 -9.26 -20.33
N GLN B 61 13.71 -8.42 -20.89
CA GLN B 61 14.24 -7.18 -21.50
C GLN B 61 15.04 -6.47 -20.42
N LEU B 62 14.58 -6.60 -19.21
CA LEU B 62 15.29 -5.97 -18.07
C LEU B 62 16.50 -6.84 -17.69
N PHE B 63 16.36 -8.14 -17.80
CA PHE B 63 17.49 -9.03 -17.43
C PHE B 63 17.34 -10.39 -18.12
N GLY B 64 16.53 -11.24 -17.57
CA GLY B 64 16.33 -12.59 -18.17
C GLY B 64 17.38 -13.55 -17.64
N ASP B 65 17.82 -13.35 -16.43
CA ASP B 65 18.85 -14.26 -15.86
C ASP B 65 20.00 -14.43 -16.85
N VAL B 66 20.53 -13.35 -17.35
CA VAL B 66 21.65 -13.46 -18.32
C VAL B 66 22.37 -12.11 -18.42
N GLN A 1 -10.58 21.75 6.79
CA GLN A 1 -10.13 22.26 5.47
C GLN A 1 -9.30 21.20 4.77
N GLY A 2 -9.22 20.03 5.33
CA GLY A 2 -8.41 18.94 4.70
C GLY A 2 -8.72 17.60 5.38
N SER A 3 -9.86 17.04 5.10
CA SER A 3 -10.22 15.74 5.74
C SER A 3 -11.33 15.06 4.95
N ARG A 4 -11.34 15.22 3.65
CA ARG A 4 -12.40 14.60 2.82
C ARG A 4 -12.15 13.08 2.75
N VAL A 5 -13.20 12.31 2.65
CA VAL A 5 -13.02 10.83 2.58
C VAL A 5 -12.30 10.47 1.28
N LEU A 6 -10.99 10.37 1.32
CA LEU A 6 -10.20 10.01 0.11
C LEU A 6 -9.42 8.73 0.41
N HIS A 7 -8.66 8.76 1.47
CA HIS A 7 -7.87 7.56 1.86
C HIS A 7 -7.81 7.48 3.40
N VAL A 8 -8.89 7.10 4.02
CA VAL A 8 -8.88 6.99 5.50
C VAL A 8 -7.99 5.80 5.86
N VAL A 9 -7.44 5.72 7.05
CA VAL A 9 -6.54 4.56 7.35
C VAL A 9 -6.68 4.10 8.80
N GLN A 10 -6.84 2.81 8.99
CA GLN A 10 -6.95 2.25 10.36
C GLN A 10 -5.60 1.64 10.77
N THR A 11 -5.12 2.01 11.92
CA THR A 11 -3.80 1.47 12.39
C THR A 11 -3.87 -0.03 12.57
N LEU A 12 -2.75 -0.65 12.47
CA LEU A 12 -2.64 -2.12 12.65
C LEU A 12 -1.79 -2.37 13.90
N TYR A 13 -1.07 -1.38 14.34
CA TYR A 13 -0.23 -1.57 15.58
C TYR A 13 -0.08 -0.24 16.36
N PRO A 14 -0.03 -0.31 17.70
CA PRO A 14 0.15 0.92 18.52
C PRO A 14 1.59 1.42 18.38
N PHE A 15 1.89 2.13 17.33
CA PHE A 15 3.29 2.62 17.14
C PHE A 15 3.62 3.73 18.13
N SER A 16 4.87 4.10 18.20
CA SER A 16 5.29 5.20 19.13
C SER A 16 6.28 6.11 18.41
N SER A 17 5.86 7.31 18.15
CA SER A 17 6.73 8.31 17.45
C SER A 17 6.62 9.64 18.19
N VAL A 18 7.68 10.07 18.84
CA VAL A 18 7.64 11.36 19.58
C VAL A 18 8.84 12.20 19.19
N THR A 19 8.62 13.03 18.25
CA THR A 19 9.67 13.97 17.76
C THR A 19 8.98 15.28 17.38
N GLU A 20 9.53 15.99 16.47
CA GLU A 20 8.95 17.22 16.01
C GLU A 20 7.88 16.85 14.98
N GLU A 21 8.25 16.10 13.97
CA GLU A 21 7.31 15.72 12.90
C GLU A 21 6.96 14.22 12.99
N GLU A 22 6.99 13.64 14.16
CA GLU A 22 6.67 12.17 14.30
C GLU A 22 5.21 12.00 14.78
N LEU A 23 4.58 10.90 14.42
CA LEU A 23 3.14 10.66 14.82
C LEU A 23 3.05 9.50 15.83
N ASN A 24 2.70 9.77 17.05
CA ASN A 24 2.53 8.67 18.05
C ASN A 24 1.04 8.32 18.07
N PHE A 25 0.67 7.08 17.92
CA PHE A 25 -0.77 6.78 17.89
C PHE A 25 -1.03 5.35 18.36
N GLU A 26 -2.10 5.17 19.09
CA GLU A 26 -2.44 3.82 19.59
C GLU A 26 -3.21 3.08 18.50
N LYS A 27 -3.19 1.79 18.52
CA LYS A 27 -3.92 1.05 17.47
C LYS A 27 -5.37 1.48 17.45
N GLY A 28 -5.99 1.49 16.30
CA GLY A 28 -7.41 1.92 16.20
C GLY A 28 -7.46 3.44 16.07
N GLU A 29 -6.61 4.02 15.25
CA GLU A 29 -6.60 5.51 15.07
C GLU A 29 -6.90 5.85 13.61
N THR A 30 -8.00 6.50 13.36
CA THR A 30 -8.33 6.88 11.95
C THR A 30 -7.41 8.03 11.58
N MET A 31 -6.45 7.82 10.72
CA MET A 31 -5.54 8.95 10.35
C MET A 31 -5.88 9.45 8.97
N GLU A 32 -5.94 10.74 8.89
CA GLU A 32 -6.28 11.44 7.64
C GLU A 32 -4.96 11.74 6.91
N VAL A 33 -4.67 10.97 5.90
CA VAL A 33 -3.38 11.17 5.18
C VAL A 33 -3.30 12.55 4.52
N ILE A 34 -2.75 13.52 5.20
CA ILE A 34 -2.65 14.88 4.57
C ILE A 34 -1.80 14.81 3.28
N GLU A 35 -0.64 14.21 3.34
CA GLU A 35 0.24 14.16 2.13
C GLU A 35 1.05 12.87 2.11
N LYS A 36 1.49 12.48 0.94
CA LYS A 36 2.26 11.22 0.80
C LYS A 36 3.50 11.44 -0.10
N PRO A 37 4.43 12.24 0.35
CA PRO A 37 5.67 12.47 -0.40
C PRO A 37 6.57 11.25 -0.28
N GLU A 38 7.56 11.18 -1.11
CA GLU A 38 8.50 10.02 -1.04
C GLU A 38 9.67 10.41 -0.12
N ASN A 39 10.20 11.59 -0.33
CA ASN A 39 11.33 12.10 0.51
C ASN A 39 12.52 11.14 0.42
N ASP A 40 12.31 9.92 0.83
CA ASP A 40 13.38 8.89 0.78
C ASP A 40 13.03 7.63 1.62
N PRO A 41 12.59 7.83 2.83
CA PRO A 41 12.23 6.73 3.73
C PRO A 41 10.98 6.01 3.22
N GLU A 42 9.88 6.75 3.11
CA GLU A 42 8.54 6.21 2.61
C GLU A 42 7.45 6.67 3.59
N TRP A 43 7.76 7.56 4.51
CA TRP A 43 6.73 8.04 5.49
C TRP A 43 5.73 8.97 4.78
N TRP A 44 4.62 9.23 5.44
CA TRP A 44 3.55 10.11 4.84
C TRP A 44 3.16 11.19 5.85
N LYS A 45 2.85 12.39 5.40
CA LYS A 45 2.38 13.41 6.37
C LYS A 45 0.94 13.07 6.65
N CYS A 46 0.66 12.37 7.71
CA CYS A 46 -0.74 11.98 7.99
C CYS A 46 -1.21 12.62 9.28
N LYS A 47 -2.33 13.26 9.23
CA LYS A 47 -2.88 13.89 10.44
C LYS A 47 -3.61 12.79 11.20
N ASN A 48 -3.69 12.83 12.51
CA ASN A 48 -4.46 11.73 13.18
C ASN A 48 -5.88 12.25 13.44
N ALA A 49 -6.93 11.54 13.04
CA ALA A 49 -8.28 12.13 13.27
C ALA A 49 -8.37 12.54 14.73
N ARG A 50 -7.50 12.01 15.55
CA ARG A 50 -7.50 12.40 16.98
C ARG A 50 -7.14 13.88 17.01
N GLY A 51 -6.83 14.41 15.86
CA GLY A 51 -6.50 15.85 15.72
C GLY A 51 -4.98 16.11 15.82
N GLN A 52 -4.13 15.21 15.35
CA GLN A 52 -2.64 15.50 15.44
C GLN A 52 -1.91 15.10 14.15
N VAL A 53 -0.70 15.57 13.97
CA VAL A 53 0.05 15.25 12.71
C VAL A 53 1.48 14.81 12.97
N GLY A 54 2.01 14.04 12.05
CA GLY A 54 3.41 13.53 12.17
C GLY A 54 3.68 12.52 11.05
N LEU A 55 4.92 12.31 10.70
CA LEU A 55 5.24 11.32 9.62
C LEU A 55 5.04 9.91 10.18
N VAL A 56 4.69 8.96 9.33
CA VAL A 56 4.46 7.57 9.84
C VAL A 56 4.68 6.56 8.68
N PRO A 57 5.36 5.45 8.92
CA PRO A 57 5.56 4.46 7.85
C PRO A 57 4.21 4.13 7.21
N LYS A 58 4.04 4.51 5.97
CA LYS A 58 2.73 4.24 5.28
C LYS A 58 2.43 2.75 5.23
N ASN A 59 3.28 1.93 5.82
CA ASN A 59 3.03 0.45 5.82
C ASN A 59 2.47 0.02 7.19
N TYR A 60 2.43 0.92 8.13
CA TYR A 60 1.90 0.58 9.48
C TYR A 60 0.38 0.82 9.52
N VAL A 61 -0.21 1.11 8.40
CA VAL A 61 -1.68 1.38 8.37
C VAL A 61 -2.27 0.90 7.04
N VAL A 62 -3.55 0.61 6.99
CA VAL A 62 -4.19 0.16 5.72
C VAL A 62 -5.05 1.30 5.19
N VAL A 63 -5.38 1.28 3.92
CA VAL A 63 -6.22 2.37 3.33
C VAL A 63 -7.63 1.84 3.05
N LEU A 64 -8.64 2.60 3.42
CA LEU A 64 -10.06 2.17 3.19
C LEU A 64 -10.64 2.96 2.02
N SER A 65 -10.75 4.27 2.16
CA SER A 65 -11.32 5.08 1.04
C SER A 65 -10.33 5.11 -0.13
N ASP A 66 -10.83 5.25 -1.33
CA ASP A 66 -9.92 5.28 -2.52
C ASP A 66 -10.51 6.21 -3.58
N GLY A 67 -9.67 6.79 -4.40
CA GLY A 67 -10.17 7.72 -5.46
C GLY A 67 -10.64 6.90 -6.68
N PRO A 68 -9.72 6.27 -7.35
CA PRO A 68 -10.05 5.45 -8.54
C PRO A 68 -11.02 4.33 -8.13
N ALA A 69 -12.30 4.58 -8.27
CA ALA A 69 -13.32 3.55 -7.92
C ALA A 69 -14.06 3.16 -9.20
N LEU A 70 -13.47 2.28 -9.95
CA LEU A 70 -14.10 1.83 -11.22
C LEU A 70 -15.08 0.70 -10.92
N HIS A 71 -16.32 0.85 -11.34
CA HIS A 71 -17.33 -0.21 -11.07
C HIS A 71 -17.29 -0.60 -9.59
N GLY B 1 -9.46 -12.65 18.13
CA GLY B 1 -9.89 -11.78 17.01
C GLY B 1 -8.66 -11.23 16.29
N SER B 2 -7.77 -12.09 15.85
CA SER B 2 -6.55 -11.62 15.15
C SER B 2 -6.90 -11.29 13.70
N MET B 3 -6.13 -10.43 13.07
CA MET B 3 -6.42 -10.07 11.66
C MET B 3 -6.64 -11.33 10.83
N GLY B 4 -7.13 -11.20 9.64
CA GLY B 4 -7.36 -12.40 8.78
C GLY B 4 -7.71 -11.96 7.37
N VAL B 5 -6.97 -11.03 6.81
CA VAL B 5 -7.27 -10.56 5.43
C VAL B 5 -6.00 -9.99 4.80
N PRO B 6 -5.70 -10.43 3.60
CA PRO B 6 -4.53 -9.94 2.87
C PRO B 6 -4.81 -8.54 2.37
N ILE B 7 -3.79 -7.84 1.99
CA ILE B 7 -3.99 -6.47 1.50
C ILE B 7 -3.16 -6.25 0.24
N CYS B 8 -3.83 -5.95 -0.83
CA CYS B 8 -3.13 -5.76 -2.11
C CYS B 8 -2.08 -4.65 -1.98
N GLY B 9 -0.84 -5.00 -2.16
CA GLY B 9 0.24 -3.98 -2.03
C GLY B 9 0.08 -2.95 -3.14
N ALA B 10 -0.91 -3.10 -3.97
CA ALA B 10 -1.11 -2.13 -5.08
C ALA B 10 -1.96 -0.96 -4.58
N CYS B 11 -3.04 -1.25 -3.93
CA CYS B 11 -3.92 -0.17 -3.40
C CYS B 11 -3.94 -0.24 -1.88
N ARG B 12 -3.16 -1.11 -1.30
CA ARG B 12 -3.15 -1.23 0.17
C ARG B 12 -4.58 -1.44 0.66
N ARG B 13 -5.33 -2.25 -0.05
CA ARG B 13 -6.74 -2.52 0.35
C ARG B 13 -6.87 -4.00 0.72
N PRO B 14 -7.68 -4.30 1.71
CA PRO B 14 -7.88 -5.68 2.14
C PRO B 14 -8.35 -6.56 0.98
N ILE B 15 -7.54 -7.48 0.56
CA ILE B 15 -7.96 -8.37 -0.57
C ILE B 15 -9.05 -9.31 -0.08
N GLU B 16 -9.84 -9.86 -0.96
CA GLU B 16 -10.93 -10.76 -0.49
C GLU B 16 -11.42 -11.66 -1.63
N GLY B 17 -10.55 -12.47 -2.16
CA GLY B 17 -10.95 -13.38 -3.27
C GLY B 17 -9.74 -14.26 -3.58
N ARG B 18 -9.06 -13.95 -4.63
CA ARG B 18 -7.83 -14.71 -4.99
C ARG B 18 -6.65 -13.77 -4.81
N VAL B 19 -5.74 -14.13 -3.96
CA VAL B 19 -4.58 -13.23 -3.68
C VAL B 19 -3.34 -13.66 -4.48
N VAL B 20 -2.42 -12.75 -4.66
CA VAL B 20 -1.17 -13.07 -5.38
C VAL B 20 -0.02 -12.75 -4.45
N ASN B 21 0.73 -13.74 -4.06
CA ASN B 21 1.86 -13.47 -3.13
C ASN B 21 3.12 -13.15 -3.93
N ALA B 22 3.50 -11.90 -3.94
CA ALA B 22 4.72 -11.49 -4.69
C ALA B 22 5.42 -10.38 -3.94
N MET B 23 6.68 -10.17 -4.19
CA MET B 23 7.42 -9.10 -3.46
C MET B 23 7.31 -9.39 -1.98
N GLY B 24 6.97 -10.60 -1.65
CA GLY B 24 6.83 -10.97 -0.23
C GLY B 24 5.59 -10.27 0.33
N LYS B 25 4.67 -9.97 -0.54
CA LYS B 25 3.42 -9.27 -0.13
C LYS B 25 2.21 -10.00 -0.69
N GLN B 26 1.13 -9.28 -0.86
CA GLN B 26 -0.12 -9.86 -1.41
C GLN B 26 -0.64 -8.87 -2.45
N TRP B 27 -1.22 -9.32 -3.53
CA TRP B 27 -1.69 -8.35 -4.55
C TRP B 27 -3.02 -8.81 -5.16
N HIS B 28 -3.93 -7.90 -5.40
CA HIS B 28 -5.22 -8.32 -6.03
C HIS B 28 -4.86 -9.02 -7.33
N VAL B 29 -5.40 -10.16 -7.60
CA VAL B 29 -5.07 -10.86 -8.85
C VAL B 29 -5.32 -9.89 -10.01
N GLU B 30 -6.02 -8.84 -9.74
CA GLU B 30 -6.33 -7.84 -10.80
C GLU B 30 -5.31 -6.69 -10.78
N HIS B 31 -4.72 -6.41 -9.65
CA HIS B 31 -3.74 -5.28 -9.58
C HIS B 31 -2.30 -5.80 -9.69
N PHE B 32 -2.10 -7.08 -9.69
CA PHE B 32 -0.72 -7.58 -9.82
C PHE B 32 -0.37 -7.53 -11.30
N VAL B 33 0.44 -6.60 -11.69
CA VAL B 33 0.77 -6.44 -13.12
C VAL B 33 2.26 -6.28 -13.33
N CYS B 34 2.67 -6.24 -14.56
CA CYS B 34 4.10 -6.04 -14.91
C CYS B 34 4.55 -4.67 -14.39
N ALA B 35 5.79 -4.56 -14.01
CA ALA B 35 6.29 -3.26 -13.51
C ALA B 35 6.88 -2.44 -14.67
N LYS B 36 6.37 -2.64 -15.86
CA LYS B 36 6.89 -1.87 -17.03
C LYS B 36 5.73 -1.44 -17.93
N CYS B 37 4.68 -2.23 -17.99
CA CYS B 37 3.53 -1.88 -18.87
C CYS B 37 2.23 -1.95 -18.08
N GLU B 38 2.24 -2.57 -16.92
CA GLU B 38 1.02 -2.66 -16.10
C GLU B 38 0.03 -3.65 -16.75
N LYS B 39 0.51 -4.81 -17.14
CA LYS B 39 -0.40 -5.83 -17.74
C LYS B 39 -0.70 -6.87 -16.64
N PRO B 40 -1.92 -6.87 -16.15
CA PRO B 40 -2.32 -7.79 -15.08
C PRO B 40 -2.35 -9.24 -15.53
N PHE B 41 -1.87 -10.12 -14.71
CA PHE B 41 -1.88 -11.57 -15.05
C PHE B 41 -3.11 -12.22 -14.41
N LEU B 42 -4.28 -11.72 -14.70
CA LEU B 42 -5.52 -12.30 -14.10
C LEU B 42 -5.37 -13.82 -14.04
N GLY B 43 -5.11 -14.43 -15.17
CA GLY B 43 -4.93 -15.91 -15.21
C GLY B 43 -3.71 -16.23 -16.07
N HIS B 44 -2.73 -15.37 -16.07
CA HIS B 44 -1.51 -15.60 -16.89
C HIS B 44 -0.28 -15.74 -15.97
N ARG B 45 0.87 -15.98 -16.54
CA ARG B 45 2.11 -16.13 -15.72
C ARG B 45 2.83 -14.78 -15.64
N HIS B 46 3.45 -14.49 -14.53
CA HIS B 46 4.18 -13.19 -14.40
C HIS B 46 5.67 -13.47 -14.21
N TYR B 47 6.46 -12.43 -14.30
CA TYR B 47 7.93 -12.60 -14.15
C TYR B 47 8.45 -11.53 -13.17
N GLU B 48 9.34 -11.90 -12.29
CA GLU B 48 9.86 -10.93 -11.28
C GLU B 48 11.30 -10.51 -11.59
N ARG B 49 11.63 -9.28 -11.26
CA ARG B 49 13.02 -8.80 -11.52
C ARG B 49 13.40 -7.72 -10.50
N LYS B 50 14.54 -7.88 -9.88
CA LYS B 50 15.00 -6.89 -8.87
C LYS B 50 13.90 -6.63 -7.86
N GLY B 51 13.00 -7.56 -7.73
CA GLY B 51 11.92 -7.36 -6.74
C GLY B 51 10.77 -6.60 -7.39
N LEU B 52 10.59 -6.77 -8.66
CA LEU B 52 9.49 -6.07 -9.38
C LEU B 52 8.92 -7.00 -10.43
N ALA B 53 7.64 -6.96 -10.63
CA ALA B 53 7.01 -7.86 -11.64
C ALA B 53 7.27 -7.35 -13.05
N TYR B 54 7.30 -8.24 -14.00
CA TYR B 54 7.50 -7.83 -15.40
C TYR B 54 6.86 -8.86 -16.31
N CYS B 55 6.24 -8.46 -17.36
CA CYS B 55 5.62 -9.47 -18.26
C CYS B 55 6.71 -10.42 -18.72
N GLU B 56 6.35 -11.42 -19.48
CA GLU B 56 7.37 -12.38 -19.99
C GLU B 56 8.34 -11.65 -20.92
N THR B 57 7.86 -10.70 -21.66
CA THR B 57 8.73 -9.96 -22.62
C THR B 57 9.41 -8.77 -21.94
N HIS B 58 8.71 -8.02 -21.15
CA HIS B 58 9.35 -6.87 -20.50
C HIS B 58 10.38 -7.40 -19.52
N TYR B 59 10.05 -8.40 -18.77
CA TYR B 59 11.03 -8.97 -17.85
C TYR B 59 12.27 -9.28 -18.65
N ASN B 60 12.10 -10.05 -19.66
CA ASN B 60 13.25 -10.40 -20.51
C ASN B 60 13.77 -9.15 -21.19
N GLN B 61 12.90 -8.32 -21.72
CA GLN B 61 13.41 -7.08 -22.36
C GLN B 61 14.25 -6.37 -21.32
N LEU B 62 13.86 -6.49 -20.09
CA LEU B 62 14.62 -5.86 -18.98
C LEU B 62 15.84 -6.71 -18.65
N PHE B 63 15.72 -8.00 -18.77
CA PHE B 63 16.87 -8.89 -18.45
C PHE B 63 16.69 -10.25 -19.12
N GLY B 64 15.92 -11.10 -18.53
CA GLY B 64 15.70 -12.46 -19.12
C GLY B 64 16.78 -13.41 -18.64
N ASP B 65 17.28 -13.20 -17.45
CA ASP B 65 18.35 -14.10 -16.92
C ASP B 65 19.44 -14.27 -17.98
N VAL B 66 19.94 -13.18 -18.51
CA VAL B 66 21.01 -13.28 -19.54
C VAL B 66 21.72 -11.94 -19.67
N GLN A 1 -11.76 21.08 8.16
CA GLN A 1 -11.46 21.68 6.84
C GLN A 1 -10.58 20.73 6.02
N GLY A 2 -10.35 19.55 6.53
CA GLY A 2 -9.50 18.57 5.78
C GLY A 2 -9.64 17.19 6.43
N SER A 3 -10.74 16.52 6.20
CA SER A 3 -10.92 15.17 6.80
C SER A 3 -12.04 14.42 6.07
N ARG A 4 -12.16 14.64 4.78
CA ARG A 4 -13.22 13.94 4.01
C ARG A 4 -12.85 12.46 3.86
N VAL A 5 -13.82 11.59 3.80
CA VAL A 5 -13.51 10.15 3.65
C VAL A 5 -12.87 9.91 2.29
N LEU A 6 -11.56 9.93 2.23
CA LEU A 6 -10.84 9.69 0.94
C LEU A 6 -9.92 8.48 1.13
N HIS A 7 -9.08 8.53 2.13
CA HIS A 7 -8.16 7.40 2.40
C HIS A 7 -7.97 7.27 3.91
N VAL A 8 -8.95 6.77 4.60
CA VAL A 8 -8.82 6.60 6.08
C VAL A 8 -7.79 5.50 6.30
N VAL A 9 -7.15 5.41 7.45
CA VAL A 9 -6.14 4.32 7.62
C VAL A 9 -6.10 3.81 9.05
N GLN A 10 -6.14 2.51 9.20
CA GLN A 10 -6.09 1.88 10.55
C GLN A 10 -4.66 1.40 10.82
N THR A 11 -4.11 1.75 11.95
CA THR A 11 -2.73 1.33 12.29
C THR A 11 -2.65 -0.18 12.42
N LEU A 12 -1.48 -0.69 12.20
CA LEU A 12 -1.22 -2.15 12.29
C LEU A 12 -0.26 -2.37 13.47
N TYR A 13 0.40 -1.32 13.90
CA TYR A 13 1.36 -1.49 15.05
C TYR A 13 1.44 -0.18 15.89
N PRO A 14 1.61 -0.29 17.20
CA PRO A 14 1.74 0.91 18.07
C PRO A 14 3.11 1.55 17.84
N PHE A 15 3.27 2.32 16.81
CA PHE A 15 4.59 2.95 16.54
C PHE A 15 4.89 4.05 17.55
N SER A 16 6.10 4.54 17.54
CA SER A 16 6.50 5.62 18.49
C SER A 16 7.34 6.67 17.74
N SER A 17 6.79 7.83 17.56
CA SER A 17 7.51 8.93 16.85
C SER A 17 7.34 10.21 17.65
N VAL A 18 8.41 10.71 18.24
CA VAL A 18 8.31 11.96 19.04
C VAL A 18 9.39 12.93 18.60
N THR A 19 9.02 13.77 17.71
CA THR A 19 9.93 14.83 17.18
C THR A 19 9.10 16.08 16.92
N GLU A 20 9.52 16.86 16.01
CA GLU A 20 8.79 18.05 15.65
C GLU A 20 7.68 17.63 14.69
N GLU A 21 8.03 16.96 13.62
CA GLU A 21 7.05 16.54 12.61
C GLU A 21 6.85 15.00 12.66
N GLU A 22 7.02 14.38 13.80
CA GLU A 22 6.85 12.89 13.88
C GLU A 22 5.46 12.56 14.48
N LEU A 23 4.90 11.42 14.10
CA LEU A 23 3.53 11.02 14.61
C LEU A 23 3.62 9.83 15.56
N ASN A 24 3.34 10.03 16.83
CA ASN A 24 3.36 8.87 17.78
C ASN A 24 1.92 8.39 17.90
N PHE A 25 1.65 7.12 17.71
CA PHE A 25 0.23 6.68 17.79
C PHE A 25 0.14 5.22 18.20
N GLU A 26 -0.83 4.90 19.01
CA GLU A 26 -1.01 3.52 19.47
C GLU A 26 -1.80 2.76 18.41
N LYS A 27 -1.66 1.47 18.36
CA LYS A 27 -2.39 0.70 17.35
C LYS A 27 -3.89 1.00 17.45
N GLY A 28 -4.58 0.98 16.35
CA GLY A 28 -6.04 1.29 16.38
C GLY A 28 -6.24 2.81 16.32
N GLU A 29 -5.52 3.48 15.46
CA GLU A 29 -5.66 4.97 15.36
C GLU A 29 -6.10 5.35 13.94
N THR A 30 -7.28 5.90 13.81
CA THR A 30 -7.74 6.30 12.46
C THR A 30 -6.97 7.55 12.05
N MET A 31 -6.06 7.46 11.12
CA MET A 31 -5.30 8.67 10.73
C MET A 31 -5.78 9.20 9.40
N GLU A 32 -5.97 10.48 9.39
CA GLU A 32 -6.47 11.19 8.20
C GLU A 32 -5.26 11.64 7.39
N VAL A 33 -4.97 10.95 6.33
CA VAL A 33 -3.76 11.28 5.52
C VAL A 33 -3.86 12.69 4.93
N ILE A 34 -3.36 13.69 5.60
CA ILE A 34 -3.41 15.08 5.03
C ILE A 34 -2.68 15.14 3.67
N GLU A 35 -1.46 14.65 3.63
CA GLU A 35 -0.68 14.71 2.35
C GLU A 35 0.23 13.52 2.21
N LYS A 36 0.60 13.22 0.99
CA LYS A 36 1.48 12.04 0.73
C LYS A 36 2.61 12.41 -0.25
N PRO A 37 3.51 13.28 0.17
CA PRO A 37 4.66 13.66 -0.67
C PRO A 37 5.67 12.52 -0.67
N GLU A 38 6.59 12.57 -1.57
CA GLU A 38 7.64 11.50 -1.62
C GLU A 38 8.83 11.97 -0.78
N ASN A 39 9.24 13.20 -0.97
CA ASN A 39 10.38 13.79 -0.22
C ASN A 39 11.65 12.95 -0.42
N ASP A 40 11.57 11.70 -0.06
CA ASP A 40 12.73 10.77 -0.24
C ASP A 40 12.56 9.46 0.57
N PRO A 41 12.20 9.56 1.81
CA PRO A 41 12.02 8.40 2.69
C PRO A 41 10.79 7.59 2.25
N GLU A 42 9.63 8.22 2.25
CA GLU A 42 8.32 7.59 1.84
C GLU A 42 7.26 7.91 2.92
N TRP A 43 7.57 8.78 3.84
CA TRP A 43 6.59 9.12 4.91
C TRP A 43 5.45 9.97 4.33
N TRP A 44 4.37 10.11 5.08
CA TRP A 44 3.19 10.91 4.61
C TRP A 44 2.78 11.91 5.70
N LYS A 45 2.32 13.09 5.32
CA LYS A 45 1.85 14.02 6.37
C LYS A 45 0.46 13.54 6.74
N CYS A 46 0.35 12.77 7.79
CA CYS A 46 -0.99 12.24 8.17
C CYS A 46 -1.41 12.79 9.51
N LYS A 47 -2.59 13.32 9.57
CA LYS A 47 -3.09 13.84 10.86
C LYS A 47 -3.65 12.65 11.61
N ASN A 48 -3.64 12.63 12.92
CA ASN A 48 -4.25 11.44 13.61
C ASN A 48 -5.68 11.82 13.98
N ALA A 49 -6.69 11.03 13.63
CA ALA A 49 -8.07 11.47 13.99
C ALA A 49 -8.08 11.81 15.49
N ARG A 50 -7.10 11.34 16.20
CA ARG A 50 -7.03 11.67 17.65
C ARG A 50 -6.79 13.19 17.72
N GLY A 51 -6.63 13.78 16.57
CA GLY A 51 -6.44 15.25 16.47
C GLY A 51 -4.96 15.66 16.47
N GLN A 52 -4.06 14.86 15.90
CA GLN A 52 -2.61 15.28 15.88
C GLN A 52 -1.95 15.00 14.53
N VAL A 53 -0.80 15.59 14.28
CA VAL A 53 -0.14 15.39 12.95
C VAL A 53 1.36 15.07 13.08
N GLY A 54 1.88 14.40 12.09
CA GLY A 54 3.32 14.02 12.07
C GLY A 54 3.59 13.08 10.90
N LEU A 55 4.80 13.00 10.44
CA LEU A 55 5.13 12.09 9.30
C LEU A 55 5.10 10.64 9.81
N VAL A 56 4.78 9.70 8.95
CA VAL A 56 4.72 8.28 9.40
C VAL A 56 4.94 7.34 8.19
N PRO A 57 5.73 6.28 8.32
CA PRO A 57 5.94 5.36 7.19
C PRO A 57 4.57 4.93 6.65
N LYS A 58 4.26 5.32 5.45
CA LYS A 58 2.95 4.97 4.84
C LYS A 58 2.78 3.45 4.75
N ASN A 59 3.73 2.70 5.24
CA ASN A 59 3.63 1.20 5.18
C ASN A 59 3.21 0.68 6.56
N TYR A 60 3.17 1.53 7.55
CA TYR A 60 2.79 1.08 8.92
C TYR A 60 1.27 1.18 9.09
N VAL A 61 0.56 1.46 8.03
CA VAL A 61 -0.93 1.59 8.12
C VAL A 61 -1.57 1.11 6.82
N VAL A 62 -2.82 0.71 6.87
CA VAL A 62 -3.52 0.25 5.62
C VAL A 62 -4.52 1.32 5.20
N VAL A 63 -4.95 1.31 3.97
CA VAL A 63 -5.93 2.34 3.50
C VAL A 63 -7.31 1.69 3.30
N LEU A 64 -8.34 2.34 3.78
CA LEU A 64 -9.73 1.79 3.64
C LEU A 64 -10.48 2.57 2.56
N SER A 65 -10.69 3.85 2.76
CA SER A 65 -11.43 4.64 1.73
C SER A 65 -10.54 4.80 0.49
N ASP A 66 -11.14 4.95 -0.67
CA ASP A 66 -10.34 5.10 -1.91
C ASP A 66 -11.09 6.03 -2.88
N GLY A 67 -10.37 6.71 -3.75
CA GLY A 67 -11.04 7.62 -4.71
C GLY A 67 -11.53 6.82 -5.92
N PRO A 68 -10.60 6.30 -6.70
CA PRO A 68 -10.96 5.51 -7.90
C PRO A 68 -11.80 4.28 -7.47
N ALA A 69 -13.10 4.41 -7.50
CA ALA A 69 -13.99 3.28 -7.12
C ALA A 69 -14.78 2.87 -8.36
N LEU A 70 -14.18 2.08 -9.18
CA LEU A 70 -14.87 1.62 -10.42
C LEU A 70 -15.72 0.39 -10.10
N HIS A 71 -16.99 0.44 -10.42
CA HIS A 71 -17.87 -0.73 -10.12
C HIS A 71 -17.68 -1.16 -8.66
N GLY B 1 -12.20 -13.80 16.79
CA GLY B 1 -12.47 -12.82 15.69
C GLY B 1 -11.15 -12.31 15.11
N SER B 2 -10.29 -13.22 14.71
CA SER B 2 -8.99 -12.79 14.13
C SER B 2 -9.19 -12.33 12.68
N MET B 3 -8.31 -11.50 12.18
CA MET B 3 -8.45 -11.03 10.78
C MET B 3 -8.67 -12.23 9.85
N GLY B 4 -9.06 -11.97 8.63
CA GLY B 4 -9.29 -13.10 7.68
C GLY B 4 -9.50 -12.54 6.27
N VAL B 5 -8.65 -11.64 5.85
CA VAL B 5 -8.80 -11.06 4.48
C VAL B 5 -7.43 -10.55 4.00
N PRO B 6 -7.07 -10.92 2.80
CA PRO B 6 -5.81 -10.48 2.20
C PRO B 6 -5.95 -9.03 1.78
N ILE B 7 -4.86 -8.39 1.54
CA ILE B 7 -4.94 -6.98 1.12
C ILE B 7 -3.98 -6.74 -0.04
N CYS B 8 -4.53 -6.33 -1.15
CA CYS B 8 -3.71 -6.10 -2.35
C CYS B 8 -2.62 -5.08 -2.05
N GLY B 9 -1.40 -5.50 -2.15
CA GLY B 9 -0.26 -4.58 -1.88
C GLY B 9 -0.25 -3.47 -2.93
N ALA B 10 -1.18 -3.50 -3.84
CA ALA B 10 -1.22 -2.45 -4.89
C ALA B 10 -2.03 -1.25 -4.38
N CYS B 11 -3.18 -1.50 -3.84
CA CYS B 11 -4.03 -0.40 -3.31
C CYS B 11 -4.19 -0.56 -1.80
N ARG B 12 -3.52 -1.53 -1.23
CA ARG B 12 -3.64 -1.74 0.24
C ARG B 12 -5.12 -1.88 0.58
N ARG B 13 -5.85 -2.58 -0.23
CA ARG B 13 -7.31 -2.77 0.03
C ARG B 13 -7.56 -4.26 0.28
N PRO B 14 -8.47 -4.56 1.18
CA PRO B 14 -8.80 -5.96 1.51
C PRO B 14 -9.23 -6.72 0.25
N ILE B 15 -8.44 -7.67 -0.17
CA ILE B 15 -8.82 -8.45 -1.39
C ILE B 15 -10.00 -9.35 -1.05
N GLU B 16 -10.76 -9.78 -2.02
CA GLU B 16 -11.94 -10.64 -1.72
C GLU B 16 -12.39 -11.42 -2.95
N GLY B 17 -11.53 -12.25 -3.46
CA GLY B 17 -11.88 -13.07 -4.66
C GLY B 17 -10.72 -14.00 -4.93
N ARG B 18 -9.92 -13.67 -5.90
CA ARG B 18 -8.72 -14.50 -6.22
C ARG B 18 -7.51 -13.66 -5.87
N VAL B 19 -6.69 -14.14 -4.98
CA VAL B 19 -5.51 -13.34 -4.54
C VAL B 19 -4.24 -13.81 -5.26
N VAL B 20 -3.25 -12.95 -5.31
CA VAL B 20 -1.96 -13.31 -5.95
C VAL B 20 -0.88 -13.14 -4.90
N ASN B 21 -0.22 -14.20 -4.53
CA ASN B 21 0.83 -14.07 -3.48
C ASN B 21 2.16 -13.78 -4.15
N ALA B 22 2.64 -12.57 -4.06
CA ALA B 22 3.94 -12.21 -4.68
C ALA B 22 4.64 -11.19 -3.78
N MET B 23 5.93 -11.06 -3.92
CA MET B 23 6.66 -10.09 -3.06
C MET B 23 6.41 -10.46 -1.61
N GLY B 24 5.97 -11.67 -1.41
CA GLY B 24 5.68 -12.12 -0.02
C GLY B 24 4.44 -11.37 0.47
N LYS B 25 3.63 -10.94 -0.44
CA LYS B 25 2.40 -10.18 -0.09
C LYS B 25 1.18 -10.79 -0.79
N GLN B 26 0.18 -9.99 -1.00
CA GLN B 26 -1.06 -10.44 -1.69
C GLN B 26 -1.43 -9.35 -2.69
N TRP B 27 -1.93 -9.69 -3.85
CA TRP B 27 -2.25 -8.62 -4.84
C TRP B 27 -3.55 -8.95 -5.58
N HIS B 28 -4.38 -7.97 -5.83
CA HIS B 28 -5.62 -8.26 -6.59
C HIS B 28 -5.19 -8.90 -7.90
N VAL B 29 -5.79 -9.98 -8.29
CA VAL B 29 -5.40 -10.62 -9.57
C VAL B 29 -5.49 -9.56 -10.67
N GLU B 30 -6.13 -8.48 -10.38
CA GLU B 30 -6.28 -7.40 -11.40
C GLU B 30 -5.20 -6.33 -11.21
N HIS B 31 -4.69 -6.15 -10.02
CA HIS B 31 -3.65 -5.10 -9.79
C HIS B 31 -2.25 -5.72 -9.82
N PHE B 32 -2.13 -7.02 -9.88
CA PHE B 32 -0.77 -7.60 -9.95
C PHE B 32 -0.30 -7.49 -11.38
N VAL B 33 0.60 -6.59 -11.64
CA VAL B 33 1.06 -6.37 -13.03
C VAL B 33 2.58 -6.30 -13.10
N CYS B 34 3.08 -6.21 -14.29
CA CYS B 34 4.55 -6.09 -14.50
C CYS B 34 5.05 -4.80 -13.86
N ALA B 35 6.25 -4.79 -13.38
CA ALA B 35 6.80 -3.57 -12.74
C ALA B 35 7.52 -2.72 -13.79
N LYS B 36 7.11 -2.80 -15.02
CA LYS B 36 7.78 -2.00 -16.10
C LYS B 36 6.73 -1.44 -17.06
N CYS B 37 5.65 -2.14 -17.26
CA CYS B 37 4.60 -1.65 -18.21
C CYS B 37 3.23 -1.68 -17.52
N GLU B 38 3.10 -2.37 -16.42
CA GLU B 38 1.81 -2.43 -15.72
C GLU B 38 0.83 -3.30 -16.50
N LYS B 39 1.25 -4.46 -16.92
CA LYS B 39 0.34 -5.37 -17.67
C LYS B 39 -0.13 -6.46 -16.68
N PRO B 40 -1.39 -6.42 -16.29
CA PRO B 40 -1.93 -7.37 -15.31
C PRO B 40 -2.03 -8.78 -15.88
N PHE B 41 -1.65 -9.74 -15.07
CA PHE B 41 -1.75 -11.16 -15.51
C PHE B 41 -3.07 -11.75 -15.02
N LEU B 42 -4.17 -11.16 -15.38
CA LEU B 42 -5.49 -11.69 -14.91
C LEU B 42 -5.45 -13.22 -14.95
N GLY B 43 -5.13 -13.76 -16.08
CA GLY B 43 -5.05 -15.25 -16.21
C GLY B 43 -3.77 -15.61 -16.99
N HIS B 44 -2.75 -14.81 -16.85
CA HIS B 44 -1.47 -15.09 -17.58
C HIS B 44 -0.35 -15.37 -16.58
N ARG B 45 0.82 -15.65 -17.08
CA ARG B 45 1.98 -15.94 -16.17
C ARG B 45 2.78 -14.65 -15.94
N HIS B 46 3.32 -14.47 -14.76
CA HIS B 46 4.12 -13.24 -14.48
C HIS B 46 5.57 -13.63 -14.19
N TYR B 47 6.43 -12.66 -14.14
CA TYR B 47 7.86 -12.93 -13.89
C TYR B 47 8.37 -11.97 -12.81
N GLU B 48 9.16 -12.46 -11.88
CA GLU B 48 9.65 -11.59 -10.76
C GLU B 48 11.13 -11.26 -10.94
N ARG B 49 11.52 -10.09 -10.49
CA ARG B 49 12.95 -9.68 -10.60
C ARG B 49 13.31 -8.70 -9.48
N LYS B 50 14.38 -8.97 -8.78
CA LYS B 50 14.82 -8.08 -7.68
C LYS B 50 13.66 -7.81 -6.74
N GLY B 51 12.68 -8.68 -6.73
CA GLY B 51 11.53 -8.48 -5.84
C GLY B 51 10.50 -7.59 -6.53
N LEU B 52 10.42 -7.67 -7.81
CA LEU B 52 9.43 -6.84 -8.56
C LEU B 52 8.90 -7.66 -9.73
N ALA B 53 7.63 -7.52 -10.03
CA ALA B 53 7.05 -8.32 -11.14
C ALA B 53 7.46 -7.73 -12.49
N TYR B 54 7.50 -8.57 -13.49
CA TYR B 54 7.86 -8.08 -14.84
C TYR B 54 7.23 -9.00 -15.86
N CYS B 55 6.73 -8.49 -16.94
CA CYS B 55 6.13 -9.38 -17.95
C CYS B 55 7.19 -10.40 -18.39
N GLU B 56 6.83 -11.31 -19.24
CA GLU B 56 7.82 -12.31 -19.73
C GLU B 56 8.92 -11.59 -20.52
N THR B 57 8.56 -10.57 -21.23
CA THR B 57 9.56 -9.82 -22.06
C THR B 57 10.25 -8.74 -21.25
N HIS B 58 9.53 -8.00 -20.47
CA HIS B 58 10.20 -6.93 -19.69
C HIS B 58 11.11 -7.59 -18.68
N TYR B 59 10.65 -8.61 -18.03
CA TYR B 59 11.50 -9.31 -17.06
C TYR B 59 12.78 -9.65 -17.78
N ASN B 60 12.65 -10.35 -18.85
CA ASN B 60 13.84 -10.73 -19.64
C ASN B 60 14.50 -9.47 -20.18
N GLN B 61 13.74 -8.56 -20.72
CA GLN B 61 14.37 -7.31 -21.23
C GLN B 61 15.17 -6.73 -20.08
N LEU B 62 14.67 -6.90 -18.89
CA LEU B 62 15.37 -6.39 -17.69
C LEU B 62 16.51 -7.35 -17.32
N PHE B 63 16.30 -8.62 -17.53
CA PHE B 63 17.37 -9.61 -17.18
C PHE B 63 17.15 -10.90 -17.96
N GLY B 64 16.28 -11.74 -17.49
CA GLY B 64 16.02 -13.03 -18.18
C GLY B 64 17.00 -14.09 -17.69
N ASP B 65 17.40 -14.00 -16.45
CA ASP B 65 18.36 -15.00 -15.90
C ASP B 65 19.53 -15.17 -16.87
N VAL B 66 20.14 -14.10 -17.28
CA VAL B 66 21.29 -14.20 -18.23
C VAL B 66 22.09 -12.91 -18.21
N GLN A 1 -10.58 22.02 8.50
CA GLN A 1 -10.20 22.65 7.21
C GLN A 1 -9.41 21.65 6.37
N GLY A 2 -9.31 20.43 6.82
CA GLY A 2 -8.55 19.41 6.04
C GLY A 2 -8.83 18.02 6.61
N SER A 3 -9.99 17.48 6.36
CA SER A 3 -10.31 16.13 6.89
C SER A 3 -11.49 15.53 6.11
N ARG A 4 -11.57 15.80 4.83
CA ARG A 4 -12.68 15.25 4.02
C ARG A 4 -12.46 13.76 3.80
N VAL A 5 -13.50 13.00 3.69
CA VAL A 5 -13.33 11.53 3.48
C VAL A 5 -12.70 11.29 2.11
N LEU A 6 -11.40 11.18 2.07
CA LEU A 6 -10.68 10.93 0.78
C LEU A 6 -9.89 9.62 0.92
N HIS A 7 -9.07 9.55 1.94
CA HIS A 7 -8.26 8.32 2.17
C HIS A 7 -8.12 8.10 3.68
N VAL A 8 -9.15 7.67 4.34
CA VAL A 8 -9.05 7.43 5.80
C VAL A 8 -8.15 6.22 5.99
N VAL A 9 -7.54 6.02 7.14
CA VAL A 9 -6.64 4.84 7.27
C VAL A 9 -6.69 4.25 8.69
N GLN A 10 -6.85 2.96 8.76
CA GLN A 10 -6.89 2.26 10.09
C GLN A 10 -5.52 1.63 10.36
N THR A 11 -4.96 1.88 11.51
CA THR A 11 -3.63 1.31 11.85
C THR A 11 -3.70 -0.21 11.91
N LEU A 12 -2.59 -0.81 11.67
CA LEU A 12 -2.48 -2.30 11.71
C LEU A 12 -1.57 -2.66 12.89
N TYR A 13 -0.81 -1.70 13.38
CA TYR A 13 0.11 -2.02 14.52
C TYR A 13 0.31 -0.76 15.42
N PRO A 14 0.44 -0.94 16.74
CA PRO A 14 0.67 0.19 17.66
C PRO A 14 2.11 0.71 17.47
N PHE A 15 2.35 1.51 16.48
CA PHE A 15 3.74 2.01 16.25
C PHE A 15 4.13 3.02 17.32
N SER A 16 5.39 3.39 17.34
CA SER A 16 5.87 4.39 18.34
C SER A 16 6.83 5.37 17.66
N SER A 17 6.40 6.60 17.53
CA SER A 17 7.24 7.63 16.87
C SER A 17 7.18 8.90 17.73
N VAL A 18 8.28 9.27 18.34
CA VAL A 18 8.29 10.48 19.20
C VAL A 18 9.48 11.35 18.81
N THR A 19 9.20 12.27 17.96
CA THR A 19 10.23 13.25 17.50
C THR A 19 9.53 14.58 17.29
N GLU A 20 10.04 15.37 16.41
CA GLU A 20 9.43 16.64 16.10
C GLU A 20 8.31 16.36 15.10
N GLU A 21 8.61 15.71 14.01
CA GLU A 21 7.61 15.43 12.97
C GLU A 21 7.25 13.93 12.94
N GLU A 22 7.34 13.24 14.06
CA GLU A 22 7.02 11.77 14.08
C GLU A 22 5.60 11.56 14.63
N LEU A 23 4.93 10.49 14.21
CA LEU A 23 3.52 10.22 14.67
C LEU A 23 3.47 8.98 15.57
N ASN A 24 3.20 9.15 16.85
CA ASN A 24 3.09 7.95 17.75
C ASN A 24 1.60 7.61 17.83
N PHE A 25 1.21 6.39 17.58
CA PHE A 25 -0.24 6.09 17.61
C PHE A 25 -0.49 4.63 17.96
N GLU A 26 -1.50 4.39 18.74
CA GLU A 26 -1.83 2.99 19.13
C GLU A 26 -2.67 2.37 18.03
N LYS A 27 -2.65 1.08 17.93
CA LYS A 27 -3.45 0.43 16.87
C LYS A 27 -4.90 0.87 16.98
N GLY A 28 -5.58 0.98 15.86
CA GLY A 28 -6.99 1.43 15.89
C GLY A 28 -7.05 2.96 15.90
N GLU A 29 -6.25 3.59 15.08
CA GLU A 29 -6.23 5.10 15.04
C GLU A 29 -6.61 5.57 13.64
N THR A 30 -7.72 6.23 13.51
CA THR A 30 -8.13 6.75 12.18
C THR A 30 -7.22 7.93 11.84
N MET A 31 -6.32 7.78 10.92
CA MET A 31 -5.44 8.93 10.60
C MET A 31 -5.84 9.56 9.28
N GLU A 32 -5.91 10.85 9.32
CA GLU A 32 -6.31 11.67 8.16
C GLU A 32 -5.04 12.03 7.39
N VAL A 33 -4.81 11.35 6.30
CA VAL A 33 -3.57 11.61 5.52
C VAL A 33 -3.51 13.04 4.98
N ILE A 34 -2.92 13.96 5.71
CA ILE A 34 -2.83 15.37 5.21
C ILE A 34 -2.06 15.40 3.87
N GLU A 35 -0.91 14.80 3.81
CA GLU A 35 -0.10 14.85 2.54
C GLU A 35 0.68 13.57 2.36
N LYS A 36 1.06 13.29 1.13
CA LYS A 36 1.81 12.05 0.83
C LYS A 36 2.99 12.33 -0.11
N PRO A 37 3.96 13.10 0.35
CA PRO A 37 5.15 13.40 -0.45
C PRO A 37 6.05 12.17 -0.48
N GLU A 38 6.99 12.16 -1.37
CA GLU A 38 7.92 11.00 -1.47
C GLU A 38 9.14 11.30 -0.59
N ASN A 39 9.68 12.49 -0.72
CA ASN A 39 10.87 12.93 0.08
C ASN A 39 12.03 11.98 -0.16
N ASP A 40 11.83 10.73 0.15
CA ASP A 40 12.89 9.70 -0.06
C ASP A 40 12.58 8.37 0.69
N PRO A 41 12.22 8.46 1.93
CA PRO A 41 11.90 7.28 2.76
C PRO A 41 10.61 6.62 2.26
N GLU A 42 9.52 7.37 2.27
CA GLU A 42 8.15 6.88 1.82
C GLU A 42 7.12 7.26 2.90
N TRP A 43 7.50 8.05 3.87
CA TRP A 43 6.53 8.45 4.94
C TRP A 43 5.49 9.43 4.39
N TRP A 44 4.43 9.65 5.13
CA TRP A 44 3.34 10.57 4.68
C TRP A 44 3.01 11.57 5.80
N LYS A 45 2.68 12.79 5.48
CA LYS A 45 2.28 13.73 6.56
C LYS A 45 0.85 13.36 6.89
N CYS A 46 0.64 12.57 7.90
CA CYS A 46 -0.75 12.16 8.24
C CYS A 46 -1.14 12.69 9.60
N LYS A 47 -2.26 13.33 9.67
CA LYS A 47 -2.73 13.85 10.97
C LYS A 47 -3.41 12.69 11.66
N ASN A 48 -3.42 12.61 12.97
CA ASN A 48 -4.16 11.45 13.60
C ASN A 48 -5.55 11.96 13.97
N ALA A 49 -6.63 11.29 13.58
CA ALA A 49 -7.97 11.85 13.94
C ALA A 49 -7.96 12.13 15.44
N ARG A 50 -7.05 11.53 16.15
CA ARG A 50 -6.97 11.79 17.62
C ARG A 50 -6.58 13.26 17.76
N GLY A 51 -6.34 13.89 16.64
CA GLY A 51 -6.01 15.33 16.60
C GLY A 51 -4.49 15.58 16.63
N GLN A 52 -3.67 14.73 16.05
CA GLN A 52 -2.18 15.00 16.06
C GLN A 52 -1.54 14.72 14.71
N VAL A 53 -0.33 15.21 14.49
CA VAL A 53 0.34 15.00 13.17
C VAL A 53 1.79 14.52 13.31
N GLY A 54 2.25 13.84 12.29
CA GLY A 54 3.65 13.33 12.28
C GLY A 54 3.84 12.41 11.05
N LEU A 55 5.06 12.24 10.61
CA LEU A 55 5.31 11.35 9.44
C LEU A 55 5.12 9.89 9.87
N VAL A 56 4.73 9.02 8.98
CA VAL A 56 4.52 7.59 9.37
C VAL A 56 4.66 6.70 8.12
N PRO A 57 5.35 5.55 8.20
CA PRO A 57 5.48 4.67 7.05
C PRO A 57 4.08 4.41 6.46
N LYS A 58 3.83 4.89 5.28
CA LYS A 58 2.50 4.69 4.64
C LYS A 58 2.18 3.20 4.47
N ASN A 59 3.05 2.33 4.94
CA ASN A 59 2.80 0.86 4.82
C ASN A 59 2.31 0.31 6.17
N TYR A 60 2.34 1.12 7.19
CA TYR A 60 1.89 0.66 8.54
C TYR A 60 0.38 0.91 8.68
N VAL A 61 -0.28 1.30 7.63
CA VAL A 61 -1.75 1.58 7.72
C VAL A 61 -2.41 1.22 6.38
N VAL A 62 -3.70 0.93 6.40
CA VAL A 62 -4.42 0.61 5.12
C VAL A 62 -5.30 1.79 4.75
N VAL A 63 -5.70 1.88 3.51
CA VAL A 63 -6.58 3.02 3.06
C VAL A 63 -8.00 2.52 2.83
N LEU A 64 -8.97 3.25 3.32
CA LEU A 64 -10.41 2.84 3.15
C LEU A 64 -11.06 3.75 2.08
N SER A 65 -11.15 5.02 2.34
CA SER A 65 -11.78 5.94 1.34
C SER A 65 -10.86 6.06 0.12
N ASP A 66 -11.42 6.32 -1.04
CA ASP A 66 -10.58 6.45 -2.27
C ASP A 66 -11.23 7.48 -3.20
N GLY A 67 -10.43 8.12 -4.02
CA GLY A 67 -11.00 9.13 -4.96
C GLY A 67 -11.55 8.44 -6.21
N PRO A 68 -10.66 7.87 -7.00
CA PRO A 68 -11.07 7.16 -8.23
C PRO A 68 -12.03 6.01 -7.87
N ALA A 69 -13.32 6.27 -7.90
CA ALA A 69 -14.32 5.21 -7.60
C ALA A 69 -15.13 4.94 -8.85
N LEU A 70 -14.59 4.14 -9.71
CA LEU A 70 -15.30 3.80 -10.97
C LEU A 70 -16.28 2.65 -10.72
N HIS A 71 -17.53 2.84 -11.04
CA HIS A 71 -18.53 1.76 -10.82
C HIS A 71 -18.41 1.24 -9.38
N GLY B 1 -10.45 -11.97 17.93
CA GLY B 1 -10.88 -11.18 16.74
C GLY B 1 -9.65 -10.60 16.05
N SER B 2 -8.70 -11.43 15.70
CA SER B 2 -7.48 -10.94 15.02
C SER B 2 -7.78 -10.69 13.54
N MET B 3 -7.02 -9.84 12.91
CA MET B 3 -7.28 -9.55 11.46
C MET B 3 -7.38 -10.87 10.70
N GLY B 4 -7.83 -10.82 9.47
CA GLY B 4 -7.96 -12.08 8.68
C GLY B 4 -8.28 -11.73 7.22
N VAL B 5 -7.56 -10.80 6.65
CA VAL B 5 -7.83 -10.40 5.24
C VAL B 5 -6.55 -9.80 4.63
N PRO B 6 -6.18 -10.28 3.46
CA PRO B 6 -5.00 -9.77 2.75
C PRO B 6 -5.33 -8.41 2.18
N ILE B 7 -4.34 -7.69 1.80
CA ILE B 7 -4.59 -6.35 1.23
C ILE B 7 -3.72 -6.15 0.00
N CYS B 8 -4.35 -5.94 -1.11
CA CYS B 8 -3.61 -5.77 -2.38
C CYS B 8 -2.63 -4.61 -2.26
N GLY B 9 -1.37 -4.90 -2.37
CA GLY B 9 -0.34 -3.83 -2.25
C GLY B 9 -0.50 -2.86 -3.42
N ALA B 10 -1.45 -3.10 -4.28
CA ALA B 10 -1.65 -2.20 -5.45
C ALA B 10 -2.57 -1.06 -5.04
N CYS B 11 -3.68 -1.37 -4.43
CA CYS B 11 -4.63 -0.30 -4.00
C CYS B 11 -4.72 -0.30 -2.46
N ARG B 12 -3.92 -1.10 -1.81
CA ARG B 12 -3.96 -1.15 -0.33
C ARG B 12 -5.40 -1.41 0.10
N ARG B 13 -6.07 -2.29 -0.59
CA ARG B 13 -7.49 -2.61 -0.24
C ARG B 13 -7.55 -4.07 0.20
N PRO B 14 -8.39 -4.37 1.18
CA PRO B 14 -8.54 -5.74 1.68
C PRO B 14 -8.91 -6.69 0.55
N ILE B 15 -8.03 -7.60 0.20
CA ILE B 15 -8.35 -8.56 -0.89
C ILE B 15 -9.42 -9.54 -0.39
N GLU B 16 -10.14 -10.16 -1.27
CA GLU B 16 -11.21 -11.11 -0.81
C GLU B 16 -11.60 -12.09 -1.92
N GLY B 17 -10.67 -12.87 -2.37
CA GLY B 17 -10.96 -13.86 -3.44
C GLY B 17 -9.69 -14.68 -3.66
N ARG B 18 -8.98 -14.38 -4.70
CA ARG B 18 -7.71 -15.10 -4.96
C ARG B 18 -6.58 -14.09 -4.78
N VAL B 19 -5.68 -14.37 -3.88
CA VAL B 19 -4.59 -13.39 -3.60
C VAL B 19 -3.31 -13.79 -4.32
N VAL B 20 -2.43 -12.84 -4.51
CA VAL B 20 -1.13 -13.13 -5.17
C VAL B 20 -0.04 -12.70 -4.21
N ASN B 21 0.75 -13.62 -3.74
CA ASN B 21 1.82 -13.25 -2.77
C ASN B 21 3.09 -12.89 -3.54
N ALA B 22 3.41 -11.63 -3.60
CA ALA B 22 4.64 -11.21 -4.33
C ALA B 22 5.24 -10.01 -3.59
N MET B 23 6.51 -9.75 -3.81
CA MET B 23 7.14 -8.61 -3.11
C MET B 23 7.00 -8.82 -1.62
N GLY B 24 6.71 -10.03 -1.24
CA GLY B 24 6.52 -10.34 0.20
C GLY B 24 5.22 -9.69 0.66
N LYS B 25 4.32 -9.47 -0.27
CA LYS B 25 3.03 -8.81 0.07
C LYS B 25 1.87 -9.64 -0.51
N GLN B 26 0.78 -8.99 -0.76
CA GLN B 26 -0.42 -9.67 -1.33
C GLN B 26 -0.95 -8.76 -2.44
N TRP B 27 -1.45 -9.29 -3.52
CA TRP B 27 -1.93 -8.40 -4.61
C TRP B 27 -3.20 -8.96 -5.24
N HIS B 28 -4.16 -8.13 -5.58
CA HIS B 28 -5.39 -8.65 -6.23
C HIS B 28 -4.93 -9.39 -7.48
N VAL B 29 -5.41 -10.57 -7.70
CA VAL B 29 -4.98 -11.31 -8.91
C VAL B 29 -5.23 -10.42 -10.12
N GLU B 30 -5.99 -9.39 -9.94
CA GLU B 30 -6.31 -8.46 -11.07
C GLU B 30 -5.35 -7.27 -11.06
N HIS B 31 -4.83 -6.89 -9.93
CA HIS B 31 -3.91 -5.71 -9.89
C HIS B 31 -2.45 -6.16 -9.90
N PHE B 32 -2.18 -7.43 -9.81
CA PHE B 32 -0.76 -7.86 -9.86
C PHE B 32 -0.36 -7.86 -11.33
N VAL B 33 0.42 -6.90 -11.74
CA VAL B 33 0.81 -6.82 -13.16
C VAL B 33 2.30 -6.58 -13.31
N CYS B 34 2.74 -6.57 -14.53
CA CYS B 34 4.18 -6.31 -14.83
C CYS B 34 4.54 -4.91 -14.36
N ALA B 35 5.76 -4.70 -13.95
CA ALA B 35 6.17 -3.35 -13.48
C ALA B 35 6.75 -2.56 -14.66
N LYS B 36 6.32 -2.85 -15.86
CA LYS B 36 6.84 -2.11 -17.05
C LYS B 36 5.70 -1.79 -18.02
N CYS B 37 4.71 -2.64 -18.08
CA CYS B 37 3.57 -2.40 -19.02
C CYS B 37 2.24 -2.50 -18.28
N GLU B 38 2.25 -3.05 -17.11
CA GLU B 38 0.99 -3.18 -16.33
C GLU B 38 0.08 -4.24 -16.96
N LYS B 39 0.64 -5.39 -17.26
CA LYS B 39 -0.19 -6.48 -17.84
C LYS B 39 -0.49 -7.49 -16.71
N PRO B 40 -1.73 -7.54 -16.28
CA PRO B 40 -2.12 -8.42 -15.17
C PRO B 40 -2.07 -9.89 -15.55
N PHE B 41 -1.56 -10.70 -14.67
CA PHE B 41 -1.50 -12.16 -14.93
C PHE B 41 -2.72 -12.84 -14.30
N LEU B 42 -3.90 -12.42 -14.67
CA LEU B 42 -5.12 -13.04 -14.08
C LEU B 42 -4.90 -14.55 -13.94
N GLY B 43 -4.55 -15.18 -15.02
CA GLY B 43 -4.31 -16.66 -14.98
C GLY B 43 -3.03 -16.96 -15.76
N HIS B 44 -2.10 -16.04 -15.77
CA HIS B 44 -0.83 -16.25 -16.53
C HIS B 44 0.36 -16.28 -15.55
N ARG B 45 1.54 -16.49 -16.07
CA ARG B 45 2.75 -16.52 -15.18
C ARG B 45 3.40 -15.13 -15.15
N HIS B 46 3.95 -14.75 -14.03
CA HIS B 46 4.62 -13.42 -13.94
C HIS B 46 6.10 -13.60 -13.67
N TYR B 47 6.84 -12.54 -13.78
CA TYR B 47 8.31 -12.61 -13.57
C TYR B 47 8.73 -11.47 -12.63
N GLU B 48 9.60 -11.74 -11.69
CA GLU B 48 10.02 -10.69 -10.71
C GLU B 48 11.44 -10.21 -11.00
N ARG B 49 11.71 -8.97 -10.71
CA ARG B 49 13.08 -8.41 -10.94
C ARG B 49 13.36 -7.27 -9.95
N LYS B 50 14.48 -7.33 -9.28
CA LYS B 50 14.84 -6.27 -8.31
C LYS B 50 13.69 -6.02 -7.37
N GLY B 51 12.83 -6.98 -7.21
CA GLY B 51 11.68 -6.80 -6.29
C GLY B 51 10.53 -6.13 -7.02
N LEU B 52 10.42 -6.37 -8.29
CA LEU B 52 9.31 -5.77 -9.08
C LEU B 52 8.84 -6.78 -10.11
N ALA B 53 7.56 -6.83 -10.37
CA ALA B 53 7.04 -7.81 -11.36
C ALA B 53 7.33 -7.35 -12.78
N TYR B 54 7.44 -8.29 -13.68
CA TYR B 54 7.69 -7.94 -15.09
C TYR B 54 7.15 -9.05 -15.96
N CYS B 55 6.55 -8.73 -17.07
CA CYS B 55 6.02 -9.82 -17.93
C CYS B 55 7.19 -10.74 -18.30
N GLU B 56 6.90 -11.79 -19.01
CA GLU B 56 7.99 -12.72 -19.44
C GLU B 56 8.97 -11.99 -20.35
N THR B 57 8.46 -11.10 -21.16
CA THR B 57 9.33 -10.37 -22.13
C THR B 57 9.93 -9.11 -21.48
N HIS B 58 9.15 -8.36 -20.76
CA HIS B 58 9.71 -7.14 -20.14
C HIS B 58 10.73 -7.56 -19.10
N TYR B 59 10.41 -8.54 -18.31
CA TYR B 59 11.38 -9.02 -17.32
C TYR B 59 12.67 -9.29 -18.05
N ASN B 60 12.58 -10.12 -19.04
CA ASN B 60 13.78 -10.46 -19.81
C ASN B 60 14.27 -9.22 -20.54
N GLN B 61 13.38 -8.47 -21.13
CA GLN B 61 13.84 -7.22 -21.83
C GLN B 61 14.61 -6.42 -20.79
N LEU B 62 14.17 -6.50 -19.57
CA LEU B 62 14.84 -5.77 -18.47
C LEU B 62 16.10 -6.54 -18.05
N PHE B 63 16.05 -7.84 -18.09
CA PHE B 63 17.23 -8.66 -17.68
C PHE B 63 17.14 -10.05 -18.29
N GLY B 64 16.39 -10.91 -17.69
CA GLY B 64 16.26 -12.30 -18.21
C GLY B 64 17.38 -13.17 -17.64
N ASP B 65 17.81 -12.89 -16.44
CA ASP B 65 18.90 -13.69 -15.83
C ASP B 65 20.05 -13.85 -16.82
N VAL B 66 20.52 -12.77 -17.38
CA VAL B 66 21.64 -12.86 -18.37
C VAL B 66 22.28 -11.48 -18.54
N GLN A 1 -10.97 21.22 5.94
CA GLN A 1 -10.55 21.66 4.58
C GLN A 1 -9.65 20.58 3.97
N GLY A 2 -9.53 19.45 4.60
CA GLY A 2 -8.68 18.37 4.05
C GLY A 2 -8.93 17.07 4.81
N SER A 3 -10.03 16.44 4.56
CA SER A 3 -10.34 15.16 5.29
C SER A 3 -11.42 14.39 4.53
N ARG A 4 -11.42 14.47 3.23
CA ARG A 4 -12.45 13.74 2.43
C ARG A 4 -12.14 12.24 2.48
N VAL A 5 -13.15 11.41 2.43
CA VAL A 5 -12.90 9.95 2.46
C VAL A 5 -12.16 9.53 1.18
N LEU A 6 -10.85 9.49 1.23
CA LEU A 6 -10.04 9.08 0.05
C LEU A 6 -9.20 7.87 0.44
N HIS A 7 -8.45 7.99 1.50
CA HIS A 7 -7.61 6.86 1.98
C HIS A 7 -7.55 6.89 3.50
N VAL A 8 -8.62 6.50 4.15
CA VAL A 8 -8.62 6.49 5.64
C VAL A 8 -7.67 5.37 6.07
N VAL A 9 -7.13 5.39 7.27
CA VAL A 9 -6.18 4.28 7.64
C VAL A 9 -6.30 3.92 9.12
N GLN A 10 -6.42 2.65 9.40
CA GLN A 10 -6.51 2.17 10.80
C GLN A 10 -5.13 1.65 11.25
N THR A 11 -4.67 2.11 12.38
CA THR A 11 -3.34 1.67 12.89
C THR A 11 -3.35 0.18 13.17
N LEU A 12 -2.20 -0.39 13.11
CA LEU A 12 -2.02 -1.85 13.38
C LEU A 12 -1.18 -1.97 14.65
N TYR A 13 -0.50 -0.92 15.03
CA TYR A 13 0.35 -1.00 16.27
C TYR A 13 0.43 0.39 16.98
N PRO A 14 0.48 0.41 18.30
CA PRO A 14 0.59 1.69 19.05
C PRO A 14 2.01 2.25 18.88
N PHE A 15 2.29 2.90 17.79
CA PHE A 15 3.66 3.44 17.58
C PHE A 15 3.94 4.63 18.49
N SER A 16 5.17 5.06 18.53
CA SER A 16 5.54 6.23 19.40
C SER A 16 6.49 7.14 18.63
N SER A 17 6.02 8.30 18.27
CA SER A 17 6.85 9.28 17.52
C SER A 17 6.68 10.66 18.17
N VAL A 18 7.71 11.18 18.79
CA VAL A 18 7.61 12.50 19.44
C VAL A 18 8.78 13.36 19.00
N THR A 19 8.53 14.13 18.01
CA THR A 19 9.53 15.08 17.46
C THR A 19 8.79 16.33 17.00
N GLU A 20 9.32 17.00 16.04
CA GLU A 20 8.68 18.17 15.50
C GLU A 20 7.64 17.69 14.49
N GLU A 21 8.05 16.89 13.53
CA GLU A 21 7.13 16.40 12.49
C GLU A 21 6.85 14.89 12.68
N GLU A 22 6.89 14.40 13.88
CA GLU A 22 6.64 12.93 14.11
C GLU A 22 5.19 12.72 14.61
N LEU A 23 4.60 11.57 14.31
CA LEU A 23 3.18 11.29 14.72
C LEU A 23 3.13 10.20 15.81
N ASN A 24 2.76 10.54 17.01
CA ASN A 24 2.64 9.50 18.09
C ASN A 24 1.16 9.09 18.12
N PHE A 25 0.85 7.82 18.04
CA PHE A 25 -0.58 7.46 18.04
C PHE A 25 -0.79 6.05 18.60
N GLU A 26 -1.84 5.87 19.34
CA GLU A 26 -2.12 4.54 19.93
C GLU A 26 -2.86 3.71 18.88
N LYS A 27 -2.78 2.42 18.98
CA LYS A 27 -3.47 1.57 17.98
C LYS A 27 -4.95 1.95 17.93
N GLY A 28 -5.55 1.84 16.78
CA GLY A 28 -6.98 2.21 16.64
C GLY A 28 -7.11 3.72 16.41
N GLU A 29 -6.28 4.27 15.56
CA GLU A 29 -6.33 5.75 15.28
C GLU A 29 -6.64 5.98 13.80
N THR A 30 -7.76 6.55 13.50
CA THR A 30 -8.09 6.84 12.09
C THR A 30 -7.23 8.00 11.63
N MET A 31 -6.25 7.77 10.79
CA MET A 31 -5.40 8.91 10.35
C MET A 31 -5.74 9.30 8.94
N GLU A 32 -5.87 10.58 8.76
CA GLU A 32 -6.23 11.19 7.48
C GLU A 32 -4.93 11.49 6.73
N VAL A 33 -4.59 10.68 5.77
CA VAL A 33 -3.30 10.87 5.05
C VAL A 33 -3.28 12.21 4.31
N ILE A 34 -2.78 13.26 4.91
CA ILE A 34 -2.73 14.58 4.20
C ILE A 34 -1.87 14.45 2.92
N GLU A 35 -0.68 13.91 3.03
CA GLU A 35 0.20 13.81 1.83
C GLU A 35 1.06 12.57 1.90
N LYS A 36 1.53 12.13 0.75
CA LYS A 36 2.35 10.89 0.69
C LYS A 36 3.58 11.11 -0.22
N PRO A 37 4.48 11.97 0.18
CA PRO A 37 5.71 12.22 -0.58
C PRO A 37 6.67 11.05 -0.37
N GLU A 38 7.66 10.96 -1.18
CA GLU A 38 8.66 9.85 -1.03
C GLU A 38 9.80 10.35 -0.15
N ASN A 39 10.28 11.54 -0.42
CA ASN A 39 11.39 12.16 0.37
C ASN A 39 12.61 11.24 0.36
N ASP A 40 12.46 10.05 0.84
CA ASP A 40 13.56 9.06 0.86
C ASP A 40 13.27 7.84 1.79
N PRO A 41 12.81 8.10 2.98
CA PRO A 41 12.50 7.05 3.95
C PRO A 41 11.28 6.24 3.49
N GLU A 42 10.15 6.92 3.32
CA GLU A 42 8.84 6.30 2.86
C GLU A 42 7.71 6.78 3.80
N TRP A 43 7.99 7.73 4.66
CA TRP A 43 6.94 8.23 5.59
C TRP A 43 5.90 9.06 4.83
N TRP A 44 4.77 9.32 5.46
CA TRP A 44 3.67 10.11 4.80
C TRP A 44 3.24 11.24 5.74
N LYS A 45 2.87 12.38 5.21
CA LYS A 45 2.35 13.45 6.11
C LYS A 45 0.92 13.06 6.41
N CYS A 46 0.67 12.42 7.50
CA CYS A 46 -0.72 11.99 7.82
C CYS A 46 -1.22 12.70 9.05
N LYS A 47 -2.38 13.28 8.95
CA LYS A 47 -2.95 13.95 10.12
C LYS A 47 -3.64 12.88 10.95
N ASN A 48 -3.73 13.01 12.25
CA ASN A 48 -4.45 11.92 13.00
C ASN A 48 -5.89 12.40 13.20
N ALA A 49 -6.91 11.62 12.85
CA ALA A 49 -8.29 12.15 13.04
C ALA A 49 -8.40 12.66 14.48
N ARG A 50 -7.51 12.22 15.34
CA ARG A 50 -7.55 12.71 16.73
C ARG A 50 -7.24 14.21 16.67
N GLY A 51 -6.95 14.67 15.48
CA GLY A 51 -6.68 16.10 15.25
C GLY A 51 -5.19 16.44 15.33
N GLN A 52 -4.29 15.55 14.94
CA GLN A 52 -2.82 15.91 15.00
C GLN A 52 -2.06 15.46 13.75
N VAL A 53 -0.87 15.97 13.54
CA VAL A 53 -0.10 15.60 12.30
C VAL A 53 1.35 15.24 12.60
N GLY A 54 1.91 14.44 11.74
CA GLY A 54 3.33 13.99 11.89
C GLY A 54 3.65 12.92 10.84
N LEU A 55 4.90 12.75 10.51
CA LEU A 55 5.27 11.71 9.50
C LEU A 55 5.12 10.32 10.15
N VAL A 56 4.84 9.31 9.37
CA VAL A 56 4.66 7.95 9.96
C VAL A 56 4.93 6.87 8.87
N PRO A 57 5.66 5.81 9.19
CA PRO A 57 5.91 4.76 8.19
C PRO A 57 4.57 4.33 7.56
N LYS A 58 4.39 4.61 6.30
CA LYS A 58 3.11 4.25 5.63
C LYS A 58 2.88 2.74 5.68
N ASN A 59 3.75 2.00 6.33
CA ASN A 59 3.58 0.52 6.42
C ASN A 59 3.02 0.15 7.81
N TYR A 60 2.93 1.11 8.69
CA TYR A 60 2.42 0.83 10.07
C TYR A 60 0.89 1.02 10.07
N VAL A 61 0.29 1.20 8.94
CA VAL A 61 -1.19 1.41 8.89
C VAL A 61 -1.75 0.82 7.59
N VAL A 62 -3.01 0.47 7.57
CA VAL A 62 -3.63 -0.09 6.32
C VAL A 62 -4.54 0.97 5.71
N VAL A 63 -4.86 0.85 4.44
CA VAL A 63 -5.75 1.86 3.77
C VAL A 63 -7.12 1.25 3.53
N LEU A 64 -8.16 1.99 3.85
CA LEU A 64 -9.56 1.49 3.65
C LEU A 64 -10.17 2.18 2.42
N SER A 65 -10.34 3.47 2.47
CA SER A 65 -10.94 4.18 1.31
C SER A 65 -9.95 4.17 0.14
N ASP A 66 -10.44 4.22 -1.07
CA ASP A 66 -9.53 4.21 -2.26
C ASP A 66 -10.15 5.04 -3.38
N GLY A 67 -9.33 5.60 -4.23
CA GLY A 67 -9.87 6.43 -5.36
C GLY A 67 -10.30 5.52 -6.52
N PRO A 68 -9.33 4.89 -7.15
CA PRO A 68 -9.63 3.98 -8.28
C PRO A 68 -10.56 2.85 -7.80
N ALA A 69 -11.85 3.03 -7.96
CA ALA A 69 -12.82 1.98 -7.54
C ALA A 69 -13.53 1.47 -8.80
N LEU A 70 -12.90 0.57 -9.49
CA LEU A 70 -13.50 0.01 -10.73
C LEU A 70 -14.44 -1.14 -10.35
N HIS A 71 -15.67 -1.07 -10.79
CA HIS A 71 -16.64 -2.16 -10.45
C HIS A 71 -16.59 -2.44 -8.95
N GLY B 1 -10.65 -14.57 17.29
CA GLY B 1 -11.00 -13.58 16.23
C GLY B 1 -9.72 -13.04 15.59
N SER B 2 -8.87 -13.91 15.11
CA SER B 2 -7.60 -13.44 14.48
C SER B 2 -7.90 -12.95 13.06
N MET B 3 -7.06 -12.10 12.53
CA MET B 3 -7.29 -11.58 11.15
C MET B 3 -7.55 -12.76 10.21
N GLY B 4 -8.00 -12.49 9.02
CA GLY B 4 -8.26 -13.59 8.05
C GLY B 4 -8.55 -13.01 6.68
N VAL B 5 -7.74 -12.08 6.23
CA VAL B 5 -7.98 -11.47 4.89
C VAL B 5 -6.66 -10.92 4.35
N PRO B 6 -6.35 -11.25 3.11
CA PRO B 6 -5.13 -10.77 2.46
C PRO B 6 -5.33 -9.32 2.08
N ILE B 7 -4.26 -8.64 1.79
CA ILE B 7 -4.38 -7.22 1.43
C ILE B 7 -3.50 -6.94 0.22
N CYS B 8 -4.11 -6.51 -0.84
CA CYS B 8 -3.36 -6.24 -2.09
C CYS B 8 -2.27 -5.21 -1.82
N GLY B 9 -1.05 -5.61 -2.00
CA GLY B 9 0.08 -4.67 -1.76
C GLY B 9 0.01 -3.53 -2.77
N ALA B 10 -0.96 -3.55 -3.64
CA ALA B 10 -1.08 -2.47 -4.66
C ALA B 10 -1.87 -1.31 -4.07
N CYS B 11 -3.00 -1.60 -3.47
CA CYS B 11 -3.83 -0.52 -2.87
C CYS B 11 -3.90 -0.73 -1.36
N ARG B 12 -3.18 -1.69 -0.85
CA ARG B 12 -3.22 -1.95 0.61
C ARG B 12 -4.68 -2.11 1.03
N ARG B 13 -5.44 -2.82 0.24
CA ARG B 13 -6.88 -3.04 0.58
C ARG B 13 -7.10 -4.53 0.80
N PRO B 14 -7.95 -4.87 1.74
CA PRO B 14 -8.23 -6.29 2.06
C PRO B 14 -8.72 -7.02 0.80
N ILE B 15 -7.94 -7.96 0.32
CA ILE B 15 -8.36 -8.71 -0.90
C ILE B 15 -9.52 -9.63 -0.52
N GLU B 16 -10.32 -10.05 -1.47
CA GLU B 16 -11.47 -10.94 -1.12
C GLU B 16 -11.97 -11.70 -2.34
N GLY B 17 -11.13 -12.49 -2.92
CA GLY B 17 -11.53 -13.29 -4.12
C GLY B 17 -10.37 -14.19 -4.49
N ARG B 18 -9.63 -13.82 -5.49
CA ARG B 18 -8.44 -14.63 -5.89
C ARG B 18 -7.22 -13.77 -5.59
N VAL B 19 -6.35 -14.26 -4.76
CA VAL B 19 -5.16 -13.45 -4.36
C VAL B 19 -3.93 -13.87 -5.16
N VAL B 20 -2.95 -13.00 -5.24
CA VAL B 20 -1.70 -13.32 -5.96
C VAL B 20 -0.55 -13.15 -4.97
N ASN B 21 0.13 -14.21 -4.65
CA ASN B 21 1.24 -14.08 -3.67
C ASN B 21 2.54 -13.76 -4.41
N ALA B 22 2.98 -12.55 -4.30
CA ALA B 22 4.24 -12.14 -4.98
C ALA B 22 4.98 -11.14 -4.10
N MET B 23 6.26 -10.97 -4.31
CA MET B 23 7.02 -10.01 -3.46
C MET B 23 6.86 -10.43 -2.02
N GLY B 24 6.45 -11.64 -1.82
CA GLY B 24 6.24 -12.14 -0.44
C GLY B 24 5.03 -11.43 0.14
N LYS B 25 4.15 -10.99 -0.71
CA LYS B 25 2.93 -10.26 -0.27
C LYS B 25 1.69 -10.87 -0.93
N GLN B 26 0.66 -10.08 -1.05
CA GLN B 26 -0.60 -10.54 -1.68
C GLN B 26 -1.05 -9.44 -2.63
N TRP B 27 -1.61 -9.75 -3.77
CA TRP B 27 -2.00 -8.67 -4.72
C TRP B 27 -3.33 -9.00 -5.39
N HIS B 28 -4.19 -8.03 -5.57
CA HIS B 28 -5.47 -8.33 -6.27
C HIS B 28 -5.11 -8.92 -7.62
N VAL B 29 -5.71 -10.00 -8.00
CA VAL B 29 -5.38 -10.60 -9.31
C VAL B 29 -5.53 -9.52 -10.38
N GLU B 30 -6.19 -8.45 -10.03
CA GLU B 30 -6.41 -7.36 -11.00
C GLU B 30 -5.34 -6.27 -10.85
N HIS B 31 -4.77 -6.12 -9.68
CA HIS B 31 -3.73 -5.05 -9.49
C HIS B 31 -2.32 -5.63 -9.61
N PHE B 32 -2.19 -6.93 -9.71
CA PHE B 32 -0.83 -7.50 -9.86
C PHE B 32 -0.44 -7.32 -11.32
N VAL B 33 0.43 -6.41 -11.60
CA VAL B 33 0.82 -6.14 -13.01
C VAL B 33 2.32 -6.05 -13.16
N CYS B 34 2.75 -5.91 -14.38
CA CYS B 34 4.20 -5.77 -14.66
C CYS B 34 4.71 -4.48 -14.02
N ALA B 35 5.95 -4.46 -13.60
CA ALA B 35 6.51 -3.24 -12.96
C ALA B 35 7.16 -2.35 -14.02
N LYS B 36 6.69 -2.42 -15.24
CA LYS B 36 7.27 -1.57 -16.33
C LYS B 36 6.16 -1.01 -17.22
N CYS B 37 5.09 -1.73 -17.37
CA CYS B 37 3.97 -1.24 -18.25
C CYS B 37 2.65 -1.30 -17.49
N GLU B 38 2.60 -2.02 -16.41
CA GLU B 38 1.35 -2.13 -15.63
C GLU B 38 0.33 -2.99 -16.38
N LYS B 39 0.75 -4.13 -16.86
CA LYS B 39 -0.18 -5.04 -17.58
C LYS B 39 -0.57 -6.16 -16.59
N PRO B 40 -1.81 -6.15 -16.14
CA PRO B 40 -2.28 -7.14 -15.15
C PRO B 40 -2.38 -8.54 -15.74
N PHE B 41 -1.96 -9.51 -14.99
CA PHE B 41 -2.05 -10.92 -15.47
C PHE B 41 -3.33 -11.55 -14.91
N LEU B 42 -4.46 -10.97 -15.19
CA LEU B 42 -5.74 -11.54 -14.66
C LEU B 42 -5.68 -13.06 -14.76
N GLY B 43 -5.41 -13.57 -15.92
CA GLY B 43 -5.31 -15.05 -16.10
C GLY B 43 -4.08 -15.36 -16.94
N HIS B 44 -3.06 -14.55 -16.85
CA HIS B 44 -1.83 -14.79 -17.66
C HIS B 44 -0.64 -15.07 -16.72
N ARG B 45 0.52 -15.33 -17.29
CA ARG B 45 1.71 -15.61 -16.44
C ARG B 45 2.51 -14.31 -16.24
N HIS B 46 3.11 -14.15 -15.08
CA HIS B 46 3.90 -12.92 -14.81
C HIS B 46 5.37 -13.29 -14.62
N TYR B 47 6.21 -12.31 -14.59
CA TYR B 47 7.67 -12.56 -14.42
C TYR B 47 8.21 -11.61 -13.34
N GLU B 48 9.06 -12.11 -12.47
CA GLU B 48 9.60 -11.26 -11.35
C GLU B 48 11.06 -10.89 -11.60
N ARG B 49 11.45 -9.74 -11.15
CA ARG B 49 12.87 -9.30 -11.33
C ARG B 49 13.28 -8.34 -10.20
N LYS B 50 14.38 -8.61 -9.57
CA LYS B 50 14.87 -7.74 -8.46
C LYS B 50 13.76 -7.52 -7.46
N GLY B 51 12.81 -8.41 -7.43
CA GLY B 51 11.70 -8.24 -6.47
C GLY B 51 10.62 -7.36 -7.07
N LEU B 52 10.47 -7.40 -8.36
CA LEU B 52 9.43 -6.59 -9.03
C LEU B 52 8.84 -7.38 -10.18
N ALA B 53 7.56 -7.25 -10.41
CA ALA B 53 6.93 -8.03 -11.51
C ALA B 53 7.26 -7.40 -12.85
N TYR B 54 7.25 -8.20 -13.88
CA TYR B 54 7.53 -7.68 -15.24
C TYR B 54 6.86 -8.59 -16.25
N CYS B 55 6.29 -8.05 -17.28
CA CYS B 55 5.65 -8.95 -18.28
C CYS B 55 6.70 -9.92 -18.80
N GLU B 56 6.31 -10.82 -19.66
CA GLU B 56 7.29 -11.79 -20.23
C GLU B 56 8.33 -11.03 -21.06
N THR B 57 7.91 -9.99 -21.72
CA THR B 57 8.85 -9.22 -22.58
C THR B 57 9.57 -8.14 -21.79
N HIS B 58 8.89 -7.42 -20.95
CA HIS B 58 9.58 -6.37 -20.18
C HIS B 58 10.56 -7.04 -19.23
N TYR B 59 10.14 -8.09 -18.58
CA TYR B 59 11.06 -8.80 -17.69
C TYR B 59 12.31 -9.09 -18.48
N ASN B 60 12.13 -9.75 -19.57
CA ASN B 60 13.27 -10.10 -20.42
C ASN B 60 13.89 -8.82 -20.97
N GLN B 61 13.08 -7.90 -21.44
CA GLN B 61 13.66 -6.63 -21.95
C GLN B 61 14.52 -6.06 -20.84
N LEU B 62 14.08 -6.27 -19.62
CA LEU B 62 14.85 -5.78 -18.45
C LEU B 62 16.01 -6.74 -18.17
N PHE B 63 15.82 -8.00 -18.40
CA PHE B 63 16.91 -8.98 -18.13
C PHE B 63 16.68 -10.26 -18.93
N GLY B 64 15.84 -11.12 -18.44
CA GLY B 64 15.57 -12.40 -19.15
C GLY B 64 16.59 -13.45 -18.74
N ASP B 65 17.07 -13.38 -17.52
CA ASP B 65 18.07 -14.38 -17.05
C ASP B 65 19.19 -14.51 -18.10
N VAL B 66 19.76 -13.41 -18.51
CA VAL B 66 20.85 -13.48 -19.52
C VAL B 66 21.64 -12.16 -19.51
N GLN A 1 -11.30 21.37 7.43
CA GLN A 1 -10.97 21.90 6.09
C GLN A 1 -10.12 20.89 5.33
N GLY A 2 -9.95 19.71 5.88
CA GLY A 2 -9.15 18.67 5.18
C GLY A 2 -9.34 17.33 5.87
N SER A 3 -10.46 16.70 5.67
CA SER A 3 -10.71 15.38 6.31
C SER A 3 -11.86 14.66 5.59
N ARG A 4 -11.95 14.83 4.30
CA ARG A 4 -13.03 14.14 3.55
C ARG A 4 -12.72 12.65 3.45
N VAL A 5 -13.73 11.82 3.41
CA VAL A 5 -13.48 10.35 3.32
C VAL A 5 -12.84 10.03 1.98
N LEU A 6 -11.53 9.99 1.93
CA LEU A 6 -10.80 9.68 0.66
C LEU A 6 -9.95 8.45 0.90
N HIS A 7 -9.11 8.50 1.91
CA HIS A 7 -8.25 7.34 2.24
C HIS A 7 -8.08 7.26 3.76
N VAL A 8 -9.09 6.83 4.45
CA VAL A 8 -8.96 6.72 5.94
C VAL A 8 -8.00 5.57 6.22
N VAL A 9 -7.37 5.51 7.37
CA VAL A 9 -6.40 4.39 7.60
C VAL A 9 -6.41 3.92 9.05
N GLN A 10 -6.49 2.63 9.24
CA GLN A 10 -6.49 2.05 10.61
C GLN A 10 -5.08 1.52 10.92
N THR A 11 -4.54 1.90 12.04
CA THR A 11 -3.17 1.43 12.42
C THR A 11 -3.17 -0.08 12.60
N LEU A 12 -2.01 -0.64 12.41
CA LEU A 12 -1.82 -2.11 12.57
C LEU A 12 -0.88 -2.31 13.76
N TYR A 13 -0.18 -1.29 14.16
CA TYR A 13 0.76 -1.44 15.33
C TYR A 13 0.90 -0.12 16.11
N PRO A 14 1.04 -0.18 17.43
CA PRO A 14 1.21 1.05 18.26
C PRO A 14 2.62 1.62 18.02
N PHE A 15 2.81 2.34 16.97
CA PHE A 15 4.17 2.91 16.69
C PHE A 15 4.50 4.03 17.65
N SER A 16 5.73 4.47 17.64
CA SER A 16 6.17 5.57 18.55
C SER A 16 7.06 6.54 17.77
N SER A 17 6.57 7.72 17.55
CA SER A 17 7.34 8.75 16.79
C SER A 17 7.21 10.08 17.55
N VAL A 18 8.30 10.56 18.12
CA VAL A 18 8.25 11.83 18.88
C VAL A 18 9.38 12.74 18.40
N THR A 19 9.05 13.57 17.49
CA THR A 19 10.01 14.56 16.93
C THR A 19 9.23 15.82 16.62
N GLU A 20 9.69 16.56 15.67
CA GLU A 20 9.02 17.77 15.27
C GLU A 20 7.90 17.35 14.31
N GLU A 21 8.23 16.63 13.27
CA GLU A 21 7.24 16.20 12.26
C GLU A 21 6.98 14.68 12.36
N GLU A 22 7.11 14.10 13.53
CA GLU A 22 6.88 12.63 13.67
C GLU A 22 5.47 12.38 14.27
N LEU A 23 4.86 11.25 13.94
CA LEU A 23 3.47 10.94 14.43
C LEU A 23 3.50 9.77 15.43
N ASN A 24 3.22 10.03 16.68
CA ASN A 24 3.18 8.91 17.69
C ASN A 24 1.72 8.49 17.80
N PHE A 25 1.40 7.23 17.66
CA PHE A 25 -0.04 6.85 17.74
C PHE A 25 -0.19 5.42 18.21
N GLU A 26 -1.19 5.18 19.01
CA GLU A 26 -1.43 3.81 19.53
C GLU A 26 -2.24 3.05 18.49
N LYS A 27 -2.15 1.76 18.49
CA LYS A 27 -2.91 0.98 17.49
C LYS A 27 -4.39 1.35 17.57
N GLY A 28 -5.08 1.32 16.46
CA GLY A 28 -6.53 1.69 16.47
C GLY A 28 -6.66 3.21 16.35
N GLU A 29 -5.90 3.82 15.48
CA GLU A 29 -5.96 5.32 15.31
C GLU A 29 -6.39 5.65 13.88
N THR A 30 -7.53 6.24 13.71
CA THR A 30 -7.97 6.62 12.34
C THR A 30 -7.14 7.80 11.90
N MET A 31 -6.23 7.64 10.97
CA MET A 31 -5.41 8.81 10.55
C MET A 31 -5.85 9.31 9.20
N GLU A 32 -6.00 10.58 9.13
CA GLU A 32 -6.46 11.28 7.91
C GLU A 32 -5.21 11.64 7.11
N VAL A 33 -4.95 10.90 6.06
CA VAL A 33 -3.72 11.16 5.26
C VAL A 33 -3.75 12.54 4.60
N ILE A 34 -3.21 13.54 5.25
CA ILE A 34 -3.21 14.91 4.63
C ILE A 34 -2.45 14.88 3.29
N GLU A 35 -1.25 14.34 3.26
CA GLU A 35 -0.46 14.33 1.99
C GLU A 35 0.40 13.09 1.91
N LYS A 36 0.78 12.72 0.71
CA LYS A 36 1.60 11.50 0.50
C LYS A 36 2.76 11.78 -0.48
N PRO A 37 3.68 12.62 -0.08
CA PRO A 37 4.86 12.93 -0.92
C PRO A 37 5.82 11.75 -0.86
N GLU A 38 6.75 11.72 -1.76
CA GLU A 38 7.75 10.61 -1.76
C GLU A 38 8.96 11.05 -0.93
N ASN A 39 9.42 12.26 -1.16
CA ASN A 39 10.58 12.83 -0.40
C ASN A 39 11.80 11.92 -0.57
N ASP A 40 11.67 10.70 -0.16
CA ASP A 40 12.79 9.71 -0.29
C ASP A 40 12.56 8.43 0.57
N PRO A 41 12.20 8.61 1.80
CA PRO A 41 11.95 7.49 2.72
C PRO A 41 10.71 6.72 2.29
N GLU A 42 9.57 7.40 2.25
CA GLU A 42 8.23 6.80 1.85
C GLU A 42 7.17 7.20 2.90
N TRP A 43 7.52 8.10 3.80
CA TRP A 43 6.54 8.53 4.85
C TRP A 43 5.44 9.41 4.23
N TRP A 44 4.37 9.62 4.95
CA TRP A 44 3.22 10.45 4.44
C TRP A 44 2.85 11.51 5.49
N LYS A 45 2.45 12.68 5.06
CA LYS A 45 1.99 13.68 6.07
C LYS A 45 0.59 13.27 6.44
N CYS A 46 0.43 12.55 7.51
CA CYS A 46 -0.93 12.09 7.90
C CYS A 46 -1.34 12.70 9.22
N LYS A 47 -2.50 13.29 9.24
CA LYS A 47 -2.99 13.88 10.50
C LYS A 47 -3.61 12.74 11.29
N ASN A 48 -3.60 12.78 12.60
CA ASN A 48 -4.27 11.64 13.33
C ASN A 48 -5.69 12.09 13.67
N ALA A 49 -6.73 11.33 13.34
CA ALA A 49 -8.09 11.84 13.67
C ALA A 49 -8.10 12.25 15.15
N ARG A 50 -7.14 11.76 15.90
CA ARG A 50 -7.07 12.15 17.33
C ARG A 50 -6.78 13.65 17.35
N GLY A 51 -6.57 14.20 16.17
CA GLY A 51 -6.32 15.65 16.01
C GLY A 51 -4.83 15.98 16.02
N GLN A 52 -3.96 15.13 15.48
CA GLN A 52 -2.49 15.49 15.47
C GLN A 52 -1.83 15.12 14.14
N VAL A 53 -0.65 15.66 13.88
CA VAL A 53 0.02 15.39 12.56
C VAL A 53 1.49 15.01 12.73
N GLY A 54 1.99 14.27 11.77
CA GLY A 54 3.42 13.83 11.79
C GLY A 54 3.65 12.83 10.64
N LEU A 55 4.87 12.69 10.20
CA LEU A 55 5.17 11.72 9.10
C LEU A 55 5.07 10.30 9.66
N VAL A 56 4.72 9.33 8.84
CA VAL A 56 4.59 7.93 9.36
C VAL A 56 4.78 6.94 8.17
N PRO A 57 5.53 5.87 8.36
CA PRO A 57 5.71 4.88 7.27
C PRO A 57 4.32 4.49 6.72
N LYS A 58 4.05 4.85 5.50
CA LYS A 58 2.72 4.54 4.90
C LYS A 58 2.48 3.03 4.86
N ASN A 59 3.41 2.26 5.38
CA ASN A 59 3.24 0.76 5.39
C ASN A 59 2.79 0.31 6.79
N TYR A 60 2.78 1.19 7.74
CA TYR A 60 2.36 0.82 9.12
C TYR A 60 0.84 1.00 9.27
N VAL A 61 0.15 1.26 8.19
CA VAL A 61 -1.33 1.45 8.26
C VAL A 61 -1.98 0.95 6.96
N VAL A 62 -3.24 0.60 7.02
CA VAL A 62 -3.95 0.12 5.78
C VAL A 62 -4.90 1.22 5.32
N VAL A 63 -5.32 1.18 4.08
CA VAL A 63 -6.25 2.24 3.55
C VAL A 63 -7.65 1.65 3.37
N LEU A 64 -8.65 2.35 3.81
CA LEU A 64 -10.06 1.85 3.68
C LEU A 64 -10.77 2.62 2.56
N SER A 65 -10.93 3.91 2.71
CA SER A 65 -11.62 4.70 1.64
C SER A 65 -10.72 4.77 0.41
N ASP A 66 -11.29 4.90 -0.76
CA ASP A 66 -10.48 4.97 -2.01
C ASP A 66 -11.17 5.88 -3.02
N GLY A 67 -10.43 6.50 -3.90
CA GLY A 67 -11.05 7.40 -4.91
C GLY A 67 -11.56 6.58 -6.10
N PRO A 68 -10.65 5.99 -6.85
CA PRO A 68 -11.02 5.16 -8.01
C PRO A 68 -11.92 4.00 -7.55
N ALA A 69 -13.22 4.18 -7.59
CA ALA A 69 -14.16 3.10 -7.18
C ALA A 69 -14.95 2.68 -8.41
N LEU A 70 -14.37 1.83 -9.20
CA LEU A 70 -15.07 1.36 -10.42
C LEU A 70 -15.98 0.17 -10.07
N HIS A 71 -17.24 0.27 -10.39
CA HIS A 71 -18.17 -0.85 -10.07
C HIS A 71 -18.02 -1.23 -8.60
N GLY B 1 -11.45 -14.36 17.10
CA GLY B 1 -11.74 -13.35 16.05
C GLY B 1 -10.43 -12.84 15.45
N SER B 2 -9.59 -13.73 14.99
CA SER B 2 -8.29 -13.29 14.39
C SER B 2 -8.53 -12.79 12.97
N MET B 3 -7.65 -11.95 12.47
CA MET B 3 -7.83 -11.43 11.08
C MET B 3 -8.09 -12.59 10.13
N GLY B 4 -8.50 -12.31 8.92
CA GLY B 4 -8.77 -13.41 7.95
C GLY B 4 -9.01 -12.80 6.56
N VAL B 5 -8.17 -11.89 6.14
CA VAL B 5 -8.34 -11.28 4.81
C VAL B 5 -6.99 -10.75 4.30
N PRO B 6 -6.66 -11.10 3.08
CA PRO B 6 -5.40 -10.64 2.46
C PRO B 6 -5.55 -9.18 2.09
N ILE B 7 -4.46 -8.54 1.83
CA ILE B 7 -4.53 -7.11 1.47
C ILE B 7 -3.61 -6.85 0.29
N CYS B 8 -4.18 -6.39 -0.78
CA CYS B 8 -3.38 -6.14 -2.01
C CYS B 8 -2.28 -5.14 -1.71
N GLY B 9 -1.07 -5.57 -1.85
CA GLY B 9 0.08 -4.66 -1.58
C GLY B 9 0.08 -3.52 -2.59
N ALA B 10 -0.87 -3.52 -3.49
CA ALA B 10 -0.94 -2.43 -4.50
C ALA B 10 -1.71 -1.24 -3.93
N CYS B 11 -2.86 -1.50 -3.37
CA CYS B 11 -3.67 -0.41 -2.79
C CYS B 11 -3.80 -0.62 -1.28
N ARG B 12 -3.12 -1.60 -0.76
CA ARG B 12 -3.21 -1.86 0.71
C ARG B 12 -4.68 -2.00 1.09
N ARG B 13 -5.44 -2.67 0.27
CA ARG B 13 -6.89 -2.86 0.56
C ARG B 13 -7.16 -4.35 0.78
N PRO B 14 -8.04 -4.68 1.69
CA PRO B 14 -8.37 -6.08 1.98
C PRO B 14 -8.84 -6.79 0.72
N ILE B 15 -8.07 -7.75 0.25
CA ILE B 15 -8.49 -8.48 -0.98
C ILE B 15 -9.68 -9.38 -0.64
N GLU B 16 -10.45 -9.77 -1.61
CA GLU B 16 -11.64 -10.63 -1.29
C GLU B 16 -12.12 -11.37 -2.54
N GLY B 17 -11.30 -12.20 -3.10
CA GLY B 17 -11.68 -12.97 -4.31
C GLY B 17 -10.53 -13.90 -4.65
N ARG B 18 -9.75 -13.54 -5.63
CA ARG B 18 -8.58 -14.37 -5.99
C ARG B 18 -7.34 -13.56 -5.65
N VAL B 19 -6.50 -14.07 -4.80
CA VAL B 19 -5.30 -13.30 -4.37
C VAL B 19 -4.06 -13.75 -5.14
N VAL B 20 -3.07 -12.90 -5.18
CA VAL B 20 -1.80 -13.25 -5.87
C VAL B 20 -0.68 -13.11 -4.85
N ASN B 21 -0.03 -14.19 -4.52
CA ASN B 21 1.05 -14.10 -3.51
C ASN B 21 2.37 -13.81 -4.20
N ALA B 22 2.85 -12.61 -4.08
CA ALA B 22 4.14 -12.23 -4.73
C ALA B 22 4.88 -11.25 -3.81
N MET B 23 6.17 -11.12 -3.98
CA MET B 23 6.92 -10.19 -3.12
C MET B 23 6.71 -10.60 -1.67
N GLY B 24 6.27 -11.80 -1.49
CA GLY B 24 6.01 -12.30 -0.11
C GLY B 24 4.79 -11.56 0.44
N LYS B 25 3.95 -11.09 -0.45
CA LYS B 25 2.74 -10.34 -0.03
C LYS B 25 1.51 -10.91 -0.73
N GLN B 26 0.51 -10.09 -0.89
CA GLN B 26 -0.75 -10.52 -1.55
C GLN B 26 -1.14 -9.40 -2.51
N TRP B 27 -1.68 -9.70 -3.66
CA TRP B 27 -2.01 -8.60 -4.61
C TRP B 27 -3.32 -8.89 -5.32
N HIS B 28 -4.16 -7.89 -5.53
CA HIS B 28 -5.43 -8.15 -6.25
C HIS B 28 -5.04 -8.75 -7.60
N VAL B 29 -5.66 -9.82 -8.01
CA VAL B 29 -5.30 -10.42 -9.31
C VAL B 29 -5.41 -9.34 -10.38
N GLU B 30 -6.04 -8.24 -10.04
CA GLU B 30 -6.21 -7.14 -11.02
C GLU B 30 -5.11 -6.08 -10.83
N HIS B 31 -4.57 -5.95 -9.65
CA HIS B 31 -3.52 -4.92 -9.42
C HIS B 31 -2.12 -5.54 -9.50
N PHE B 32 -2.01 -6.83 -9.61
CA PHE B 32 -0.66 -7.43 -9.72
C PHE B 32 -0.23 -7.28 -11.17
N VAL B 33 0.67 -6.37 -11.42
CA VAL B 33 1.10 -6.12 -12.82
C VAL B 33 2.62 -6.06 -12.92
N CYS B 34 3.09 -5.93 -14.12
CA CYS B 34 4.55 -5.81 -14.36
C CYS B 34 5.08 -4.55 -13.70
N ALA B 35 6.29 -4.56 -13.25
CA ALA B 35 6.87 -3.37 -12.59
C ALA B 35 7.58 -2.49 -13.63
N LYS B 36 7.13 -2.53 -14.85
CA LYS B 36 7.78 -1.70 -15.92
C LYS B 36 6.70 -1.10 -16.84
N CYS B 37 5.62 -1.79 -17.03
CA CYS B 37 4.54 -1.28 -17.93
C CYS B 37 3.19 -1.31 -17.22
N GLU B 38 3.10 -2.03 -16.13
CA GLU B 38 1.81 -2.10 -15.39
C GLU B 38 0.80 -2.94 -16.18
N LYS B 39 1.21 -4.08 -16.66
CA LYS B 39 0.27 -4.97 -17.40
C LYS B 39 -0.19 -6.08 -16.43
N PRO B 40 -1.43 -6.04 -16.01
CA PRO B 40 -1.95 -7.02 -15.04
C PRO B 40 -2.07 -8.41 -15.65
N PHE B 41 -1.70 -9.40 -14.89
CA PHE B 41 -1.81 -10.81 -15.38
C PHE B 41 -3.12 -11.41 -14.86
N LEU B 42 -4.23 -10.79 -15.16
CA LEU B 42 -5.54 -11.32 -14.69
C LEU B 42 -5.51 -12.85 -14.78
N GLY B 43 -5.23 -13.36 -15.93
CA GLY B 43 -5.16 -14.84 -16.11
C GLY B 43 -3.92 -15.19 -16.92
N HIS B 44 -2.87 -14.40 -16.79
CA HIS B 44 -1.63 -14.67 -17.57
C HIS B 44 -0.48 -14.99 -16.60
N ARG B 45 0.68 -15.27 -17.13
CA ARG B 45 1.86 -15.59 -16.26
C ARG B 45 2.67 -14.32 -16.02
N HIS B 46 3.25 -14.18 -14.85
CA HIS B 46 4.06 -12.97 -14.55
C HIS B 46 5.51 -13.38 -14.32
N TYR B 47 6.38 -12.41 -14.26
CA TYR B 47 7.82 -12.70 -14.06
C TYR B 47 8.37 -11.78 -12.96
N GLU B 48 9.17 -12.30 -12.06
CA GLU B 48 9.70 -11.47 -10.93
C GLU B 48 11.18 -11.14 -11.14
N ARG B 49 11.59 -9.99 -10.66
CA ARG B 49 13.02 -9.60 -10.80
C ARG B 49 13.42 -8.65 -9.65
N LYS B 50 14.50 -8.96 -8.99
CA LYS B 50 14.98 -8.11 -7.88
C LYS B 50 13.84 -7.85 -6.90
N GLY B 51 12.87 -8.71 -6.90
CA GLY B 51 11.74 -8.52 -5.97
C GLY B 51 10.70 -7.61 -6.59
N LEU B 52 10.58 -7.65 -7.89
CA LEU B 52 9.58 -6.80 -8.59
C LEU B 52 9.01 -7.58 -9.76
N ALA B 53 7.75 -7.41 -10.02
CA ALA B 53 7.12 -8.17 -11.15
C ALA B 53 7.50 -7.54 -12.48
N TYR B 54 7.51 -8.34 -13.51
CA TYR B 54 7.83 -7.82 -14.86
C TYR B 54 7.18 -8.71 -15.89
N CYS B 55 6.65 -8.15 -16.93
CA CYS B 55 6.01 -9.02 -17.95
C CYS B 55 7.05 -10.03 -18.45
N GLU B 56 6.66 -10.91 -19.32
CA GLU B 56 7.63 -11.91 -19.87
C GLU B 56 8.72 -11.17 -20.66
N THR B 57 8.35 -10.12 -21.34
CA THR B 57 9.32 -9.36 -22.17
C THR B 57 10.05 -8.31 -21.34
N HIS B 58 9.37 -7.58 -20.51
CA HIS B 58 10.06 -6.54 -19.72
C HIS B 58 10.99 -7.24 -18.75
N TYR B 59 10.53 -8.28 -18.12
CA TYR B 59 11.41 -9.02 -17.21
C TYR B 59 12.67 -9.34 -17.96
N ASN B 60 12.50 -10.00 -19.07
CA ASN B 60 13.67 -10.37 -19.88
C ASN B 60 14.33 -9.11 -20.40
N GLN B 61 13.56 -8.17 -20.90
CA GLN B 61 14.19 -6.90 -21.38
C GLN B 61 15.03 -6.36 -20.24
N LEU B 62 14.55 -6.57 -19.04
CA LEU B 62 15.29 -6.11 -17.84
C LEU B 62 16.42 -7.08 -17.53
N PHE B 63 16.21 -8.35 -17.78
CA PHE B 63 17.26 -9.36 -17.49
C PHE B 63 17.02 -10.62 -18.30
N GLY B 64 16.15 -11.47 -17.83
CA GLY B 64 15.86 -12.73 -18.56
C GLY B 64 16.85 -13.82 -18.12
N ASP B 65 17.28 -13.76 -16.90
CA ASP B 65 18.24 -14.78 -16.40
C ASP B 65 19.39 -14.94 -17.40
N VAL B 66 20.00 -13.86 -17.80
CA VAL B 66 21.12 -13.94 -18.77
C VAL B 66 21.93 -12.65 -18.74
#